data_5HZG
#
_entry.id   5HZG
#
_cell.length_a   106.397
_cell.length_b   172.979
_cell.length_c   186.845
_cell.angle_alpha   90.00
_cell.angle_beta   90.00
_cell.angle_gamma   90.00
#
_symmetry.space_group_name_H-M   'P 21 21 21'
#
loop_
_entity.id
_entity.type
_entity.pdbx_description
1 polymer 'Strigolactone esterase D14'
2 polymer 'F-box/LRR-repeat MAX2 homolog'
3 polymer 'SKP1-like protein 1A'
4 non-polymer (2Z)-2-methylbut-2-ene-1,4-diol
5 water water
#
loop_
_entity_poly.entity_id
_entity_poly.type
_entity_poly.pdbx_seq_one_letter_code
_entity_poly.pdbx_strand_id
1 'polypeptide(L)'
;MSQHNILEALNVRVVGTGDRILFLAHGFGTDQSAWHLILPYFTQNYRVVLYDLVCAGSVNPDYFDFNRYTTLDPYVDDLL
NIVDSLGIQNCAYVGHSVSAMIGIIASIRRPELFSKLILIGFSPRFLNDEDYHGGFEEGEIEKVFSAMEANYEAWVHGFA
PLAVGADVPAAVREFSRTLFNMRPDISLFVSRTVFNSDLRGVLGLVRVPTCVIQTAKDVSVPASVAEYLRSHLGGDTTVE
TLKTEGHLPQLSAPAQLAQFLRRALPR
;
A,E
2 'polypeptide(L)'
;GAMGSGIQRPTSTSSLVAAAMAEEEEVEEGRSSSSAILDLPEPLLLHILSFLTDVRSRHRAALACGRMRAAERATRSELS
LRGDPRSPGFLFLSHAFRFPALEHLDLSLVSPWGHPLLSSVPPCGGGGGGAPSASSSSGMNVYHPEAISEQNAFIAARLA
GCFPAVTSLAVYCRDPTTLANLTPHWQASLRRVKLVRWHQRPPTLPDGADLEPLLETCAALRELDLSEFYCWTEDVVRAL
TTHPSATAALTHLDLGLAAATDGFKSSELGPIAASCPNLRKLVAPCLFNPRFSDCVGDDALLSLATSCPRLTVLRLSEPF
EAAANIQREEAAITVAGLVAFFAALPALEDFTMDLQHNVLEAAPAMEALARRCPRIKFLTLGSFQGLCKASWLHLDGVAV
CGGLESLYMKNCQDLTDASLAAIGRGCRRLAKFGIHGCDLVTSAGIRRLAFTLRPTLKEVTVLHCRLLHTAECLTALSPI
RDRIESLEINCVWNTTEQPCSVANGTTTECDPEDDELGEVYESAAKKCRYMEFDDLGSWEMLRSLSLWFSAGQLLSPLIS
AGLDSCPVLEEISIKVEGDCRTCPRPAPRTIFGLSDLAGFPVLAKMKLDLSEAVGYALTAPTGQMDLSLWERFYLHGIES
LQTLYELDYWPPQDKDVHHRSLTLPAVGLIQRCVGLRKLFIHGTTHEHFMTFFLSIPNLRDMQLREDYYPAPENDLMFTE
MRAESWLRFEVQLNSRQIDD
;
B,F
3 'polypeptide(L)'
;MDYKDDDDKMSAKKIVLKSSDGESFEVEEAVALESQTIAHMVEDDCVDNGVPLPNVTSKILAKVIEYCKRHVEAAASKAE
AVEGAATSDDDLKAWDADFMKIDQATLFELILAANYLNIKNLLDLTCQTVADMIKGKTPEEIRTTFNIKNDFTPEEEEEV
RRENQWAFE
;
C,G
#
loop_
_chem_comp.id
_chem_comp.type
_chem_comp.name
_chem_comp.formula
6OM non-polymer (2Z)-2-methylbut-2-ene-1,4-diol 'C5 H10 O2'
#
# COMPACT_ATOMS: atom_id res chain seq x y z
N ASN A 5 -13.13 41.44 -11.44
CA ASN A 5 -12.06 42.32 -12.04
C ASN A 5 -10.76 42.29 -11.24
N ILE A 6 -10.71 42.91 -10.06
CA ILE A 6 -9.61 42.60 -9.15
C ILE A 6 -9.62 41.13 -8.83
N LEU A 7 -10.81 40.55 -8.71
CA LEU A 7 -10.96 39.14 -8.46
C LEU A 7 -10.36 38.24 -9.56
N GLU A 8 -10.22 38.79 -10.76
CA GLU A 8 -9.63 38.14 -11.92
C GLU A 8 -8.13 38.41 -11.99
N ALA A 9 -7.78 39.70 -11.98
CA ALA A 9 -6.39 40.16 -12.09
C ALA A 9 -5.52 39.56 -11.01
N LEU A 10 -6.05 39.51 -9.79
CA LEU A 10 -5.35 38.94 -8.65
C LEU A 10 -5.72 37.49 -8.32
N ASN A 11 -6.15 36.73 -9.33
CA ASN A 11 -6.32 35.28 -9.23
C ASN A 11 -6.92 34.84 -7.91
N VAL A 12 -8.00 35.45 -7.46
CA VAL A 12 -8.56 35.04 -6.16
C VAL A 12 -9.22 33.72 -6.46
N ARG A 13 -9.33 32.90 -5.43
CA ARG A 13 -9.75 31.52 -5.56
C ARG A 13 -10.38 31.09 -4.24
N VAL A 14 -11.62 30.59 -4.30
CA VAL A 14 -12.34 30.08 -3.11
C VAL A 14 -12.54 28.58 -3.31
N VAL A 15 -12.20 27.75 -2.32
CA VAL A 15 -12.17 26.30 -2.57
C VAL A 15 -12.99 25.36 -1.69
N GLY A 16 -12.84 25.40 -0.36
CA GLY A 16 -13.42 24.35 0.46
C GLY A 16 -14.94 24.38 0.51
N THR A 17 -15.55 23.47 1.28
CA THR A 17 -16.94 23.66 1.69
C THR A 17 -17.02 23.81 3.21
N GLY A 18 -17.65 24.90 3.62
CA GLY A 18 -17.84 25.23 5.03
C GLY A 18 -18.58 26.56 5.12
N ASP A 19 -18.94 26.95 6.33
CA ASP A 19 -19.49 28.30 6.62
C ASP A 19 -18.38 29.25 7.05
N ARG A 20 -17.49 28.77 7.92
CA ARG A 20 -16.39 29.58 8.41
C ARG A 20 -15.40 29.83 7.25
N ILE A 21 -14.97 31.08 7.10
CA ILE A 21 -14.14 31.45 5.97
C ILE A 21 -12.72 31.69 6.43
N LEU A 22 -11.82 30.99 5.75
CA LEU A 22 -10.41 31.06 6.01
C LEU A 22 -9.77 31.79 4.86
N PHE A 23 -9.02 32.85 5.18
CA PHE A 23 -8.27 33.61 4.18
C PHE A 23 -6.79 33.23 4.31
N LEU A 24 -6.18 32.85 3.19
CA LEU A 24 -4.76 32.49 3.15
C LEU A 24 -3.96 33.48 2.28
N ALA A 25 -3.20 34.33 2.95
CA ALA A 25 -2.41 35.38 2.31
C ALA A 25 -0.91 35.01 2.30
N HIS A 26 -0.37 34.79 1.10
CA HIS A 26 1.06 34.47 0.95
C HIS A 26 1.97 35.66 1.17
N GLY A 27 3.27 35.37 1.23
CA GLY A 27 4.30 36.37 1.51
C GLY A 27 4.66 37.07 0.25
N PHE A 28 5.81 37.73 0.21
CA PHE A 28 6.18 38.47 -1.00
C PHE A 28 6.79 37.54 -2.02
N GLY A 29 8.02 37.09 -1.81
CA GLY A 29 8.72 36.25 -2.80
C GLY A 29 7.89 35.19 -3.55
N THR A 30 6.99 34.55 -2.82
CA THR A 30 6.16 33.46 -3.32
C THR A 30 4.94 33.95 -4.13
N ASP A 31 4.03 33.02 -4.42
CA ASP A 31 2.69 33.30 -4.90
C ASP A 31 1.73 32.39 -4.10
N GLN A 32 0.47 32.23 -4.51
CA GLN A 32 -0.50 31.46 -3.69
C GLN A 32 -0.29 29.95 -3.68
N SER A 33 0.53 29.43 -4.60
CA SER A 33 0.83 28.00 -4.59
C SER A 33 1.77 27.59 -3.47
N ALA A 34 2.33 28.54 -2.71
CA ALA A 34 3.03 28.21 -1.44
C ALA A 34 2.10 27.52 -0.44
N TRP A 35 0.80 27.83 -0.53
CA TRP A 35 -0.24 27.20 0.30
C TRP A 35 -0.74 25.79 -0.12
N HIS A 36 -0.25 25.26 -1.25
CA HIS A 36 -0.84 24.03 -1.86
C HIS A 36 -0.71 22.76 -1.01
N LEU A 37 0.35 22.72 -0.20
CA LEU A 37 0.59 21.62 0.74
C LEU A 37 -0.30 21.68 1.96
N ILE A 38 -0.52 22.90 2.45
CA ILE A 38 -1.32 23.07 3.65
C ILE A 38 -2.80 22.99 3.36
N LEU A 39 -3.22 23.55 2.22
CA LEU A 39 -4.65 23.74 1.90
C LEU A 39 -5.62 22.58 2.30
N PRO A 40 -5.31 21.32 1.94
CA PRO A 40 -6.29 20.27 2.21
C PRO A 40 -6.47 19.89 3.68
N TYR A 41 -5.55 20.28 4.55
CA TYR A 41 -5.76 20.13 6.00
C TYR A 41 -6.99 20.87 6.52
N PHE A 42 -7.33 22.00 5.88
CA PHE A 42 -8.47 22.86 6.28
C PHE A 42 -9.59 22.91 5.25
N THR A 43 -9.38 22.30 4.08
CA THR A 43 -10.27 22.55 2.98
C THR A 43 -11.64 21.87 3.08
N GLN A 44 -11.81 21.03 4.10
CA GLN A 44 -13.03 20.26 4.35
C GLN A 44 -13.89 20.79 5.51
N ASN A 45 -13.37 21.72 6.31
CA ASN A 45 -14.19 22.44 7.28
C ASN A 45 -14.11 23.94 7.14
N TYR A 46 -13.88 24.44 5.93
CA TYR A 46 -13.67 25.85 5.74
C TYR A 46 -13.87 26.25 4.30
N ARG A 47 -14.38 27.46 4.07
CA ARG A 47 -14.33 28.07 2.75
C ARG A 47 -13.02 28.79 2.68
N VAL A 48 -11.99 28.16 2.11
CA VAL A 48 -10.66 28.75 2.08
C VAL A 48 -10.57 29.68 0.88
N VAL A 49 -10.20 30.94 1.13
CA VAL A 49 -10.01 31.98 0.11
C VAL A 49 -8.50 32.25 -0.05
N LEU A 50 -8.04 32.25 -1.30
CA LEU A 50 -6.66 32.53 -1.61
C LEU A 50 -6.62 33.61 -2.68
N TYR A 51 -5.55 34.39 -2.69
CA TYR A 51 -5.25 35.34 -3.78
C TYR A 51 -3.77 35.39 -4.03
N ASP A 52 -3.44 35.61 -5.30
CA ASP A 52 -2.15 36.11 -5.68
C ASP A 52 -2.20 37.59 -5.47
N LEU A 53 -1.06 38.17 -5.12
CA LEU A 53 -1.02 39.55 -4.77
C LEU A 53 -0.16 40.21 -5.80
N VAL A 54 -0.49 41.47 -6.08
CA VAL A 54 -0.08 42.15 -7.31
C VAL A 54 1.42 41.99 -7.65
N CYS A 55 2.29 41.99 -6.62
CA CYS A 55 3.74 41.87 -6.84
C CYS A 55 4.31 40.43 -6.97
N ALA A 56 3.44 39.44 -6.89
CA ALA A 56 3.79 38.04 -7.14
C ALA A 56 4.02 37.75 -8.61
N GLY A 57 4.90 36.77 -8.84
CA GLY A 57 5.33 36.34 -10.16
C GLY A 57 4.24 35.99 -11.13
N SER A 58 3.14 35.43 -10.62
CA SER A 58 2.11 34.78 -11.44
C SER A 58 0.92 35.67 -11.79
N VAL A 59 0.94 36.89 -11.26
CA VAL A 59 0.07 37.98 -11.67
C VAL A 59 0.82 38.62 -12.82
N ASN A 60 0.08 39.11 -13.80
CA ASN A 60 0.66 39.95 -14.84
C ASN A 60 1.53 41.09 -14.27
N PRO A 61 2.71 41.37 -14.87
CA PRO A 61 3.47 42.53 -14.37
C PRO A 61 2.88 43.90 -14.74
N ASP A 62 1.95 43.94 -15.70
CA ASP A 62 1.30 45.19 -16.09
C ASP A 62 0.48 45.78 -14.95
N TYR A 63 -0.23 44.95 -14.18
CA TYR A 63 -0.97 45.48 -13.00
C TYR A 63 -0.08 46.07 -11.91
N PHE A 64 1.25 45.94 -12.03
CA PHE A 64 2.11 46.66 -11.11
C PHE A 64 2.21 48.12 -11.53
N ASP A 65 1.46 48.94 -10.81
CA ASP A 65 1.47 50.39 -10.98
C ASP A 65 2.55 50.93 -10.05
N PHE A 66 3.65 51.37 -10.65
CA PHE A 66 4.85 51.78 -9.90
C PHE A 66 4.69 53.06 -9.10
N ASN A 67 3.77 53.93 -9.51
CA ASN A 67 3.47 55.12 -8.73
C ASN A 67 2.13 54.92 -8.07
N ARG A 68 1.90 53.69 -7.60
CA ARG A 68 0.82 53.38 -6.65
C ARG A 68 1.30 52.50 -5.49
N TYR A 69 1.97 51.38 -5.77
CA TYR A 69 2.44 50.43 -4.74
C TYR A 69 3.75 50.84 -4.03
N THR A 70 3.75 52.09 -3.58
CA THR A 70 4.90 52.79 -3.01
C THR A 70 4.97 52.64 -1.48
N THR A 71 3.83 52.34 -0.87
CA THR A 71 3.72 52.06 0.55
C THR A 71 2.95 50.76 0.72
N LEU A 72 2.75 50.32 1.96
CA LEU A 72 2.00 49.08 2.22
C LEU A 72 0.48 49.26 2.09
N ASP A 73 0.03 50.51 2.20
CA ASP A 73 -1.41 50.85 2.22
C ASP A 73 -2.24 50.38 1.01
N PRO A 74 -1.73 50.54 -0.22
CA PRO A 74 -2.49 50.07 -1.38
C PRO A 74 -2.56 48.54 -1.50
N TYR A 75 -1.58 47.83 -0.94
CA TYR A 75 -1.67 46.36 -0.86
C TYR A 75 -2.89 46.03 0.01
N VAL A 76 -3.10 46.86 1.04
CA VAL A 76 -4.23 46.69 1.94
C VAL A 76 -5.53 47.08 1.26
N ASP A 77 -5.50 48.11 0.40
CA ASP A 77 -6.68 48.47 -0.40
C ASP A 77 -7.13 47.30 -1.24
N ASP A 78 -6.16 46.58 -1.84
CA ASP A 78 -6.47 45.36 -2.60
C ASP A 78 -7.11 44.29 -1.70
N LEU A 79 -6.44 43.93 -0.60
CA LEU A 79 -6.95 42.89 0.31
C LEU A 79 -8.41 43.17 0.68
N LEU A 80 -8.70 44.37 1.17
CA LEU A 80 -10.06 44.71 1.57
C LEU A 80 -10.99 44.77 0.38
N ASN A 81 -10.51 45.25 -0.76
CA ASN A 81 -11.30 45.18 -2.00
C ASN A 81 -11.76 43.76 -2.33
N ILE A 82 -10.83 42.81 -2.27
CA ILE A 82 -11.09 41.38 -2.52
C ILE A 82 -12.23 40.93 -1.60
N VAL A 83 -12.01 41.11 -0.30
CA VAL A 83 -12.90 40.59 0.71
C VAL A 83 -14.30 41.13 0.49
N ASP A 84 -14.39 42.44 0.29
CA ASP A 84 -15.67 43.07 0.02
C ASP A 84 -16.35 42.53 -1.22
N SER A 85 -15.58 42.32 -2.28
CA SER A 85 -16.18 41.86 -3.54
C SER A 85 -16.71 40.41 -3.46
N LEU A 86 -16.01 39.54 -2.75
CA LEU A 86 -16.53 38.19 -2.53
C LEU A 86 -17.74 38.28 -1.60
N GLY A 87 -17.77 39.34 -0.81
CA GLY A 87 -18.92 39.64 0.03
C GLY A 87 -18.81 38.92 1.34
N ILE A 88 -17.61 38.95 1.93
CA ILE A 88 -17.30 38.25 3.16
C ILE A 88 -17.41 39.25 4.34
N GLN A 89 -18.36 39.01 5.25
CA GLN A 89 -18.52 39.84 6.47
C GLN A 89 -17.43 39.54 7.51
N ASN A 90 -17.08 38.26 7.65
CA ASN A 90 -16.07 37.84 8.63
C ASN A 90 -15.25 36.63 8.18
N CYS A 91 -13.94 36.67 8.43
CA CYS A 91 -13.04 35.56 8.10
C CYS A 91 -11.87 35.58 9.04
N ALA A 92 -11.25 34.42 9.28
CA ALA A 92 -10.00 34.38 10.01
C ALA A 92 -8.91 34.58 8.96
N TYR A 93 -7.75 35.05 9.38
CA TYR A 93 -6.74 35.53 8.44
C TYR A 93 -5.34 35.01 8.73
N VAL A 94 -4.89 34.06 7.91
CA VAL A 94 -3.53 33.59 7.99
C VAL A 94 -2.75 34.43 7.01
N GLY A 95 -1.71 35.10 7.53
CA GLY A 95 -0.78 35.92 6.75
C GLY A 95 0.69 35.64 7.08
N HIS A 96 1.49 35.53 6.03
CA HIS A 96 2.94 35.35 6.11
C HIS A 96 3.43 36.22 5.00
N SER A 97 4.53 36.97 5.11
CA SER A 97 5.12 37.58 6.31
C SER A 97 4.93 39.11 6.21
N VAL A 98 5.17 39.68 5.02
CA VAL A 98 4.69 41.01 4.74
C VAL A 98 3.18 40.97 4.77
N SER A 99 2.57 39.84 4.40
CA SER A 99 1.11 39.77 4.40
C SER A 99 0.56 39.65 5.85
N ALA A 100 1.40 39.31 6.83
CA ALA A 100 1.06 39.58 8.22
C ALA A 100 0.98 41.10 8.44
N MET A 101 2.00 41.84 8.02
CA MET A 101 1.95 43.30 8.13
C MET A 101 0.65 43.81 7.50
N ILE A 102 0.39 43.41 6.26
CA ILE A 102 -0.85 43.77 5.57
C ILE A 102 -2.12 43.38 6.36
N GLY A 103 -2.10 42.22 7.02
CA GLY A 103 -3.23 41.80 7.85
C GLY A 103 -3.47 42.68 9.06
N ILE A 104 -2.38 43.02 9.75
CA ILE A 104 -2.46 43.86 10.94
C ILE A 104 -3.12 45.19 10.57
N ILE A 105 -2.55 45.88 9.57
CA ILE A 105 -3.14 47.13 9.07
C ILE A 105 -4.62 46.93 8.80
N ALA A 106 -4.95 45.99 7.92
CA ALA A 106 -6.36 45.73 7.51
C ALA A 106 -7.33 45.49 8.66
N SER A 107 -6.81 44.95 9.76
CA SER A 107 -7.64 44.68 10.94
C SER A 107 -7.78 45.89 11.87
N ILE A 108 -6.81 46.81 11.85
CA ILE A 108 -6.95 48.10 12.53
C ILE A 108 -7.95 48.89 11.73
N ARG A 109 -7.68 48.96 10.45
CA ARG A 109 -8.54 49.60 9.47
C ARG A 109 -9.96 49.06 9.46
N ARG A 110 -10.13 47.77 9.77
CA ARG A 110 -11.46 47.19 9.70
C ARG A 110 -11.64 45.98 10.63
N PRO A 111 -11.83 46.26 11.94
CA PRO A 111 -11.83 45.18 12.95
C PRO A 111 -13.10 44.32 12.97
N GLU A 112 -14.17 44.80 12.33
CA GLU A 112 -15.38 44.00 12.11
C GLU A 112 -15.11 42.69 11.34
N LEU A 113 -14.09 42.70 10.48
CA LEU A 113 -13.96 41.75 9.39
C LEU A 113 -13.06 40.56 9.67
N PHE A 114 -12.54 40.44 10.88
CA PHE A 114 -11.57 39.39 11.21
C PHE A 114 -11.91 38.67 12.52
N SER A 115 -12.09 37.34 12.42
CA SER A 115 -12.28 36.42 13.57
C SER A 115 -11.05 36.34 14.43
N LYS A 116 -9.92 36.19 13.74
CA LYS A 116 -8.62 36.10 14.36
C LYS A 116 -7.59 36.38 13.28
N LEU A 117 -6.50 37.02 13.67
CA LEU A 117 -5.34 37.15 12.83
C LEU A 117 -4.35 36.07 13.22
N ILE A 118 -3.91 35.28 12.25
CA ILE A 118 -2.87 34.26 12.44
C ILE A 118 -1.67 34.68 11.59
N LEU A 119 -0.58 35.09 12.23
CA LEU A 119 0.52 35.78 11.55
C LEU A 119 1.78 34.94 11.56
N ILE A 120 2.15 34.36 10.42
CA ILE A 120 3.30 33.46 10.31
C ILE A 120 4.51 34.31 9.96
N GLY A 121 5.63 34.08 10.67
CA GLY A 121 6.91 34.76 10.41
C GLY A 121 6.82 36.28 10.40
N PHE A 122 6.10 36.82 11.37
CA PHE A 122 5.84 38.25 11.47
C PHE A 122 6.93 38.96 12.27
N SER A 123 7.37 40.11 11.75
CA SER A 123 8.05 41.15 12.52
C SER A 123 7.53 42.50 12.04
N PRO A 124 7.40 43.49 12.95
CA PRO A 124 6.84 44.77 12.52
C PRO A 124 7.81 45.66 11.77
N ARG A 125 9.12 45.41 11.92
CA ARG A 125 10.12 46.00 11.03
C ARG A 125 11.29 45.04 10.90
N PHE A 126 11.91 45.02 9.73
CA PHE A 126 13.01 44.07 9.50
C PHE A 126 14.37 44.75 9.60
N LEU A 127 14.41 46.05 9.83
CA LEU A 127 15.68 46.76 9.96
C LEU A 127 16.08 46.86 11.43
N ASN A 128 16.93 45.93 11.84
CA ASN A 128 17.37 45.77 13.22
C ASN A 128 17.95 47.11 13.67
N ASP A 129 17.45 47.64 14.77
CA ASP A 129 17.83 48.96 15.33
C ASP A 129 18.83 48.97 16.47
N GLU A 130 19.57 50.06 16.74
CA GLU A 130 20.45 49.90 17.91
C GLU A 130 19.80 49.25 19.14
N ASP A 131 18.49 49.45 19.32
CA ASP A 131 17.68 48.66 20.27
C ASP A 131 16.30 48.37 19.66
N TYR A 132 16.00 47.13 19.25
CA TYR A 132 16.80 45.92 19.47
C TYR A 132 16.58 44.90 18.34
N HIS A 133 17.04 43.65 18.53
CA HIS A 133 16.99 42.62 17.47
C HIS A 133 15.58 42.17 17.05
N GLY A 134 14.96 42.95 16.17
CA GLY A 134 13.68 42.60 15.54
C GLY A 134 13.84 42.18 14.07
N GLY A 135 15.05 42.27 13.54
CA GLY A 135 15.28 41.97 12.12
C GLY A 135 16.77 41.84 11.84
N PHE A 136 17.20 42.35 10.67
CA PHE A 136 18.58 42.16 10.19
C PHE A 136 19.37 43.45 10.26
N GLU A 137 20.68 43.32 10.46
CA GLU A 137 21.54 44.47 10.59
C GLU A 137 21.56 45.22 9.25
N GLU A 138 21.58 46.55 9.29
CA GLU A 138 21.43 47.35 8.05
C GLU A 138 22.58 47.15 7.09
N GLY A 139 23.74 46.79 7.62
CA GLY A 139 24.89 46.37 6.81
C GLY A 139 24.52 45.25 5.86
N GLU A 140 23.91 44.21 6.42
CA GLU A 140 23.38 43.08 5.63
C GLU A 140 22.26 43.52 4.64
N ILE A 141 21.19 44.12 5.17
CA ILE A 141 20.08 44.63 4.34
C ILE A 141 20.58 45.44 3.15
N GLU A 142 21.61 46.26 3.41
CA GLU A 142 22.30 47.03 2.37
C GLU A 142 22.84 46.09 1.29
N LYS A 143 23.52 45.03 1.71
CA LYS A 143 24.09 44.06 0.78
C LYS A 143 23.02 43.37 -0.08
N VAL A 144 21.82 43.18 0.47
CA VAL A 144 20.71 42.58 -0.28
C VAL A 144 20.22 43.53 -1.39
N PHE A 145 20.10 44.82 -1.08
CA PHE A 145 19.77 45.84 -2.09
C PHE A 145 20.84 45.95 -3.14
N SER A 146 22.09 46.08 -2.65
CA SER A 146 23.29 46.04 -3.49
C SER A 146 23.29 44.91 -4.56
N ALA A 147 22.66 43.78 -4.22
CA ALA A 147 22.46 42.65 -5.12
C ALA A 147 21.26 42.82 -6.06
N MET A 148 20.16 43.40 -5.58
CA MET A 148 18.97 43.58 -6.43
C MET A 148 19.10 44.70 -7.45
N GLU A 149 19.93 45.70 -7.16
CA GLU A 149 20.17 46.80 -8.10
C GLU A 149 21.05 46.33 -9.27
N ALA A 150 21.96 45.40 -8.98
CA ALA A 150 22.72 44.73 -10.03
C ALA A 150 21.76 44.06 -10.96
N ASN A 151 20.80 43.34 -10.37
CA ASN A 151 19.79 42.63 -11.14
C ASN A 151 18.87 43.56 -11.91
N TYR A 152 18.46 44.66 -11.32
CA TYR A 152 17.64 45.63 -12.03
C TYR A 152 18.40 46.21 -13.24
N GLU A 153 19.63 46.68 -12.99
CA GLU A 153 20.49 47.29 -14.02
C GLU A 153 21.16 46.25 -14.90
N ALA A 154 20.92 44.96 -14.66
CA ALA A 154 21.12 43.94 -15.69
C ALA A 154 19.85 43.79 -16.52
N TRP A 155 18.68 43.85 -15.87
CA TRP A 155 17.41 43.53 -16.51
C TRP A 155 17.00 44.44 -17.70
N VAL A 156 17.20 45.75 -17.55
CA VAL A 156 17.66 46.59 -18.69
C VAL A 156 19.08 46.70 -18.21
N HIS A 157 20.08 46.48 -19.07
CA HIS A 157 20.03 46.61 -20.51
C HIS A 157 20.22 45.22 -21.11
N GLY A 158 19.23 44.36 -20.88
CA GLY A 158 19.14 43.07 -21.54
C GLY A 158 20.10 42.01 -21.08
N PHE A 159 20.89 42.27 -20.03
CA PHE A 159 21.86 41.25 -19.57
C PHE A 159 21.23 40.33 -18.51
N ALA A 160 21.78 39.14 -18.34
CA ALA A 160 21.25 38.18 -17.38
C ALA A 160 21.58 38.61 -15.97
N PRO A 161 20.57 38.84 -15.12
CA PRO A 161 20.83 39.13 -13.70
C PRO A 161 21.17 37.86 -12.91
N LEU A 162 22.33 37.81 -12.29
CA LEU A 162 22.72 36.58 -11.65
C LEU A 162 23.03 36.66 -10.19
N ALA A 163 22.25 37.45 -9.50
CA ALA A 163 22.40 37.57 -8.10
C ALA A 163 21.40 36.95 -7.13
N VAL A 164 21.78 35.80 -6.55
CA VAL A 164 20.98 34.97 -5.60
C VAL A 164 21.41 34.83 -4.11
N GLY A 165 22.28 33.88 -3.75
CA GLY A 165 22.96 33.70 -2.40
C GLY A 165 24.33 34.09 -2.85
N ALA A 166 24.48 34.99 -3.83
CA ALA A 166 25.72 35.79 -3.97
C ALA A 166 25.28 36.97 -3.14
N ASP A 167 25.63 36.82 -1.87
CA ASP A 167 25.00 37.58 -0.79
C ASP A 167 25.83 37.38 0.49
N VAL A 168 25.28 37.77 1.66
CA VAL A 168 25.70 37.16 2.92
C VAL A 168 24.50 36.84 3.72
N PRO A 169 24.52 35.68 4.40
CA PRO A 169 23.25 35.11 4.91
C PRO A 169 23.37 35.02 6.39
N ALA A 170 23.04 36.06 7.14
CA ALA A 170 23.32 36.14 8.59
C ALA A 170 22.06 35.29 8.83
N ALA A 171 20.90 35.94 8.63
CA ALA A 171 19.56 35.42 9.00
C ALA A 171 18.92 35.92 7.70
N VAL A 172 19.72 36.49 6.80
CA VAL A 172 19.29 37.27 5.64
C VAL A 172 19.07 36.52 4.34
N ARG A 173 19.85 35.49 4.05
CA ARG A 173 19.74 34.85 2.75
C ARG A 173 18.42 34.12 2.68
N GLU A 174 18.14 33.30 3.70
CA GLU A 174 16.93 32.52 3.71
C GLU A 174 15.69 33.42 3.56
N PHE A 175 15.70 34.56 4.26
CA PHE A 175 14.68 35.60 4.11
C PHE A 175 14.64 36.13 2.67
N SER A 176 15.77 36.67 2.23
CA SER A 176 15.87 37.31 0.91
C SER A 176 15.90 36.36 -0.26
N ARG A 177 16.02 35.07 0.00
CA ARG A 177 16.14 34.07 -1.07
C ARG A 177 14.96 34.20 -2.04
N THR A 178 13.78 34.12 -1.46
CA THR A 178 12.55 34.13 -2.21
C THR A 178 12.29 35.46 -2.95
N LEU A 179 12.83 36.59 -2.45
CA LEU A 179 12.62 37.95 -3.03
C LEU A 179 12.99 38.08 -4.51
N PHE A 180 14.08 37.39 -4.86
CA PHE A 180 14.58 37.33 -6.22
C PHE A 180 13.62 36.69 -7.22
N ASN A 181 12.62 35.96 -6.73
CA ASN A 181 11.68 35.21 -7.57
C ASN A 181 10.64 36.04 -8.30
N MET A 182 10.90 37.34 -8.52
CA MET A 182 10.04 38.18 -9.37
C MET A 182 10.89 38.92 -10.38
N ARG A 183 10.21 39.46 -11.39
CA ARG A 183 10.72 40.45 -12.34
C ARG A 183 11.57 41.51 -11.63
N PRO A 184 12.85 41.66 -12.03
CA PRO A 184 13.84 42.37 -11.19
C PRO A 184 13.51 43.82 -10.77
N ASP A 185 12.92 44.60 -11.68
CA ASP A 185 12.40 45.92 -11.31
C ASP A 185 11.41 45.83 -10.14
N ILE A 186 10.43 44.94 -10.25
CA ILE A 186 9.38 44.80 -9.25
C ILE A 186 9.98 44.21 -7.99
N SER A 187 10.92 43.27 -8.11
CA SER A 187 11.66 42.78 -6.95
C SER A 187 12.22 43.96 -6.16
N LEU A 188 12.95 44.83 -6.84
CA LEU A 188 13.64 45.94 -6.18
C LEU A 188 12.67 46.90 -5.54
N PHE A 189 11.58 47.16 -6.24
CA PHE A 189 10.57 48.08 -5.77
C PHE A 189 9.94 47.58 -4.46
N VAL A 190 9.47 46.33 -4.47
CA VAL A 190 8.79 45.77 -3.31
C VAL A 190 9.78 45.30 -2.26
N SER A 191 11.04 45.07 -2.62
CA SER A 191 12.08 44.83 -1.61
C SER A 191 12.34 46.07 -0.73
N ARG A 192 12.34 47.27 -1.32
CA ARG A 192 12.49 48.49 -0.51
C ARG A 192 11.26 48.79 0.33
N THR A 193 10.05 48.60 -0.20
CA THR A 193 8.85 48.85 0.62
C THR A 193 8.75 47.85 1.79
N VAL A 194 9.50 46.75 1.74
CA VAL A 194 9.60 45.79 2.85
C VAL A 194 10.43 46.37 4.00
N PHE A 195 11.62 46.83 3.67
CA PHE A 195 12.59 47.24 4.70
C PHE A 195 12.35 48.66 5.27
N ASN A 196 11.82 49.57 4.44
CA ASN A 196 11.44 50.91 4.94
C ASN A 196 10.13 50.89 5.74
N SER A 197 9.30 49.87 5.53
CA SER A 197 8.03 49.72 6.26
C SER A 197 8.27 49.29 7.71
N ASP A 198 7.83 50.13 8.63
CA ASP A 198 7.86 49.87 10.06
C ASP A 198 6.43 50.10 10.55
N LEU A 199 5.88 49.12 11.28
CA LEU A 199 4.62 49.31 11.97
C LEU A 199 4.63 48.66 13.35
N ARG A 200 5.52 49.18 14.21
CA ARG A 200 5.62 48.76 15.62
C ARG A 200 4.96 49.70 16.62
N GLY A 201 4.75 50.94 16.19
CA GLY A 201 3.82 51.83 16.85
C GLY A 201 2.45 51.77 16.19
N VAL A 202 2.03 50.58 15.79
CA VAL A 202 0.64 50.34 15.47
C VAL A 202 0.09 49.05 16.13
N LEU A 203 0.95 48.31 16.84
CA LEU A 203 0.61 46.96 17.31
C LEU A 203 -0.43 47.01 18.43
N GLY A 204 -0.19 47.86 19.42
CA GLY A 204 -1.14 48.09 20.52
C GLY A 204 -2.44 48.78 20.13
N LEU A 205 -2.56 49.17 18.86
CA LEU A 205 -3.82 49.63 18.28
C LEU A 205 -4.65 48.48 17.70
N VAL A 206 -4.13 47.24 17.74
CA VAL A 206 -4.80 46.03 17.23
C VAL A 206 -5.75 45.45 18.28
N ARG A 207 -7.02 45.40 17.92
CA ARG A 207 -8.06 44.97 18.84
C ARG A 207 -8.33 43.47 18.70
N VAL A 208 -8.71 43.03 17.50
CA VAL A 208 -8.90 41.60 17.14
C VAL A 208 -7.77 40.74 17.70
N PRO A 209 -8.09 39.52 18.21
CA PRO A 209 -7.04 38.63 18.77
C PRO A 209 -6.07 38.07 17.76
N THR A 210 -4.82 37.90 18.15
CA THR A 210 -3.76 37.43 17.24
C THR A 210 -2.90 36.28 17.84
N CYS A 211 -2.63 35.25 17.03
CA CYS A 211 -1.58 34.25 17.30
C CYS A 211 -0.44 34.41 16.33
N VAL A 212 0.75 34.64 16.88
CA VAL A 212 1.94 34.63 16.05
C VAL A 212 2.49 33.21 16.03
N ILE A 213 2.89 32.79 14.84
CA ILE A 213 3.62 31.53 14.64
C ILE A 213 4.96 31.96 14.07
N GLN A 214 6.04 31.50 14.70
CA GLN A 214 7.37 32.03 14.40
C GLN A 214 8.34 30.89 14.08
N THR A 215 9.32 31.16 13.20
CA THR A 215 10.20 30.12 12.66
C THR A 215 11.41 30.03 13.58
N ALA A 216 11.98 28.83 13.67
CA ALA A 216 12.86 28.45 14.78
C ALA A 216 14.28 29.07 14.79
N LYS A 217 15.06 28.67 15.79
CA LYS A 217 16.47 29.07 15.94
C LYS A 217 17.39 28.32 14.95
N ALA A 223 12.51 37.35 25.15
CA ALA A 223 13.44 38.44 24.88
C ALA A 223 13.51 38.78 23.38
N SER A 224 13.87 37.77 22.57
CA SER A 224 14.25 37.92 21.14
C SER A 224 13.26 38.71 20.26
N VAL A 225 12.05 38.19 20.11
CA VAL A 225 10.94 38.89 19.40
C VAL A 225 9.64 38.69 20.17
N ALA A 226 9.27 37.42 20.38
CA ALA A 226 8.08 37.03 21.13
C ALA A 226 7.76 37.97 22.28
N GLU A 227 8.65 38.05 23.26
CA GLU A 227 8.36 38.80 24.49
C GLU A 227 8.11 40.28 24.21
N TYR A 228 8.73 40.81 23.15
CA TYR A 228 8.39 42.16 22.69
C TYR A 228 6.90 42.26 22.30
N LEU A 229 6.53 41.57 21.22
CA LEU A 229 5.18 41.72 20.64
C LEU A 229 4.07 41.06 21.45
N ARG A 230 4.43 40.08 22.28
CA ARG A 230 3.48 39.54 23.27
C ARG A 230 2.88 40.69 24.12
N SER A 231 3.75 41.50 24.73
CA SER A 231 3.30 42.60 25.60
C SER A 231 2.63 43.79 24.89
N HIS A 232 2.91 43.95 23.60
CA HIS A 232 2.74 45.22 22.87
C HIS A 232 1.56 45.27 21.85
N LEU A 233 0.74 44.20 21.78
CA LEU A 233 -0.21 44.01 20.67
C LEU A 233 -1.70 44.36 20.93
N GLY A 234 -2.09 44.68 22.15
CA GLY A 234 -3.47 45.15 22.41
C GLY A 234 -4.57 44.10 22.36
N GLY A 235 -4.58 43.25 21.34
CA GLY A 235 -5.38 42.01 21.35
C GLY A 235 -4.82 40.94 22.30
N ASP A 236 -5.48 39.78 22.32
CA ASP A 236 -4.99 38.59 23.05
C ASP A 236 -3.90 37.94 22.21
N THR A 237 -2.73 37.69 22.81
CA THR A 237 -1.48 37.48 22.06
C THR A 237 -0.68 36.22 22.45
N THR A 238 -1.12 35.06 21.94
CA THR A 238 -0.37 33.80 22.02
C THR A 238 0.79 33.87 21.05
N VAL A 239 2.00 33.47 21.46
CA VAL A 239 3.13 33.35 20.51
C VAL A 239 3.78 31.96 20.54
N GLU A 240 3.39 31.13 19.57
CA GLU A 240 3.97 29.80 19.34
C GLU A 240 5.19 29.93 18.45
N THR A 241 6.19 29.08 18.67
CA THR A 241 7.36 29.00 17.79
C THR A 241 7.53 27.56 17.31
N LEU A 242 7.86 27.40 16.02
CA LEU A 242 7.99 26.09 15.38
C LEU A 242 9.35 25.48 15.71
N LYS A 243 9.49 24.22 15.34
CA LYS A 243 10.63 23.40 15.75
C LYS A 243 11.78 23.63 14.79
N THR A 244 11.45 23.67 13.51
CA THR A 244 12.44 23.76 12.46
C THR A 244 12.39 25.15 11.84
N GLU A 245 13.58 25.66 11.53
CA GLU A 245 13.75 26.99 10.90
C GLU A 245 13.29 26.99 9.46
N GLY A 246 13.18 28.21 8.91
CA GLY A 246 12.89 28.39 7.49
C GLY A 246 11.97 29.55 7.21
N HIS A 247 12.09 30.13 6.03
CA HIS A 247 11.20 31.22 5.67
C HIS A 247 9.81 30.67 5.38
N LEU A 248 9.73 29.51 4.74
CA LEU A 248 8.44 28.95 4.31
C LEU A 248 8.16 27.65 5.05
N PRO A 249 7.67 27.75 6.30
CA PRO A 249 7.17 26.54 6.95
C PRO A 249 5.97 25.88 6.22
N GLN A 250 5.31 26.60 5.32
CA GLN A 250 4.19 26.02 4.60
C GLN A 250 4.59 25.13 3.43
N LEU A 251 5.86 25.15 3.03
CA LEU A 251 6.38 24.26 1.97
C LEU A 251 7.32 23.20 2.54
N SER A 252 8.45 23.62 3.12
CA SER A 252 9.17 22.79 4.10
C SER A 252 8.15 22.53 5.19
N ALA A 253 8.24 21.40 5.88
CA ALA A 253 7.53 21.27 7.17
C ALA A 253 6.01 21.58 7.28
N PRO A 254 5.20 21.33 6.23
CA PRO A 254 3.81 21.78 6.31
C PRO A 254 2.94 20.99 7.29
N ALA A 255 3.23 19.70 7.47
CA ALA A 255 2.42 18.85 8.34
C ALA A 255 2.39 19.42 9.74
N GLN A 256 3.50 20.05 10.13
CA GLN A 256 3.59 20.79 11.40
C GLN A 256 2.85 22.12 11.41
N LEU A 257 3.17 22.99 10.46
CA LEU A 257 2.50 24.28 10.36
C LEU A 257 0.99 24.10 10.21
N ALA A 258 0.56 22.97 9.65
CA ALA A 258 -0.86 22.61 9.58
C ALA A 258 -1.46 22.49 10.95
N GLN A 259 -0.69 21.99 11.89
CA GLN A 259 -1.16 21.80 13.24
C GLN A 259 -1.24 23.12 13.98
N PHE A 260 -0.13 23.84 14.07
CA PHE A 260 -0.16 25.16 14.72
C PHE A 260 -1.30 26.04 14.20
N LEU A 261 -1.60 25.93 12.90
CA LEU A 261 -2.72 26.66 12.30
C LEU A 261 -4.09 26.23 12.80
N ARG A 262 -4.37 24.92 12.83
CA ARG A 262 -5.66 24.44 13.34
C ARG A 262 -5.81 24.73 14.85
N ARG A 263 -4.69 24.74 15.55
CA ARG A 263 -4.67 25.07 16.97
C ARG A 263 -4.82 26.54 17.27
N ALA A 264 -4.58 27.42 16.30
CA ALA A 264 -4.77 28.85 16.50
C ALA A 264 -5.95 29.35 15.64
N LEU A 265 -7.16 28.96 16.04
CA LEU A 265 -8.40 29.27 15.29
C LEU A 265 -9.56 29.36 16.34
N PRO A 266 -10.81 29.69 15.92
CA PRO A 266 -12.09 29.50 16.66
C PRO A 266 -12.09 28.60 17.91
N LEU B 40 8.92 24.38 -62.06
CA LEU B 40 8.67 24.74 -63.49
C LEU B 40 8.07 23.60 -64.37
N PRO B 41 8.43 22.32 -64.12
CA PRO B 41 7.61 21.20 -64.64
C PRO B 41 6.30 21.08 -63.86
N GLU B 42 5.34 20.27 -64.33
CA GLU B 42 4.05 20.10 -63.61
C GLU B 42 3.19 18.89 -64.08
N PRO B 43 2.37 18.26 -63.21
CA PRO B 43 2.36 18.41 -61.74
C PRO B 43 3.15 17.28 -61.04
N LEU B 44 4.45 17.22 -61.35
CA LEU B 44 5.38 16.22 -60.80
C LEU B 44 6.35 16.82 -59.79
N LEU B 45 6.11 18.08 -59.40
CA LEU B 45 6.78 18.73 -58.26
C LEU B 45 6.45 18.09 -56.91
N LEU B 46 5.27 17.48 -56.83
CA LEU B 46 4.77 16.85 -55.60
C LEU B 46 5.62 15.63 -55.17
N HIS B 47 6.39 15.07 -56.10
CA HIS B 47 7.38 14.03 -55.79
C HIS B 47 8.74 14.60 -55.31
N ILE B 48 9.10 15.80 -55.79
CA ILE B 48 10.28 16.54 -55.29
C ILE B 48 9.97 17.08 -53.89
N LEU B 49 8.79 17.69 -53.77
CA LEU B 49 8.34 18.35 -52.54
C LEU B 49 8.24 17.34 -51.38
N SER B 50 7.81 16.11 -51.69
CA SER B 50 7.58 15.08 -50.68
C SER B 50 8.83 14.50 -50.04
N PHE B 51 10.02 14.81 -50.57
CA PHE B 51 11.28 14.39 -49.92
C PHE B 51 11.94 15.54 -49.17
N LEU B 52 11.14 16.40 -48.54
CA LEU B 52 11.63 17.72 -48.10
C LEU B 52 12.80 17.63 -47.10
N THR B 53 12.65 17.17 -45.85
CA THR B 53 11.41 16.90 -45.10
C THR B 53 11.17 17.90 -43.94
N ASP B 54 12.23 18.64 -43.57
CA ASP B 54 12.21 19.67 -42.50
C ASP B 54 11.03 20.63 -42.58
N VAL B 55 10.30 20.74 -41.46
CA VAL B 55 9.01 21.41 -41.42
C VAL B 55 9.16 22.94 -41.52
N ARG B 56 10.33 23.45 -41.15
CA ARG B 56 10.60 24.90 -41.26
C ARG B 56 10.73 25.30 -42.74
N SER B 57 11.33 24.43 -43.56
CA SER B 57 11.51 24.66 -45.02
C SER B 57 10.19 24.59 -45.82
N ARG B 58 9.42 23.53 -45.61
CA ARG B 58 8.06 23.40 -46.19
C ARG B 58 7.14 24.60 -45.87
N HIS B 59 7.40 25.31 -44.78
CA HIS B 59 6.66 26.55 -44.49
C HIS B 59 7.10 27.73 -45.37
N ARG B 60 8.39 27.79 -45.73
CA ARG B 60 8.92 28.93 -46.50
C ARG B 60 8.42 28.77 -47.96
N ALA B 61 9.06 27.87 -48.72
CA ALA B 61 8.45 27.31 -49.91
C ALA B 61 7.53 26.27 -49.29
N ALA B 62 6.26 26.56 -49.14
CA ALA B 62 5.52 27.47 -49.98
C ALA B 62 4.76 28.60 -49.30
N LEU B 63 4.08 28.29 -48.21
CA LEU B 63 3.00 29.15 -47.68
C LEU B 63 3.46 30.58 -47.23
N ALA B 64 4.78 30.82 -47.18
CA ALA B 64 5.35 32.17 -47.13
C ALA B 64 6.13 32.48 -48.42
N CYS B 65 5.63 32.02 -49.58
CA CYS B 65 6.30 32.18 -50.90
C CYS B 65 5.24 32.18 -52.04
N GLY B 66 5.61 31.79 -53.26
CA GLY B 66 4.71 31.82 -54.44
C GLY B 66 3.74 30.66 -54.64
N ARG B 67 2.66 30.95 -55.37
CA ARG B 67 1.48 30.06 -55.54
C ARG B 67 1.74 28.61 -55.97
N MET B 68 2.58 28.40 -56.98
CA MET B 68 2.80 27.04 -57.54
C MET B 68 3.23 25.97 -56.51
N ARG B 69 3.55 26.38 -55.27
CA ARG B 69 3.67 25.44 -54.14
C ARG B 69 2.67 25.69 -52.97
N ALA B 70 2.21 26.92 -52.73
CA ALA B 70 1.39 27.24 -51.54
C ALA B 70 -0.05 26.70 -51.54
N ALA B 71 -0.42 26.03 -52.63
CA ALA B 71 -1.50 25.05 -52.64
C ALA B 71 -0.93 23.65 -52.86
N GLU B 72 -0.01 23.49 -53.82
CA GLU B 72 0.60 22.18 -54.13
C GLU B 72 1.44 21.52 -53.00
N ARG B 73 1.74 22.27 -51.94
CA ARG B 73 2.38 21.72 -50.75
C ARG B 73 1.33 21.42 -49.67
N ALA B 74 0.49 22.41 -49.37
CA ALA B 74 -0.61 22.24 -48.40
C ALA B 74 -1.66 21.21 -48.83
N THR B 75 -1.57 20.73 -50.07
CA THR B 75 -2.45 19.69 -50.60
C THR B 75 -2.07 18.21 -50.37
N ARG B 76 -1.06 17.71 -51.06
CA ARG B 76 -0.78 16.29 -51.07
C ARG B 76 0.52 16.26 -50.31
N SER B 77 1.44 17.15 -50.67
CA SER B 77 2.80 17.06 -50.17
C SER B 77 2.76 17.96 -48.92
N GLU B 78 2.49 17.32 -47.77
CA GLU B 78 2.58 17.96 -46.44
C GLU B 78 3.48 17.02 -45.63
N LEU B 79 3.97 15.97 -46.30
CA LEU B 79 4.77 14.91 -45.69
C LEU B 79 4.10 14.24 -44.51
N SER B 80 2.78 14.14 -44.57
CA SER B 80 1.99 13.37 -43.63
C SER B 80 2.00 13.75 -42.14
N LEU B 81 2.79 14.74 -41.71
CA LEU B 81 2.97 15.05 -40.29
C LEU B 81 2.54 16.51 -40.01
N ARG B 82 1.76 16.73 -38.93
CA ARG B 82 1.56 18.06 -38.31
C ARG B 82 1.23 18.03 -36.81
N GLY B 83 2.13 18.56 -35.97
CA GLY B 83 1.92 18.66 -34.52
C GLY B 83 1.68 20.15 -34.43
N ASP B 84 0.57 20.54 -33.79
CA ASP B 84 0.00 21.94 -33.90
C ASP B 84 0.22 22.59 -32.53
N PRO B 85 0.16 23.95 -32.47
CA PRO B 85 0.17 24.79 -31.22
C PRO B 85 -0.77 25.37 -30.14
N ARG B 86 -2.05 25.62 -30.48
CA ARG B 86 -2.84 26.62 -29.73
C ARG B 86 -4.02 25.70 -29.41
N SER B 87 -4.86 26.10 -28.45
CA SER B 87 -6.10 25.39 -28.20
C SER B 87 -6.92 25.59 -29.48
N PRO B 88 -7.27 24.49 -30.17
CA PRO B 88 -8.23 24.56 -31.30
C PRO B 88 -9.72 24.57 -30.86
N GLY B 89 -9.95 24.67 -29.55
CA GLY B 89 -11.19 25.18 -28.99
C GLY B 89 -11.13 26.66 -28.70
N PHE B 90 -10.22 27.38 -29.36
CA PHE B 90 -10.32 28.84 -29.50
C PHE B 90 -10.33 29.12 -31.01
N LEU B 91 -9.91 30.30 -31.46
CA LEU B 91 -10.39 30.84 -32.74
C LEU B 91 -9.62 30.27 -33.93
N PHE B 92 -9.99 29.04 -34.23
CA PHE B 92 -9.54 28.23 -35.34
C PHE B 92 -10.50 28.75 -36.43
N LEU B 93 -10.04 29.71 -37.25
CA LEU B 93 -10.89 30.53 -38.17
C LEU B 93 -10.69 30.22 -39.66
N SER B 94 -9.74 29.35 -39.98
CA SER B 94 -9.19 29.13 -41.34
C SER B 94 -10.19 28.61 -42.40
N HIS B 95 -9.71 28.47 -43.65
CA HIS B 95 -10.58 28.04 -44.75
C HIS B 95 -9.98 26.97 -45.67
N ALA B 96 -9.02 27.35 -46.51
CA ALA B 96 -8.35 26.39 -47.42
C ALA B 96 -7.09 25.91 -46.71
N PHE B 97 -7.33 25.25 -45.58
CA PHE B 97 -6.30 24.79 -44.68
C PHE B 97 -6.44 23.27 -44.63
N ARG B 98 -6.51 22.67 -45.82
CA ARG B 98 -6.87 21.26 -45.96
C ARG B 98 -5.65 20.47 -46.43
N PHE B 99 -5.45 19.31 -45.80
CA PHE B 99 -4.29 18.46 -46.03
C PHE B 99 -4.83 17.03 -46.32
N PRO B 100 -5.17 16.73 -47.59
CA PRO B 100 -5.83 15.46 -47.94
C PRO B 100 -4.99 14.18 -47.83
N ALA B 101 -3.66 14.29 -47.98
CA ALA B 101 -2.76 13.14 -47.84
C ALA B 101 -2.09 13.01 -46.44
N LEU B 102 -2.55 13.83 -45.49
CA LEU B 102 -2.00 13.89 -44.12
C LEU B 102 -2.35 12.59 -43.37
N GLU B 103 -1.32 11.85 -42.98
CA GLU B 103 -1.48 10.56 -42.33
C GLU B 103 -1.33 10.68 -40.83
N HIS B 104 -0.20 11.24 -40.37
CA HIS B 104 0.11 11.37 -38.92
C HIS B 104 -0.23 12.75 -38.32
N LEU B 105 -1.13 12.80 -37.36
CA LEU B 105 -1.48 14.04 -36.67
C LEU B 105 -1.07 13.91 -35.21
N ASP B 106 -0.72 15.03 -34.58
CA ASP B 106 -0.17 15.06 -33.21
C ASP B 106 -0.86 16.16 -32.35
N LEU B 107 -1.98 15.78 -31.74
CA LEU B 107 -2.72 16.67 -30.86
C LEU B 107 -2.28 16.57 -29.39
N SER B 108 -1.01 16.21 -29.16
CA SER B 108 -0.49 15.99 -27.81
C SER B 108 0.29 17.19 -27.34
N LEU B 109 0.89 17.91 -28.28
CA LEU B 109 1.58 19.16 -27.96
C LEU B 109 0.64 20.40 -28.06
N VAL B 110 -0.63 20.14 -28.38
CA VAL B 110 -1.71 21.14 -28.33
C VAL B 110 -1.73 21.78 -26.94
N SER B 111 -2.02 23.08 -26.89
CA SER B 111 -1.89 23.85 -25.65
C SER B 111 -3.26 24.32 -25.09
N PRO B 112 -3.36 24.61 -23.78
CA PRO B 112 -2.28 24.41 -22.79
C PRO B 112 -1.91 22.93 -22.58
N TRP B 113 -0.65 22.70 -22.23
CA TRP B 113 0.02 21.45 -22.53
C TRP B 113 -0.59 20.22 -21.85
N GLY B 114 -0.90 20.33 -20.57
CA GLY B 114 -1.45 19.18 -19.84
C GLY B 114 -2.90 18.90 -20.16
N HIS B 115 -3.65 19.96 -20.45
CA HIS B 115 -5.11 20.00 -20.31
C HIS B 115 -5.85 18.95 -21.12
N PRO B 116 -6.99 18.44 -20.58
CA PRO B 116 -7.83 17.48 -21.28
C PRO B 116 -8.50 18.12 -22.48
N LEU B 117 -8.43 17.45 -23.62
CA LEU B 117 -8.89 18.05 -24.87
C LEU B 117 -10.26 17.50 -25.13
N LEU B 118 -11.23 18.42 -25.24
CA LEU B 118 -12.63 18.11 -25.59
C LEU B 118 -13.15 16.78 -25.02
N SER B 119 -13.14 16.72 -23.70
CA SER B 119 -13.74 15.64 -22.95
C SER B 119 -15.00 16.18 -22.30
N SER B 120 -15.79 15.28 -21.70
CA SER B 120 -16.65 15.66 -20.56
C SER B 120 -15.74 15.80 -19.29
N VAL B 121 -16.10 16.69 -18.35
CA VAL B 121 -15.33 16.89 -17.08
C VAL B 121 -14.92 15.58 -16.39
N ILE B 148 -20.55 21.13 -22.66
CA ILE B 148 -21.47 20.47 -23.60
C ILE B 148 -20.76 19.93 -24.83
N SER B 149 -21.31 18.84 -25.37
CA SER B 149 -20.66 18.04 -26.41
C SER B 149 -20.65 18.66 -27.81
N GLU B 150 -21.50 19.68 -28.05
CA GLU B 150 -21.48 20.38 -29.33
C GLU B 150 -20.23 21.26 -29.46
N GLN B 151 -19.75 21.81 -28.34
CA GLN B 151 -18.48 22.54 -28.30
C GLN B 151 -17.32 21.59 -28.68
N ASN B 152 -17.34 20.38 -28.12
CA ASN B 152 -16.39 19.35 -28.53
C ASN B 152 -16.56 18.99 -30.00
N ALA B 153 -17.73 18.43 -30.32
CA ALA B 153 -18.01 17.94 -31.67
C ALA B 153 -17.86 19.00 -32.76
N PHE B 154 -18.07 20.28 -32.42
CA PHE B 154 -17.81 21.36 -33.36
C PHE B 154 -16.31 21.41 -33.70
N ILE B 155 -15.47 21.25 -32.68
CA ILE B 155 -14.00 21.21 -32.85
C ILE B 155 -13.53 19.93 -33.57
N ALA B 156 -14.05 18.77 -33.16
CA ALA B 156 -13.72 17.46 -33.76
C ALA B 156 -14.01 17.40 -35.26
N ALA B 157 -15.14 18.00 -35.64
CA ALA B 157 -15.55 18.14 -37.05
C ALA B 157 -14.51 18.87 -37.88
N ARG B 158 -14.11 20.05 -37.42
CA ARG B 158 -13.15 20.88 -38.17
C ARG B 158 -11.72 20.32 -38.14
N LEU B 159 -11.38 19.56 -37.09
CA LEU B 159 -10.11 18.84 -37.08
C LEU B 159 -10.16 17.74 -38.13
N ALA B 160 -11.34 17.13 -38.30
CA ALA B 160 -11.56 16.17 -39.41
C ALA B 160 -11.56 16.87 -40.80
N GLY B 161 -12.13 18.07 -40.84
CA GLY B 161 -12.13 18.90 -42.05
C GLY B 161 -10.75 19.33 -42.49
N CYS B 162 -9.90 19.74 -41.54
CA CYS B 162 -8.53 20.18 -41.85
C CYS B 162 -7.66 18.99 -42.26
N PHE B 163 -7.75 17.92 -41.48
CA PHE B 163 -7.03 16.65 -41.74
C PHE B 163 -8.05 15.52 -41.78
N PRO B 164 -8.41 15.04 -42.98
CA PRO B 164 -9.06 13.75 -43.15
C PRO B 164 -8.00 12.74 -43.55
N ALA B 165 -8.40 11.47 -43.66
CA ALA B 165 -7.49 10.40 -44.05
C ALA B 165 -6.30 10.26 -43.09
N VAL B 166 -6.52 10.58 -41.81
CA VAL B 166 -5.51 10.37 -40.78
C VAL B 166 -5.50 8.87 -40.55
N THR B 167 -4.31 8.28 -40.62
CA THR B 167 -4.13 6.88 -40.26
C THR B 167 -3.59 6.84 -38.84
N SER B 168 -2.64 7.73 -38.52
CA SER B 168 -1.93 7.70 -37.25
C SER B 168 -2.19 8.92 -36.37
N LEU B 169 -2.63 8.68 -35.13
CA LEU B 169 -2.99 9.75 -34.20
C LEU B 169 -2.16 9.65 -32.93
N ALA B 170 -1.88 10.82 -32.36
CA ALA B 170 -1.29 10.92 -31.04
C ALA B 170 -2.00 12.04 -30.30
N VAL B 171 -2.39 11.76 -29.06
CA VAL B 171 -3.16 12.68 -28.22
C VAL B 171 -2.81 12.59 -26.76
N TYR B 172 -3.28 13.59 -26.03
CA TYR B 172 -3.12 13.66 -24.59
C TYR B 172 -4.44 13.31 -23.86
N CYS B 173 -4.56 12.01 -23.61
CA CYS B 173 -5.79 11.42 -23.18
C CYS B 173 -5.87 11.44 -21.66
N ARG B 174 -6.42 12.53 -21.11
CA ARG B 174 -6.56 12.66 -19.65
C ARG B 174 -7.59 11.73 -19.08
N ASP B 175 -8.70 11.59 -19.81
CA ASP B 175 -9.77 10.64 -19.51
C ASP B 175 -10.28 10.10 -20.84
N PRO B 176 -10.92 8.92 -20.85
CA PRO B 176 -11.30 8.25 -22.12
C PRO B 176 -12.18 9.06 -23.07
N THR B 177 -12.94 10.02 -22.56
CA THR B 177 -13.87 10.75 -23.41
C THR B 177 -13.15 11.63 -24.45
N THR B 178 -12.00 12.19 -24.13
CA THR B 178 -11.14 12.82 -25.18
C THR B 178 -11.07 11.88 -26.44
N LEU B 179 -10.96 10.57 -26.20
CA LEU B 179 -10.94 9.55 -27.27
C LEU B 179 -12.29 9.24 -27.95
N ALA B 180 -13.35 9.06 -27.17
CA ALA B 180 -14.70 8.89 -27.72
C ALA B 180 -15.19 10.09 -28.54
N ASN B 181 -14.66 11.28 -28.25
CA ASN B 181 -14.98 12.50 -29.00
C ASN B 181 -14.02 12.86 -30.14
N LEU B 182 -12.88 12.16 -30.28
CA LEU B 182 -11.96 12.43 -31.41
C LEU B 182 -12.00 11.40 -32.53
N THR B 183 -12.08 10.14 -32.14
CA THR B 183 -11.95 9.03 -33.07
C THR B 183 -13.03 8.90 -34.13
N PRO B 184 -14.31 9.04 -33.75
CA PRO B 184 -15.33 8.49 -34.64
C PRO B 184 -15.39 9.10 -36.03
N HIS B 185 -14.74 10.25 -36.24
CA HIS B 185 -14.52 10.77 -37.59
C HIS B 185 -13.56 9.90 -38.37
N TRP B 186 -12.38 9.68 -37.79
CA TRP B 186 -11.35 8.84 -38.41
C TRP B 186 -11.54 7.32 -38.14
N GLN B 187 -12.63 6.96 -37.46
CA GLN B 187 -12.94 5.57 -37.09
C GLN B 187 -12.49 4.50 -38.09
N ALA B 188 -12.72 4.77 -39.38
CA ALA B 188 -12.42 3.80 -40.44
C ALA B 188 -10.96 3.78 -40.90
N SER B 189 -10.32 4.95 -40.90
CA SER B 189 -8.93 5.09 -41.39
C SER B 189 -7.84 4.77 -40.34
N LEU B 190 -8.22 4.76 -39.06
CA LEU B 190 -7.27 4.88 -37.95
C LEU B 190 -6.54 3.58 -37.67
N ARG B 191 -5.22 3.56 -37.95
CA ARG B 191 -4.35 2.39 -37.74
C ARG B 191 -3.56 2.43 -36.44
N ARG B 192 -2.63 3.39 -36.29
CA ARG B 192 -1.87 3.57 -35.05
C ARG B 192 -2.51 4.65 -34.17
N VAL B 193 -2.47 4.43 -32.85
CA VAL B 193 -2.83 5.45 -31.87
C VAL B 193 -1.71 5.57 -30.82
N LYS B 194 -1.44 6.79 -30.38
CA LYS B 194 -0.55 7.01 -29.24
C LYS B 194 -1.29 7.84 -28.23
N LEU B 195 -1.22 7.38 -26.99
CA LEU B 195 -1.77 8.09 -25.86
C LEU B 195 -0.61 8.63 -25.04
N VAL B 196 -0.82 9.83 -24.51
CA VAL B 196 0.14 10.52 -23.66
C VAL B 196 -0.54 11.05 -22.42
N ARG B 197 -0.03 10.67 -21.26
CA ARG B 197 -0.60 11.12 -19.98
C ARG B 197 0.45 11.00 -18.88
N TRP B 198 0.96 12.12 -18.43
CA TRP B 198 1.86 12.12 -17.32
C TRP B 198 1.13 12.36 -16.05
N HIS B 199 -0.15 12.74 -16.12
CA HIS B 199 -0.90 13.12 -14.94
C HIS B 199 -1.48 11.90 -14.31
N GLN B 200 -1.95 12.07 -13.08
CA GLN B 200 -2.74 11.06 -12.41
C GLN B 200 -3.93 10.63 -13.29
N ARG B 201 -4.10 9.32 -13.39
CA ARG B 201 -5.33 8.68 -13.85
C ARG B 201 -6.56 9.21 -13.14
N PRO B 202 -7.69 9.30 -13.85
CA PRO B 202 -8.90 9.54 -13.06
C PRO B 202 -9.11 8.33 -12.14
N PRO B 203 -9.10 8.53 -10.80
CA PRO B 203 -9.00 7.40 -9.84
C PRO B 203 -10.25 6.52 -9.72
N THR B 204 -11.30 6.87 -10.44
CA THR B 204 -12.57 6.18 -10.35
C THR B 204 -13.09 5.54 -11.61
N LEU B 205 -12.27 5.44 -12.61
CA LEU B 205 -12.70 4.89 -13.90
C LEU B 205 -12.80 3.36 -13.61
N PRO B 206 -13.52 2.60 -14.47
CA PRO B 206 -14.09 1.25 -14.39
C PRO B 206 -13.37 -0.02 -13.87
N ASP B 207 -12.34 -0.55 -14.51
CA ASP B 207 -11.17 0.17 -14.89
C ASP B 207 -10.57 -0.22 -16.25
N GLY B 208 -11.29 -0.91 -17.12
CA GLY B 208 -10.81 -1.02 -18.51
C GLY B 208 -10.91 0.29 -19.30
N ALA B 209 -11.25 1.39 -18.61
CA ALA B 209 -11.96 2.53 -19.18
C ALA B 209 -11.23 3.29 -20.25
N ASP B 210 -9.95 3.56 -20.00
CA ASP B 210 -9.12 4.45 -20.83
C ASP B 210 -9.01 3.98 -22.25
N LEU B 211 -8.82 2.68 -22.39
CA LEU B 211 -8.64 2.04 -23.68
C LEU B 211 -9.95 1.70 -24.39
N GLU B 212 -11.05 1.55 -23.64
CA GLU B 212 -12.34 1.13 -24.24
C GLU B 212 -12.72 1.85 -25.53
N PRO B 213 -12.87 3.20 -25.50
CA PRO B 213 -13.36 3.91 -26.72
C PRO B 213 -12.62 3.56 -28.03
N LEU B 214 -11.33 3.25 -27.94
CA LEU B 214 -10.55 2.81 -29.09
C LEU B 214 -10.96 1.42 -29.55
N LEU B 215 -10.95 0.45 -28.64
CA LEU B 215 -11.17 -0.96 -29.02
C LEU B 215 -12.58 -1.29 -29.51
N GLU B 216 -13.55 -0.45 -29.12
CA GLU B 216 -14.93 -0.63 -29.56
C GLU B 216 -15.20 0.06 -30.89
N THR B 217 -14.97 1.37 -30.97
CA THR B 217 -15.22 2.13 -32.21
C THR B 217 -14.19 1.88 -33.32
N CYS B 218 -12.91 2.08 -33.02
CA CYS B 218 -11.85 2.11 -34.06
C CYS B 218 -11.37 0.73 -34.57
N ALA B 219 -12.12 0.17 -35.52
CA ALA B 219 -11.97 -1.22 -35.94
C ALA B 219 -10.81 -1.50 -36.92
N ALA B 220 -9.96 -0.51 -37.19
CA ALA B 220 -8.74 -0.73 -37.96
C ALA B 220 -7.49 -0.55 -37.10
N LEU B 221 -7.66 -0.66 -35.78
CA LEU B 221 -6.61 -0.31 -34.83
C LEU B 221 -5.60 -1.45 -34.79
N ARG B 222 -4.46 -1.25 -35.43
CA ARG B 222 -3.38 -2.25 -35.48
C ARG B 222 -2.27 -2.01 -34.45
N GLU B 223 -1.90 -0.73 -34.26
CA GLU B 223 -0.79 -0.32 -33.39
C GLU B 223 -1.26 0.48 -32.16
N LEU B 224 -0.53 0.41 -31.05
CA LEU B 224 -0.93 1.12 -29.82
C LEU B 224 0.30 1.46 -28.94
N ASP B 225 0.54 2.76 -28.72
CA ASP B 225 1.79 3.25 -28.09
C ASP B 225 1.55 3.82 -26.70
N LEU B 226 1.44 2.94 -25.71
CA LEU B 226 1.26 3.41 -24.34
C LEU B 226 2.59 3.81 -23.62
N SER B 227 3.71 3.90 -24.37
CA SER B 227 5.01 4.29 -23.81
C SER B 227 4.95 5.45 -22.84
N GLU B 228 4.11 6.45 -23.09
CA GLU B 228 3.99 7.60 -22.18
C GLU B 228 2.55 7.96 -21.78
N PHE B 229 1.75 6.92 -21.56
CA PHE B 229 0.37 6.99 -21.08
C PHE B 229 0.32 6.29 -19.75
N TYR B 230 0.21 7.06 -18.67
CA TYR B 230 0.17 6.47 -17.35
C TYR B 230 -1.15 5.70 -17.10
N CYS B 231 -0.99 4.54 -16.47
CA CYS B 231 -2.03 3.55 -16.25
C CYS B 231 -1.79 2.81 -14.97
N TRP B 232 -2.80 2.10 -14.51
CA TRP B 232 -2.52 0.96 -13.65
C TRP B 232 -2.27 -0.23 -14.59
N THR B 233 -1.48 -1.23 -14.18
CA THR B 233 -1.27 -2.45 -15.00
C THR B 233 -2.54 -3.21 -15.28
N GLU B 234 -3.55 -3.00 -14.44
CA GLU B 234 -4.80 -3.74 -14.55
C GLU B 234 -5.71 -3.19 -15.64
N ASP B 235 -5.57 -1.93 -16.05
CA ASP B 235 -6.34 -1.37 -17.17
C ASP B 235 -5.96 -2.03 -18.46
N VAL B 236 -4.68 -2.31 -18.59
CA VAL B 236 -4.11 -2.89 -19.80
C VAL B 236 -4.57 -4.32 -19.91
N VAL B 237 -4.53 -5.03 -18.78
CA VAL B 237 -4.97 -6.42 -18.71
C VAL B 237 -6.44 -6.51 -19.12
N ARG B 238 -7.30 -5.73 -18.47
CA ARG B 238 -8.73 -5.80 -18.75
C ARG B 238 -9.02 -5.42 -20.18
N ALA B 239 -8.67 -4.22 -20.59
CA ALA B 239 -9.02 -3.77 -21.94
C ALA B 239 -8.53 -4.70 -23.04
N LEU B 240 -7.33 -5.26 -22.90
CA LEU B 240 -6.79 -6.10 -23.97
C LEU B 240 -7.30 -7.56 -23.97
N THR B 241 -7.73 -8.05 -22.82
CA THR B 241 -8.20 -9.43 -22.74
C THR B 241 -9.69 -9.60 -23.03
N THR B 242 -10.43 -8.50 -23.15
CA THR B 242 -11.90 -8.56 -23.25
C THR B 242 -12.48 -7.86 -24.51
N HIS B 243 -11.71 -7.83 -25.60
CA HIS B 243 -12.21 -7.29 -26.88
C HIS B 243 -11.65 -8.19 -28.01
N PRO B 244 -11.81 -9.53 -27.88
CA PRO B 244 -11.03 -10.52 -28.65
C PRO B 244 -10.88 -10.25 -30.13
N SER B 245 -11.95 -9.82 -30.78
CA SER B 245 -11.91 -9.50 -32.20
C SER B 245 -10.87 -8.41 -32.47
N ALA B 246 -10.97 -7.31 -31.71
CA ALA B 246 -10.04 -6.17 -31.85
C ALA B 246 -8.63 -6.50 -31.38
N THR B 247 -8.51 -7.16 -30.23
CA THR B 247 -7.21 -7.41 -29.60
C THR B 247 -6.43 -8.46 -30.40
N ALA B 248 -7.16 -9.46 -30.92
CA ALA B 248 -6.58 -10.42 -31.86
C ALA B 248 -6.43 -9.89 -33.31
N ALA B 249 -6.39 -8.57 -33.48
CA ALA B 249 -5.98 -7.91 -34.73
C ALA B 249 -4.75 -6.98 -34.59
N LEU B 250 -4.15 -6.96 -33.39
CA LEU B 250 -3.02 -6.05 -33.08
C LEU B 250 -1.72 -6.51 -33.71
N THR B 251 -0.81 -5.59 -34.00
CA THR B 251 0.55 -5.95 -34.41
C THR B 251 1.71 -5.23 -33.67
N HIS B 252 1.39 -4.17 -32.93
CA HIS B 252 2.38 -3.31 -32.31
C HIS B 252 1.85 -2.84 -30.96
N LEU B 253 2.64 -3.01 -29.91
CA LEU B 253 2.16 -2.71 -28.56
C LEU B 253 3.30 -2.27 -27.62
N ASP B 254 3.25 -1.02 -27.15
CA ASP B 254 4.19 -0.51 -26.15
C ASP B 254 3.49 -0.27 -24.80
N LEU B 255 3.73 -1.17 -23.85
CA LEU B 255 3.13 -1.07 -22.51
C LEU B 255 4.04 -0.45 -21.44
N GLY B 256 4.99 0.40 -21.83
CA GLY B 256 5.79 1.11 -20.84
C GLY B 256 4.87 2.19 -20.37
N LEU B 257 4.23 2.02 -19.24
CA LEU B 257 3.34 3.05 -18.83
C LEU B 257 3.89 4.19 -18.10
N ALA B 258 4.47 5.16 -18.79
CA ALA B 258 5.11 6.30 -18.17
C ALA B 258 6.28 5.94 -17.30
N ALA B 259 6.80 4.74 -17.45
CA ALA B 259 7.94 4.32 -16.68
C ALA B 259 7.57 4.42 -15.25
N ALA B 260 6.29 4.33 -14.98
CA ALA B 260 5.81 4.43 -13.63
C ALA B 260 5.64 3.12 -12.95
N THR B 261 5.15 2.13 -13.66
CA THR B 261 4.89 0.87 -12.97
C THR B 261 6.17 0.12 -12.65
N ASP B 262 6.26 -0.38 -11.42
CA ASP B 262 6.96 -1.63 -11.16
C ASP B 262 6.33 -2.58 -12.16
N GLY B 263 7.07 -3.51 -12.74
CA GLY B 263 6.61 -4.11 -14.01
C GLY B 263 5.32 -4.92 -14.04
N PHE B 264 4.91 -5.29 -15.26
CA PHE B 264 3.86 -6.30 -15.47
C PHE B 264 4.17 -7.61 -14.79
N LYS B 265 3.19 -8.19 -14.11
CA LYS B 265 3.34 -9.50 -13.42
C LYS B 265 3.13 -10.61 -14.45
N SER B 266 3.49 -11.85 -14.12
CA SER B 266 3.24 -13.01 -15.00
C SER B 266 1.74 -13.20 -15.24
N SER B 267 0.98 -13.17 -14.14
CA SER B 267 -0.48 -13.28 -14.18
C SER B 267 -1.16 -12.22 -15.04
N GLU B 268 -0.53 -11.06 -15.14
CA GLU B 268 -0.97 -9.96 -16.00
C GLU B 268 -0.50 -10.13 -17.43
N LEU B 269 0.73 -10.60 -17.62
CA LEU B 269 1.39 -10.56 -18.93
C LEU B 269 0.94 -11.71 -19.82
N GLY B 270 0.97 -12.91 -19.27
CA GLY B 270 0.59 -14.15 -19.98
C GLY B 270 -0.70 -14.08 -20.75
N PRO B 271 -1.79 -13.57 -20.14
CA PRO B 271 -3.06 -13.38 -20.85
C PRO B 271 -3.14 -12.21 -21.84
N ILE B 272 -2.34 -11.15 -21.66
CA ILE B 272 -2.25 -10.09 -22.69
C ILE B 272 -1.67 -10.68 -23.97
N ALA B 273 -0.66 -11.52 -23.82
CA ALA B 273 -0.03 -12.18 -24.96
C ALA B 273 -1.04 -13.06 -25.62
N ALA B 274 -1.79 -13.80 -24.79
CA ALA B 274 -2.76 -14.78 -25.28
C ALA B 274 -3.86 -14.13 -26.09
N SER B 275 -4.39 -13.03 -25.56
CA SER B 275 -5.41 -12.23 -26.24
C SER B 275 -4.98 -11.52 -27.53
N CYS B 276 -3.66 -11.40 -27.78
CA CYS B 276 -3.10 -10.85 -29.02
C CYS B 276 -2.26 -11.91 -29.74
N PRO B 277 -2.89 -12.85 -30.46
CA PRO B 277 -2.13 -13.90 -31.16
C PRO B 277 -1.26 -13.40 -32.32
N ASN B 278 -1.81 -12.45 -33.06
CA ASN B 278 -1.11 -11.79 -34.13
C ASN B 278 -0.48 -10.56 -33.52
N LEU B 279 0.82 -10.58 -33.32
CA LEU B 279 1.53 -9.45 -32.77
C LEU B 279 2.94 -9.57 -33.24
N ARG B 280 3.50 -8.47 -33.73
CA ARG B 280 4.86 -8.46 -34.25
C ARG B 280 5.87 -7.70 -33.39
N LYS B 281 5.42 -6.67 -32.72
CA LYS B 281 6.27 -5.90 -31.81
C LYS B 281 5.56 -5.70 -30.48
N LEU B 282 6.21 -6.16 -29.40
CA LEU B 282 5.74 -5.99 -28.03
C LEU B 282 6.88 -5.41 -27.24
N VAL B 283 6.65 -4.26 -26.61
CA VAL B 283 7.65 -3.53 -25.82
C VAL B 283 7.05 -3.30 -24.44
N ALA B 284 7.69 -3.82 -23.40
CA ALA B 284 7.07 -3.77 -22.06
C ALA B 284 8.05 -3.85 -20.88
N PRO B 285 7.65 -3.33 -19.70
CA PRO B 285 8.34 -3.58 -18.47
C PRO B 285 7.66 -4.68 -17.67
N CYS B 286 8.42 -5.66 -17.20
CA CYS B 286 7.83 -6.67 -16.34
C CYS B 286 8.64 -6.89 -15.07
N LEU B 287 7.92 -7.28 -14.03
CA LEU B 287 8.44 -7.60 -12.71
C LEU B 287 9.28 -8.87 -12.76
N PHE B 288 10.57 -8.77 -12.52
CA PHE B 288 11.45 -9.92 -12.66
C PHE B 288 11.94 -10.51 -11.32
N ASN B 289 11.89 -9.74 -10.22
CA ASN B 289 12.34 -10.21 -8.89
C ASN B 289 11.81 -11.59 -8.45
N PRO B 290 12.71 -12.61 -8.32
CA PRO B 290 12.43 -13.97 -7.89
C PRO B 290 11.61 -14.17 -6.65
N ARG B 291 11.76 -13.26 -5.69
CA ARG B 291 11.21 -13.45 -4.35
C ARG B 291 9.71 -13.28 -4.37
N PHE B 292 9.13 -13.17 -5.55
CA PHE B 292 7.71 -12.98 -5.74
C PHE B 292 7.12 -14.24 -6.38
N SER B 293 5.89 -14.55 -5.99
CA SER B 293 5.08 -15.59 -6.64
C SER B 293 4.77 -15.33 -8.13
N ASP B 294 4.89 -14.07 -8.58
CA ASP B 294 4.31 -13.65 -9.85
C ASP B 294 5.32 -13.00 -10.79
N CYS B 295 6.61 -13.35 -10.68
CA CYS B 295 7.63 -12.82 -11.62
C CYS B 295 7.42 -13.36 -13.00
N VAL B 296 7.97 -12.65 -13.97
CA VAL B 296 8.16 -13.21 -15.28
C VAL B 296 9.44 -14.01 -15.19
N GLY B 297 9.32 -15.30 -15.53
CA GLY B 297 10.44 -16.22 -15.51
C GLY B 297 10.55 -17.07 -16.76
N ASP B 298 10.95 -18.32 -16.55
CA ASP B 298 11.21 -19.27 -17.62
C ASP B 298 9.93 -19.74 -18.29
N ASP B 299 8.88 -19.96 -17.48
CA ASP B 299 7.58 -20.39 -18.05
C ASP B 299 6.85 -19.22 -18.72
N ALA B 300 6.80 -18.09 -18.02
CA ALA B 300 6.07 -16.92 -18.49
C ALA B 300 6.59 -16.44 -19.81
N LEU B 301 7.90 -16.40 -19.96
CA LEU B 301 8.53 -16.10 -21.23
C LEU B 301 8.09 -17.08 -22.30
N LEU B 302 8.03 -18.36 -21.95
CA LEU B 302 7.57 -19.36 -22.90
C LEU B 302 6.15 -19.05 -23.33
N SER B 303 5.24 -18.92 -22.37
CA SER B 303 3.84 -18.63 -22.71
C SER B 303 3.69 -17.34 -23.52
N LEU B 304 4.58 -16.36 -23.31
CA LEU B 304 4.61 -15.17 -24.18
C LEU B 304 4.90 -15.61 -25.61
N ALA B 305 6.00 -16.33 -25.78
CA ALA B 305 6.47 -16.74 -27.10
C ALA B 305 5.47 -17.63 -27.82
N THR B 306 4.96 -18.64 -27.11
CA THR B 306 4.01 -19.58 -27.71
C THR B 306 2.66 -18.94 -27.99
N SER B 307 2.26 -17.96 -27.19
CA SER B 307 0.99 -17.25 -27.44
C SER B 307 1.03 -16.27 -28.64
N CYS B 308 2.21 -15.72 -28.93
CA CYS B 308 2.41 -14.85 -30.10
C CYS B 308 3.83 -15.03 -30.60
N PRO B 309 4.01 -15.94 -31.58
CA PRO B 309 5.33 -16.23 -32.17
C PRO B 309 5.62 -15.36 -33.38
N ARG B 310 4.62 -14.60 -33.83
CA ARG B 310 4.80 -13.75 -34.99
C ARG B 310 5.66 -12.50 -34.67
N LEU B 311 6.04 -12.36 -33.39
CA LEU B 311 6.98 -11.35 -32.89
C LEU B 311 8.29 -11.33 -33.64
N THR B 312 8.56 -10.20 -34.29
CA THR B 312 9.87 -9.89 -34.87
C THR B 312 10.69 -8.99 -33.95
N VAL B 313 10.01 -8.20 -33.09
CA VAL B 313 10.65 -7.24 -32.17
C VAL B 313 10.07 -7.38 -30.76
N LEU B 314 10.93 -7.60 -29.78
CA LEU B 314 10.51 -7.86 -28.41
C LEU B 314 11.51 -7.17 -27.49
N ARG B 315 11.04 -6.23 -26.69
CA ARG B 315 11.94 -5.54 -25.78
C ARG B 315 11.36 -5.48 -24.38
N LEU B 316 12.11 -6.02 -23.42
CA LEU B 316 11.59 -6.43 -22.12
C LEU B 316 12.50 -5.99 -20.96
N SER B 317 12.15 -4.93 -20.25
CA SER B 317 13.04 -4.34 -19.24
C SER B 317 12.54 -4.41 -17.79
N GLU B 318 13.37 -4.91 -16.86
CA GLU B 318 13.03 -4.86 -15.41
C GLU B 318 13.22 -3.44 -14.91
N PRO B 319 12.16 -2.81 -14.37
CA PRO B 319 12.33 -1.49 -13.74
C PRO B 319 13.07 -1.57 -12.41
N PHE B 320 13.56 -0.43 -11.95
CA PHE B 320 14.42 -0.36 -10.75
C PHE B 320 14.41 1.05 -10.13
N GLU B 321 15.28 1.25 -9.12
CA GLU B 321 15.37 2.49 -8.33
C GLU B 321 16.78 3.12 -8.36
N GLU B 330 19.14 -13.51 -9.22
CA GLU B 330 19.79 -14.31 -10.25
C GLU B 330 19.20 -14.01 -11.62
N ALA B 331 17.90 -14.22 -11.80
CA ALA B 331 17.04 -14.71 -10.73
C ALA B 331 16.07 -15.78 -11.12
N ALA B 332 15.26 -15.58 -12.15
CA ALA B 332 14.30 -16.60 -12.50
C ALA B 332 14.27 -16.95 -13.95
N ILE B 333 15.32 -16.60 -14.65
CA ILE B 333 15.39 -16.89 -16.06
C ILE B 333 16.72 -17.56 -16.32
N THR B 334 16.67 -18.75 -16.88
CA THR B 334 17.82 -19.62 -16.99
C THR B 334 17.95 -20.00 -18.43
N VAL B 335 19.15 -20.42 -18.81
CA VAL B 335 19.46 -20.82 -20.20
C VAL B 335 18.51 -21.92 -20.67
N ALA B 336 18.33 -22.91 -19.81
CA ALA B 336 17.31 -23.94 -19.97
C ALA B 336 16.05 -23.36 -20.60
N GLY B 337 15.48 -22.35 -19.92
CA GLY B 337 14.23 -21.73 -20.34
C GLY B 337 14.39 -20.83 -21.54
N LEU B 338 15.48 -20.06 -21.55
CA LEU B 338 15.76 -19.14 -22.65
C LEU B 338 15.93 -19.86 -23.98
N VAL B 339 16.54 -21.05 -23.96
CA VAL B 339 16.76 -21.79 -25.21
C VAL B 339 15.41 -22.27 -25.72
N ALA B 340 14.62 -22.83 -24.81
CA ALA B 340 13.20 -23.12 -25.08
C ALA B 340 12.42 -21.88 -25.57
N PHE B 341 12.78 -20.73 -25.01
CA PHE B 341 12.21 -19.44 -25.38
C PHE B 341 12.58 -19.04 -26.80
N PHE B 342 13.88 -18.89 -27.09
CA PHE B 342 14.28 -18.44 -28.44
C PHE B 342 13.82 -19.43 -29.51
N ALA B 343 13.80 -20.72 -29.14
CA ALA B 343 13.29 -21.77 -30.01
C ALA B 343 11.86 -21.53 -30.50
N ALA B 344 11.04 -20.84 -29.70
CA ALA B 344 9.66 -20.55 -30.06
C ALA B 344 9.51 -19.33 -30.94
N LEU B 345 10.55 -18.49 -31.01
CA LEU B 345 10.46 -17.21 -31.72
C LEU B 345 11.43 -17.17 -32.90
N PRO B 346 11.08 -17.82 -34.02
CA PRO B 346 11.99 -17.84 -35.17
C PRO B 346 12.09 -16.50 -35.92
N ALA B 347 11.00 -15.71 -35.92
CA ALA B 347 10.94 -14.43 -36.66
C ALA B 347 11.70 -13.29 -35.99
N LEU B 348 12.12 -13.49 -34.72
CA LEU B 348 12.91 -12.51 -33.96
C LEU B 348 14.06 -11.90 -34.74
N GLU B 349 13.92 -10.62 -34.99
CA GLU B 349 15.00 -9.78 -35.46
C GLU B 349 15.57 -9.02 -34.25
N ASP B 350 14.73 -8.23 -33.60
CA ASP B 350 15.13 -7.24 -32.60
C ASP B 350 14.78 -7.78 -31.20
N PHE B 351 15.78 -7.97 -30.32
CA PHE B 351 15.52 -8.47 -28.96
C PHE B 351 16.26 -7.72 -27.85
N THR B 352 15.56 -7.43 -26.75
CA THR B 352 16.19 -6.85 -25.55
C THR B 352 15.55 -7.41 -24.26
N MET B 353 16.39 -7.92 -23.36
CA MET B 353 16.05 -8.20 -21.94
C MET B 353 16.98 -7.32 -21.15
N ASP B 354 16.44 -6.40 -20.35
CA ASP B 354 17.26 -5.47 -19.57
C ASP B 354 16.86 -5.50 -18.10
N LEU B 355 17.55 -6.33 -17.33
CA LEU B 355 17.19 -6.59 -15.95
C LEU B 355 18.35 -6.27 -15.02
N GLN B 356 18.04 -6.07 -13.75
CA GLN B 356 19.09 -5.91 -12.72
C GLN B 356 19.46 -7.28 -12.17
N HIS B 357 18.44 -8.04 -11.80
CA HIS B 357 18.60 -9.45 -11.51
C HIS B 357 19.10 -10.22 -12.75
N ASN B 358 20.11 -11.06 -12.60
CA ASN B 358 20.91 -11.61 -13.77
C ASN B 358 20.71 -13.08 -14.25
N VAL B 359 21.14 -13.34 -15.49
CA VAL B 359 21.16 -14.68 -16.07
C VAL B 359 22.62 -15.09 -16.04
N LEU B 360 22.91 -16.33 -15.62
CA LEU B 360 24.29 -16.69 -15.22
C LEU B 360 25.25 -17.13 -16.33
N GLU B 361 25.18 -18.38 -16.78
CA GLU B 361 25.91 -18.77 -17.99
C GLU B 361 24.99 -18.35 -19.08
N ALA B 362 25.44 -17.53 -20.01
CA ALA B 362 24.57 -17.04 -21.09
C ALA B 362 24.91 -17.65 -22.43
N ALA B 363 26.21 -17.87 -22.65
CA ALA B 363 26.76 -18.49 -23.85
C ALA B 363 25.83 -19.53 -24.48
N PRO B 364 25.51 -20.61 -23.76
CA PRO B 364 24.62 -21.62 -24.35
C PRO B 364 23.28 -21.04 -24.85
N ALA B 365 22.70 -20.14 -24.06
CA ALA B 365 21.45 -19.46 -24.45
C ALA B 365 21.64 -18.58 -25.67
N MET B 366 22.77 -17.88 -25.73
CA MET B 366 23.08 -16.98 -26.85
C MET B 366 23.32 -17.72 -28.17
N GLU B 367 23.99 -18.87 -28.09
CA GLU B 367 24.21 -19.75 -29.25
C GLU B 367 22.86 -20.13 -29.86
N ALA B 368 22.00 -20.70 -29.02
CA ALA B 368 20.63 -21.04 -29.38
C ALA B 368 19.89 -19.89 -30.04
N LEU B 369 20.12 -18.67 -29.57
CA LEU B 369 19.53 -17.48 -30.19
C LEU B 369 19.88 -17.42 -31.69
N ALA B 370 21.16 -17.64 -32.00
CA ALA B 370 21.62 -17.68 -33.39
C ALA B 370 21.11 -18.92 -34.12
N ARG B 371 21.17 -20.08 -33.43
CA ARG B 371 20.69 -21.35 -33.95
C ARG B 371 19.19 -21.33 -34.30
N ARG B 372 18.36 -20.70 -33.45
CA ARG B 372 16.89 -20.72 -33.61
C ARG B 372 16.26 -19.43 -34.19
N CYS B 373 16.91 -18.29 -33.96
CA CYS B 373 16.50 -17.02 -34.58
C CYS B 373 17.62 -16.55 -35.51
N PRO B 374 17.56 -16.94 -36.80
CA PRO B 374 18.63 -16.57 -37.73
C PRO B 374 18.65 -15.06 -38.05
N ARG B 375 17.45 -14.47 -38.07
CA ARG B 375 17.31 -13.08 -38.43
C ARG B 375 17.78 -12.14 -37.33
N ILE B 376 17.90 -12.62 -36.10
CA ILE B 376 18.35 -11.80 -34.98
C ILE B 376 19.50 -10.90 -35.44
N LYS B 377 19.29 -9.59 -35.36
CA LYS B 377 20.30 -8.57 -35.74
C LYS B 377 20.52 -7.60 -34.59
N PHE B 378 19.50 -6.84 -34.25
CA PHE B 378 19.60 -5.89 -33.15
C PHE B 378 19.39 -6.67 -31.86
N LEU B 379 20.28 -6.53 -30.90
CA LEU B 379 20.07 -7.14 -29.58
C LEU B 379 20.72 -6.33 -28.48
N THR B 380 20.05 -6.21 -27.34
CA THR B 380 20.67 -5.56 -26.16
C THR B 380 20.31 -6.35 -24.90
N LEU B 381 21.33 -6.82 -24.18
CA LEU B 381 21.11 -7.67 -23.00
C LEU B 381 21.43 -6.93 -21.74
N GLY B 382 20.70 -7.26 -20.68
CA GLY B 382 20.75 -6.54 -19.43
C GLY B 382 21.86 -7.08 -18.59
N SER B 383 21.54 -7.38 -17.34
CA SER B 383 22.42 -8.17 -16.50
C SER B 383 22.35 -9.62 -16.99
N PHE B 384 23.25 -9.96 -17.92
CA PHE B 384 23.35 -11.30 -18.51
C PHE B 384 24.82 -11.61 -18.42
N GLN B 385 25.20 -12.48 -17.49
CA GLN B 385 26.61 -12.81 -17.20
C GLN B 385 27.17 -13.83 -18.20
N GLY B 386 28.49 -13.89 -18.28
CA GLY B 386 29.22 -14.71 -19.26
C GLY B 386 28.57 -14.93 -20.62
N LEU B 387 28.25 -13.84 -21.31
CA LEU B 387 27.77 -13.89 -22.69
C LEU B 387 28.79 -14.60 -23.58
N CYS B 388 30.04 -14.24 -23.36
CA CYS B 388 31.15 -14.76 -24.12
C CYS B 388 32.36 -14.96 -23.21
N LYS B 389 33.03 -16.13 -23.26
CA LYS B 389 34.16 -16.41 -22.36
C LYS B 389 35.65 -16.15 -22.72
N ALA B 390 36.12 -16.66 -23.83
CA ALA B 390 37.47 -16.43 -24.35
C ALA B 390 37.44 -17.44 -25.43
N SER B 391 38.43 -17.50 -26.31
CA SER B 391 38.28 -18.53 -27.31
C SER B 391 37.81 -19.99 -27.10
N TRP B 392 36.80 -20.49 -27.83
CA TRP B 392 36.34 -19.96 -29.14
C TRP B 392 35.25 -18.98 -29.69
N LEU B 393 33.97 -19.35 -29.67
CA LEU B 393 32.87 -18.46 -30.18
C LEU B 393 31.49 -18.69 -29.48
N HIS B 394 31.01 -17.72 -28.67
CA HIS B 394 29.85 -17.93 -27.74
C HIS B 394 28.62 -16.98 -27.90
N LEU B 395 28.83 -15.69 -27.68
CA LEU B 395 27.87 -14.64 -28.07
C LEU B 395 28.08 -14.36 -29.57
N ASP B 396 29.16 -14.92 -30.12
CA ASP B 396 29.65 -14.62 -31.45
C ASP B 396 29.14 -15.64 -32.46
N GLY B 397 28.72 -16.82 -31.99
CA GLY B 397 27.82 -17.70 -32.75
C GLY B 397 26.81 -16.86 -33.53
N VAL B 398 26.27 -15.84 -32.85
CA VAL B 398 25.31 -14.86 -33.40
C VAL B 398 25.91 -13.99 -34.53
N ALA B 399 25.66 -14.43 -35.76
CA ALA B 399 26.27 -13.87 -36.97
C ALA B 399 25.88 -12.43 -37.24
N VAL B 400 24.59 -12.18 -37.33
CA VAL B 400 24.08 -11.04 -38.09
C VAL B 400 23.88 -9.72 -37.31
N CYS B 401 24.60 -9.50 -36.21
CA CYS B 401 24.18 -8.49 -35.24
C CYS B 401 24.57 -7.24 -36.03
N GLY B 402 23.56 -6.38 -36.28
CA GLY B 402 23.74 -5.03 -36.79
C GLY B 402 24.17 -4.19 -35.58
N GLY B 403 23.39 -4.19 -34.49
CA GLY B 403 23.80 -3.55 -33.22
C GLY B 403 23.67 -4.23 -31.85
N LEU B 404 24.82 -4.47 -31.17
CA LEU B 404 24.88 -5.14 -29.84
C LEU B 404 25.20 -4.19 -28.68
N GLU B 405 24.49 -4.33 -27.56
CA GLU B 405 24.75 -3.57 -26.36
C GLU B 405 24.67 -4.54 -25.19
N SER B 406 25.80 -4.87 -24.59
CA SER B 406 25.90 -5.79 -23.45
C SER B 406 25.71 -4.74 -22.41
N LEU B 407 25.03 -5.05 -21.30
CA LEU B 407 24.65 -4.00 -20.33
C LEU B 407 25.21 -4.05 -18.92
N TYR B 408 25.37 -5.23 -18.32
CA TYR B 408 25.83 -5.32 -16.94
C TYR B 408 26.44 -6.73 -16.96
N MET B 409 27.75 -6.81 -16.82
CA MET B 409 28.43 -8.08 -16.97
C MET B 409 29.51 -7.76 -15.96
N LYS B 410 29.95 -8.78 -15.27
CA LYS B 410 30.99 -8.66 -14.23
C LYS B 410 32.03 -9.66 -14.81
N ASN B 411 31.64 -10.42 -15.85
CA ASN B 411 32.47 -11.42 -16.50
C ASN B 411 32.91 -11.21 -17.98
N CYS B 412 32.68 -10.02 -18.54
CA CYS B 412 32.95 -9.71 -19.95
C CYS B 412 34.32 -9.09 -20.06
N GLN B 413 35.26 -9.86 -20.62
CA GLN B 413 36.70 -9.60 -20.50
C GLN B 413 37.28 -9.01 -21.80
N ASP B 414 38.50 -8.50 -21.72
CA ASP B 414 39.25 -8.11 -22.92
C ASP B 414 39.15 -9.21 -24.00
N LEU B 415 39.40 -10.45 -23.58
CA LEU B 415 39.29 -11.66 -24.42
C LEU B 415 37.98 -11.70 -25.24
N THR B 416 36.86 -11.49 -24.56
CA THR B 416 35.52 -11.61 -25.15
C THR B 416 35.21 -10.52 -26.16
N ASP B 417 35.59 -9.29 -25.83
CA ASP B 417 35.55 -8.16 -26.77
C ASP B 417 36.33 -8.48 -28.06
N ALA B 418 37.56 -8.96 -27.86
CA ALA B 418 38.47 -9.34 -28.94
C ALA B 418 37.73 -10.23 -29.93
N SER B 419 37.22 -11.34 -29.41
CA SER B 419 36.64 -12.41 -30.20
C SER B 419 35.49 -11.93 -31.10
N LEU B 420 34.52 -11.25 -30.50
CA LEU B 420 33.29 -10.85 -31.21
C LEU B 420 33.49 -9.80 -32.31
N ALA B 421 34.76 -9.50 -32.60
CA ALA B 421 35.24 -9.15 -33.94
C ALA B 421 34.70 -10.07 -35.05
N ALA B 422 34.41 -11.32 -34.69
CA ALA B 422 33.57 -12.21 -35.50
C ALA B 422 32.02 -12.00 -35.39
N ILE B 423 31.62 -10.75 -35.17
CA ILE B 423 30.22 -10.36 -35.22
C ILE B 423 30.15 -9.04 -35.97
N GLY B 424 31.22 -8.70 -36.68
CA GLY B 424 31.30 -7.49 -37.44
C GLY B 424 30.53 -7.79 -38.69
N ARG B 425 29.24 -8.02 -38.55
CA ARG B 425 28.43 -8.26 -39.73
C ARG B 425 28.32 -6.77 -39.96
N GLY B 426 27.60 -6.10 -39.10
CA GLY B 426 27.49 -4.69 -39.31
C GLY B 426 27.49 -3.98 -38.00
N CYS B 427 28.11 -4.59 -37.00
CA CYS B 427 28.17 -4.05 -35.67
C CYS B 427 28.42 -2.68 -36.23
N ARG B 428 27.49 -1.77 -35.95
CA ARG B 428 27.57 -0.42 -36.44
C ARG B 428 27.45 0.23 -35.08
N ARG B 429 26.87 -0.50 -34.15
CA ARG B 429 26.70 -0.02 -32.81
C ARG B 429 27.26 -1.07 -31.83
N LEU B 430 28.31 -0.71 -31.07
CA LEU B 430 28.64 -1.45 -29.84
C LEU B 430 28.29 -0.61 -28.64
N ALA B 431 27.96 -1.26 -27.51
CA ALA B 431 27.90 -0.58 -26.23
C ALA B 431 28.18 -1.44 -24.97
N LYS B 432 28.95 -0.84 -24.04
CA LYS B 432 29.30 -1.43 -22.75
C LYS B 432 28.75 -0.51 -21.70
N PHE B 433 27.79 -0.96 -20.89
CA PHE B 433 27.31 -0.18 -19.75
C PHE B 433 27.81 -0.88 -18.52
N GLY B 434 28.50 -0.21 -17.62
CA GLY B 434 28.81 -0.83 -16.32
C GLY B 434 29.39 -2.26 -16.34
N ILE B 435 30.51 -2.40 -17.03
CA ILE B 435 31.23 -3.67 -17.19
C ILE B 435 32.71 -3.49 -16.83
N HIS B 436 33.06 -3.80 -15.58
CA HIS B 436 34.30 -3.32 -14.97
C HIS B 436 35.67 -3.93 -15.39
N GLY B 437 35.79 -5.26 -15.42
CA GLY B 437 37.00 -5.92 -15.80
C GLY B 437 37.51 -5.79 -17.25
N CYS B 438 36.72 -5.11 -18.07
CA CYS B 438 37.03 -4.80 -19.47
C CYS B 438 37.85 -3.52 -19.57
N ASP B 439 38.95 -3.61 -20.29
CA ASP B 439 40.05 -2.67 -20.17
C ASP B 439 39.83 -1.69 -21.29
N LEU B 440 40.55 -0.59 -21.19
CA LEU B 440 40.50 0.48 -22.16
C LEU B 440 40.93 -0.10 -23.46
N VAL B 441 41.54 -1.27 -23.36
CA VAL B 441 42.16 -1.90 -24.49
C VAL B 441 41.82 -2.88 -25.55
N THR B 442 40.80 -3.64 -25.18
CA THR B 442 40.26 -4.67 -26.01
C THR B 442 39.36 -3.76 -26.83
N SER B 443 39.03 -2.59 -26.30
CA SER B 443 38.22 -1.60 -27.00
C SER B 443 38.93 -1.25 -28.26
N ALA B 444 40.22 -1.02 -28.13
CA ALA B 444 40.96 -0.74 -29.38
C ALA B 444 40.84 -1.95 -30.30
N GLY B 445 41.03 -3.13 -29.73
CA GLY B 445 40.72 -4.40 -30.39
C GLY B 445 39.54 -4.25 -31.33
N ILE B 446 38.38 -3.85 -30.80
CA ILE B 446 37.09 -3.93 -31.56
C ILE B 446 37.00 -2.91 -32.68
N ARG B 447 37.38 -1.67 -32.39
CA ARG B 447 37.28 -0.56 -33.38
C ARG B 447 38.29 -0.74 -34.52
N ARG B 448 39.25 -1.59 -34.24
CA ARG B 448 40.16 -2.11 -35.23
C ARG B 448 39.60 -3.20 -36.17
N LEU B 449 38.87 -4.16 -35.60
CA LEU B 449 38.65 -5.46 -36.25
C LEU B 449 37.32 -5.21 -36.94
N ALA B 450 36.44 -4.49 -36.24
CA ALA B 450 35.21 -3.92 -36.81
C ALA B 450 35.49 -2.46 -37.22
N PHE B 451 35.80 -2.25 -38.49
CA PHE B 451 35.97 -0.91 -39.03
C PHE B 451 34.84 -0.60 -40.03
N THR B 452 33.61 -0.89 -39.60
CA THR B 452 32.43 -0.06 -39.92
C THR B 452 31.53 0.17 -38.69
N LEU B 453 32.13 0.08 -37.49
CA LEU B 453 31.47 0.42 -36.23
C LEU B 453 31.26 1.84 -35.80
N ARG B 454 30.12 2.43 -36.16
CA ARG B 454 29.88 3.88 -35.97
C ARG B 454 29.17 4.64 -34.80
N PRO B 455 28.16 4.03 -34.14
CA PRO B 455 27.77 4.68 -32.89
C PRO B 455 28.42 3.78 -31.86
N THR B 456 28.86 4.37 -30.75
CA THR B 456 29.24 3.62 -29.56
C THR B 456 28.84 4.29 -28.24
N LEU B 457 28.81 3.48 -27.17
CA LEU B 457 28.38 3.91 -25.85
C LEU B 457 29.12 3.08 -24.80
N LYS B 458 29.90 3.72 -23.93
CA LYS B 458 30.50 3.04 -22.75
C LYS B 458 30.15 3.84 -21.54
N GLU B 459 29.67 3.18 -20.48
CA GLU B 459 28.97 3.93 -19.45
C GLU B 459 29.15 3.57 -17.98
N VAL B 460 28.12 3.88 -17.17
CA VAL B 460 28.28 4.73 -15.99
C VAL B 460 29.29 4.22 -14.98
N THR B 461 29.42 2.88 -14.88
CA THR B 461 30.43 2.24 -14.02
C THR B 461 31.32 1.27 -14.85
N VAL B 462 31.91 1.77 -15.93
CA VAL B 462 33.00 1.04 -16.61
C VAL B 462 34.32 1.52 -15.98
N LEU B 463 34.88 0.72 -15.08
CA LEU B 463 35.90 1.18 -14.11
C LEU B 463 37.19 1.64 -14.77
N HIS B 464 37.57 1.00 -15.86
CA HIS B 464 38.90 1.24 -16.45
C HIS B 464 38.88 2.38 -17.43
N CYS B 465 37.80 2.47 -18.18
CA CYS B 465 37.65 3.51 -19.16
C CYS B 465 37.08 4.79 -18.53
N ARG B 466 37.90 5.84 -18.50
CA ARG B 466 37.53 7.14 -17.98
C ARG B 466 38.08 8.22 -18.89
N LEU B 467 37.60 8.31 -20.11
CA LEU B 467 38.08 9.31 -21.07
C LEU B 467 39.57 9.15 -21.55
N LEU B 468 40.27 8.13 -21.01
CA LEU B 468 41.40 7.44 -21.66
C LEU B 468 40.90 6.87 -22.96
N HIS B 469 39.69 6.31 -22.87
CA HIS B 469 39.02 5.72 -24.00
C HIS B 469 38.19 6.73 -24.80
N THR B 470 38.42 8.02 -24.62
CA THR B 470 38.18 8.96 -25.72
C THR B 470 39.43 8.80 -26.57
N ALA B 471 40.61 8.79 -25.90
CA ALA B 471 41.98 8.73 -26.52
C ALA B 471 42.31 7.42 -27.25
N GLU B 472 41.45 6.40 -27.09
CA GLU B 472 41.26 5.43 -28.15
C GLU B 472 40.98 6.15 -29.48
N CYS B 473 41.68 5.83 -30.56
CA CYS B 473 41.55 6.60 -31.82
C CYS B 473 40.70 5.95 -32.90
N LEU B 474 40.88 4.65 -33.04
CA LEU B 474 40.81 3.96 -34.32
C LEU B 474 39.67 4.41 -35.22
N THR B 475 38.51 4.67 -34.64
CA THR B 475 37.31 5.08 -35.40
C THR B 475 36.98 6.56 -35.35
N ALA B 476 37.94 7.43 -34.96
CA ALA B 476 37.72 8.90 -34.86
C ALA B 476 37.57 9.55 -36.26
N LEU B 477 37.96 8.84 -37.32
CA LEU B 477 37.60 9.19 -38.71
C LEU B 477 36.06 9.20 -38.71
N SER B 478 35.47 8.07 -38.29
CA SER B 478 34.11 7.69 -38.66
C SER B 478 32.86 7.55 -37.69
N PRO B 479 32.96 7.85 -36.35
CA PRO B 479 31.90 7.30 -35.54
C PRO B 479 30.80 8.37 -35.61
N ILE B 480 29.63 7.99 -36.07
CA ILE B 480 28.53 8.93 -36.32
C ILE B 480 27.82 9.40 -35.00
N ARG B 481 27.96 8.64 -33.90
CA ARG B 481 27.41 9.03 -32.58
C ARG B 481 28.32 8.55 -31.48
N ASP B 482 28.31 9.26 -30.34
CA ASP B 482 29.07 8.83 -29.15
C ASP B 482 28.33 9.16 -27.86
N ARG B 483 28.26 8.16 -26.97
CA ARG B 483 27.72 8.31 -25.62
C ARG B 483 28.81 7.93 -24.60
N ILE B 484 28.86 8.62 -23.47
CA ILE B 484 29.88 8.35 -22.44
C ILE B 484 29.58 9.07 -21.16
N GLU B 485 29.81 8.43 -20.01
CA GLU B 485 29.89 9.16 -18.74
C GLU B 485 31.28 9.77 -18.58
N SER B 486 31.43 10.66 -17.60
CA SER B 486 32.61 11.50 -17.50
C SER B 486 33.19 11.44 -16.08
N SER B 538 41.49 14.96 -35.04
CA SER B 538 40.07 15.36 -34.91
C SER B 538 39.07 14.19 -34.70
N TRP B 539 37.81 14.57 -34.46
CA TRP B 539 36.60 13.68 -34.53
C TRP B 539 35.74 14.17 -35.70
N GLU B 540 36.20 13.88 -36.91
CA GLU B 540 35.77 14.58 -38.12
C GLU B 540 34.37 14.20 -38.62
N MET B 541 33.77 13.15 -38.04
CA MET B 541 32.41 12.72 -38.39
C MET B 541 31.47 12.44 -37.20
N LEU B 542 31.72 13.08 -36.04
CA LEU B 542 30.74 13.11 -34.94
C LEU B 542 29.58 13.99 -35.33
N ARG B 543 28.40 13.37 -35.45
CA ARG B 543 27.12 14.08 -35.65
C ARG B 543 26.49 14.41 -34.28
N SER B 544 26.51 13.44 -33.37
CA SER B 544 25.71 13.48 -32.16
C SER B 544 26.52 12.91 -30.97
N LEU B 545 26.46 13.60 -29.84
CA LEU B 545 27.30 13.31 -28.69
C LEU B 545 26.43 13.31 -27.46
N SER B 546 26.73 12.45 -26.50
CA SER B 546 25.88 12.31 -25.32
C SER B 546 26.74 12.11 -24.07
N LEU B 547 26.65 13.05 -23.15
CA LEU B 547 27.46 13.04 -21.95
C LEU B 547 26.61 12.68 -20.77
N TRP B 548 27.25 12.11 -19.76
CA TRP B 548 26.63 11.81 -18.49
C TRP B 548 27.59 12.28 -17.44
N PHE B 549 27.37 13.50 -16.96
CA PHE B 549 28.07 14.02 -15.79
C PHE B 549 27.32 13.68 -14.52
N SER B 550 28.01 13.84 -13.39
CA SER B 550 27.40 13.65 -12.10
C SER B 550 27.54 14.85 -11.15
N ALA B 551 26.61 14.96 -10.21
CA ALA B 551 26.70 15.82 -9.03
C ALA B 551 26.94 17.26 -9.50
N GLY B 552 27.96 17.94 -8.96
CA GLY B 552 28.45 19.20 -9.52
C GLY B 552 29.72 19.18 -10.36
N GLN B 553 29.99 18.04 -10.97
CA GLN B 553 31.16 17.85 -11.84
C GLN B 553 31.24 18.88 -12.95
N LEU B 554 32.46 19.25 -13.37
CA LEU B 554 32.68 20.30 -14.39
C LEU B 554 32.57 19.70 -15.76
N LEU B 555 32.21 20.50 -16.77
CA LEU B 555 32.14 19.96 -18.14
C LEU B 555 33.43 19.98 -18.92
N SER B 556 34.10 21.12 -18.87
CA SER B 556 35.19 21.44 -19.79
C SER B 556 36.39 20.47 -19.63
N PRO B 557 36.86 20.26 -18.38
CA PRO B 557 38.00 19.38 -18.19
C PRO B 557 38.01 17.97 -18.70
N LEU B 558 36.87 17.29 -18.51
CA LEU B 558 36.77 15.84 -18.58
C LEU B 558 36.17 15.59 -19.96
N ILE B 559 35.82 16.65 -20.69
CA ILE B 559 35.54 16.57 -22.12
C ILE B 559 36.44 17.27 -23.16
N SER B 560 37.01 18.44 -22.88
CA SER B 560 37.41 19.33 -23.98
C SER B 560 38.95 19.37 -23.94
N ALA B 561 39.56 19.15 -22.77
CA ALA B 561 41.01 18.91 -22.67
C ALA B 561 41.19 17.36 -22.51
N GLY B 562 40.08 16.61 -22.49
CA GLY B 562 40.07 15.17 -22.72
C GLY B 562 40.40 14.93 -24.19
N LEU B 563 39.51 15.31 -25.11
CA LEU B 563 39.73 15.36 -26.59
C LEU B 563 38.54 16.17 -27.15
N ASP B 564 38.81 17.05 -28.12
CA ASP B 564 37.91 18.19 -28.41
C ASP B 564 37.13 18.73 -29.62
N SER B 565 37.39 18.22 -30.84
CA SER B 565 37.39 19.06 -32.08
C SER B 565 36.46 18.24 -32.97
N CYS B 566 35.30 18.80 -33.30
CA CYS B 566 34.19 18.04 -33.88
C CYS B 566 33.39 18.87 -34.86
N PRO B 567 33.98 19.18 -36.02
CA PRO B 567 33.41 20.14 -36.98
C PRO B 567 32.06 19.78 -37.61
N VAL B 568 31.45 18.64 -37.25
CA VAL B 568 30.06 18.31 -37.63
C VAL B 568 29.12 17.98 -36.47
N LEU B 569 29.57 18.20 -35.23
CA LEU B 569 28.70 17.94 -34.09
C LEU B 569 27.51 18.89 -34.12
N GLU B 570 26.30 18.34 -34.20
CA GLU B 570 25.06 19.14 -34.22
C GLU B 570 24.30 19.02 -32.89
N GLU B 571 23.88 17.80 -32.58
CA GLU B 571 23.13 17.52 -31.38
C GLU B 571 24.15 17.21 -30.29
N ILE B 572 23.85 17.65 -29.07
CA ILE B 572 24.63 17.26 -27.93
C ILE B 572 23.66 17.08 -26.75
N SER B 573 23.79 15.98 -26.00
CA SER B 573 22.98 15.72 -24.79
C SER B 573 23.86 15.72 -23.54
N ILE B 574 23.35 16.35 -22.47
CA ILE B 574 24.02 16.48 -21.19
C ILE B 574 22.99 16.13 -20.10
N LYS B 575 23.35 15.14 -19.30
CA LYS B 575 22.53 14.70 -18.20
C LYS B 575 23.35 14.80 -16.94
N VAL B 576 22.71 15.19 -15.85
CA VAL B 576 23.39 15.37 -14.60
C VAL B 576 22.59 14.66 -13.49
N GLU B 577 23.24 13.83 -12.68
CA GLU B 577 22.62 13.23 -11.49
C GLU B 577 23.71 13.13 -10.44
N GLY B 578 23.51 13.48 -9.17
CA GLY B 578 22.27 13.91 -8.53
C GLY B 578 22.75 14.29 -7.14
N ASP B 579 21.87 14.86 -6.34
CA ASP B 579 22.14 15.31 -4.94
C ASP B 579 23.09 16.40 -4.50
N CYS B 580 22.90 17.54 -5.14
CA CYS B 580 23.62 18.75 -4.82
C CYS B 580 23.67 19.12 -3.35
N ARG B 581 22.71 18.65 -2.55
CA ARG B 581 22.68 18.99 -1.13
C ARG B 581 23.93 18.49 -0.39
N THR B 582 24.60 17.51 -0.98
CA THR B 582 25.88 17.02 -0.50
C THR B 582 26.97 17.26 -1.55
N CYS B 583 27.02 18.48 -2.08
CA CYS B 583 28.12 18.95 -2.93
C CYS B 583 28.84 20.10 -2.20
N PRO B 584 30.08 20.44 -2.64
CA PRO B 584 30.75 21.64 -2.15
C PRO B 584 30.30 22.87 -2.95
N ARG B 585 30.39 24.05 -2.34
CA ARG B 585 29.86 25.30 -2.92
C ARG B 585 30.78 25.69 -4.09
N PRO B 586 30.37 25.43 -5.35
CA PRO B 586 31.30 25.61 -6.46
C PRO B 586 32.11 26.90 -6.33
N ALA B 587 33.40 26.75 -6.00
CA ALA B 587 34.33 27.86 -5.71
C ALA B 587 33.97 29.17 -6.42
N PRO B 588 33.74 30.27 -5.69
CA PRO B 588 33.32 31.50 -6.37
C PRO B 588 33.96 31.75 -7.76
N ARG B 589 33.12 32.09 -8.74
CA ARG B 589 33.46 32.16 -10.18
C ARG B 589 33.88 30.81 -10.84
N THR B 590 33.40 29.68 -10.30
CA THR B 590 33.42 28.40 -11.05
C THR B 590 32.14 28.28 -11.89
N ILE B 591 32.16 27.33 -12.81
CA ILE B 591 31.10 27.18 -13.76
C ILE B 591 31.10 25.71 -14.21
N PHE B 592 29.99 25.27 -14.78
CA PHE B 592 29.96 24.09 -15.65
C PHE B 592 30.24 24.70 -17.01
N GLY B 593 31.36 24.32 -17.63
CA GLY B 593 31.85 25.03 -18.82
C GLY B 593 31.05 24.91 -20.11
N LEU B 594 29.79 25.34 -20.07
CA LEU B 594 28.92 25.20 -21.24
C LEU B 594 29.51 26.03 -22.39
N SER B 595 30.27 27.07 -22.00
CA SER B 595 31.05 28.00 -22.87
C SER B 595 32.16 27.37 -23.72
N ASP B 596 32.85 26.36 -23.17
CA ASP B 596 33.86 25.60 -23.90
C ASP B 596 33.29 24.75 -25.04
N LEU B 597 31.96 24.64 -25.14
CA LEU B 597 31.28 24.06 -26.32
C LEU B 597 31.09 25.07 -27.48
N ALA B 598 31.59 26.31 -27.33
CA ALA B 598 31.49 27.30 -28.41
C ALA B 598 32.42 26.99 -29.60
N GLY B 599 33.46 26.18 -29.36
CA GLY B 599 34.35 25.68 -30.41
C GLY B 599 33.63 24.94 -31.53
N PHE B 600 32.78 24.00 -31.13
CA PHE B 600 32.00 23.21 -32.08
C PHE B 600 30.99 24.07 -32.85
N PRO B 601 31.16 24.19 -34.18
CA PRO B 601 30.53 25.23 -34.95
C PRO B 601 29.27 24.93 -35.78
N VAL B 602 28.91 23.67 -35.96
CA VAL B 602 27.50 23.30 -36.33
C VAL B 602 26.61 22.75 -35.19
N LEU B 603 26.92 23.14 -33.95
CA LEU B 603 26.26 22.63 -32.75
C LEU B 603 25.03 23.48 -32.58
N ALA B 604 23.88 22.99 -33.08
CA ALA B 604 22.62 23.75 -33.08
C ALA B 604 21.47 23.16 -32.24
N LYS B 605 21.67 21.99 -31.64
CA LYS B 605 20.61 21.33 -30.86
C LYS B 605 21.15 20.85 -29.53
N MET B 606 20.66 21.46 -28.47
CA MET B 606 21.16 21.17 -27.14
C MET B 606 20.07 20.41 -26.36
N LYS B 607 20.44 19.86 -25.22
CA LYS B 607 19.51 19.10 -24.40
C LYS B 607 20.16 18.96 -23.05
N LEU B 608 19.96 19.94 -22.20
CA LEU B 608 20.67 19.99 -20.93
C LEU B 608 19.73 19.54 -19.84
N ASP B 609 19.88 18.30 -19.38
CA ASP B 609 18.88 17.67 -18.51
C ASP B 609 19.36 17.55 -17.05
N LEU B 610 19.14 18.62 -16.28
CA LEU B 610 19.46 18.65 -14.84
C LEU B 610 18.42 17.98 -13.94
N SER B 611 17.38 17.36 -14.53
CA SER B 611 16.23 16.87 -13.76
C SER B 611 16.63 15.96 -12.60
N GLU B 612 17.52 15.01 -12.84
CA GLU B 612 17.82 14.04 -11.79
C GLU B 612 18.79 14.60 -10.73
N ALA B 613 19.18 15.87 -10.87
CA ALA B 613 19.89 16.61 -9.83
C ALA B 613 18.92 17.15 -8.78
N VAL B 614 18.85 16.46 -7.65
CA VAL B 614 18.01 16.90 -6.55
C VAL B 614 18.62 18.07 -5.74
N GLY B 615 17.77 18.93 -5.18
CA GLY B 615 18.23 20.08 -4.41
C GLY B 615 17.20 20.72 -3.48
N TYR B 616 17.50 21.92 -3.00
CA TYR B 616 16.60 22.72 -2.16
C TYR B 616 16.06 23.84 -3.02
N ALA B 617 14.74 24.08 -3.02
CA ALA B 617 14.10 24.87 -4.10
C ALA B 617 13.92 26.35 -3.81
N LEU B 618 13.04 26.70 -2.88
CA LEU B 618 12.86 28.10 -2.54
C LEU B 618 13.36 28.44 -1.14
N THR B 619 13.62 27.44 -0.31
CA THR B 619 13.89 27.63 1.10
C THR B 619 14.75 26.47 1.54
N ALA B 620 16.04 26.73 1.69
CA ALA B 620 17.00 25.70 2.09
C ALA B 620 17.32 25.91 3.56
N PRO B 621 17.57 24.83 4.28
CA PRO B 621 17.95 25.01 5.65
C PRO B 621 19.32 25.66 5.77
N THR B 622 19.66 26.07 6.99
CA THR B 622 20.81 26.93 7.26
C THR B 622 22.12 26.17 7.03
N GLY B 623 23.03 26.78 6.29
CA GLY B 623 24.25 26.09 5.88
C GLY B 623 24.12 25.57 4.47
N GLN B 624 22.98 25.00 4.15
CA GLN B 624 22.68 24.59 2.77
C GLN B 624 22.33 25.77 1.86
N MET B 625 22.14 25.46 0.58
CA MET B 625 21.90 26.45 -0.46
C MET B 625 20.90 25.95 -1.49
N ASP B 626 20.20 26.90 -2.10
CA ASP B 626 19.11 26.60 -2.99
C ASP B 626 19.61 26.34 -4.40
N LEU B 627 18.71 26.01 -5.29
CA LEU B 627 19.10 25.56 -6.62
C LEU B 627 19.50 26.66 -7.61
N SER B 628 19.14 27.92 -7.34
CA SER B 628 19.43 29.01 -8.29
C SER B 628 20.93 29.16 -8.49
N LEU B 629 21.73 28.73 -7.50
CA LEU B 629 23.16 28.57 -7.71
C LEU B 629 23.39 27.51 -8.76
N TRP B 630 22.87 26.31 -8.49
CA TRP B 630 23.07 25.16 -9.36
C TRP B 630 22.56 25.41 -10.80
N GLU B 631 21.43 26.10 -10.98
CA GLU B 631 21.04 26.49 -12.34
C GLU B 631 22.09 27.43 -12.97
N ARG B 632 22.58 28.40 -12.20
CA ARG B 632 23.65 29.32 -12.63
C ARG B 632 24.82 28.48 -13.06
N PHE B 633 25.42 27.79 -12.08
CA PHE B 633 26.55 26.93 -12.31
C PHE B 633 26.41 26.17 -13.61
N TYR B 634 25.23 25.64 -13.88
CA TYR B 634 25.02 24.84 -15.08
C TYR B 634 24.85 25.70 -16.34
N LEU B 635 23.83 26.55 -16.36
CA LEU B 635 23.50 27.32 -17.58
C LEU B 635 24.50 28.40 -18.02
N HIS B 636 25.49 28.76 -17.20
CA HIS B 636 26.21 30.02 -17.40
C HIS B 636 27.03 30.20 -18.69
N GLY B 637 27.25 29.14 -19.46
CA GLY B 637 27.85 29.32 -20.79
C GLY B 637 26.92 29.76 -21.92
N ILE B 638 25.72 29.20 -21.98
CA ILE B 638 24.93 29.15 -23.24
C ILE B 638 24.81 30.42 -24.11
N GLU B 639 25.02 31.63 -23.55
CA GLU B 639 25.07 32.85 -24.39
C GLU B 639 26.01 32.64 -25.57
N SER B 640 27.14 31.97 -25.30
CA SER B 640 28.26 31.84 -26.23
C SER B 640 28.18 30.78 -27.34
N LEU B 641 27.10 29.99 -27.42
CA LEU B 641 27.02 28.92 -28.42
C LEU B 641 26.31 29.36 -29.70
N GLN B 642 26.81 30.40 -30.34
CA GLN B 642 26.06 31.13 -31.40
C GLN B 642 25.38 30.26 -32.47
N THR B 643 25.86 29.04 -32.66
CA THR B 643 25.20 28.05 -33.50
C THR B 643 23.86 27.51 -32.96
N LEU B 644 23.67 27.60 -31.63
CA LEU B 644 22.49 27.07 -30.89
C LEU B 644 21.15 27.41 -31.55
N TYR B 645 20.28 26.43 -31.67
CA TYR B 645 19.03 26.60 -32.41
C TYR B 645 17.82 25.80 -31.89
N GLU B 646 18.01 24.98 -30.87
CA GLU B 646 16.91 24.19 -30.33
C GLU B 646 17.43 23.68 -29.00
N LEU B 647 16.87 24.23 -27.93
CA LEU B 647 17.23 23.88 -26.57
C LEU B 647 16.09 23.14 -25.91
N ASP B 648 16.44 22.06 -25.22
CA ASP B 648 15.53 21.34 -24.35
C ASP B 648 16.16 21.41 -22.98
N TYR B 649 15.56 22.19 -22.06
CA TYR B 649 16.07 22.38 -20.69
C TYR B 649 15.14 21.75 -19.65
N TRP B 650 15.57 20.64 -19.06
CA TRP B 650 14.95 20.07 -17.85
C TRP B 650 15.63 20.70 -16.64
N PRO B 651 14.95 21.61 -15.92
CA PRO B 651 15.51 22.11 -14.65
C PRO B 651 15.52 21.07 -13.54
N PRO B 652 16.29 21.32 -12.48
CA PRO B 652 16.46 20.34 -11.41
C PRO B 652 15.28 20.29 -10.48
N GLN B 653 15.24 19.22 -9.71
CA GLN B 653 14.12 18.81 -8.88
C GLN B 653 14.43 19.08 -7.39
N ASP B 654 13.49 19.64 -6.64
CA ASP B 654 13.66 19.74 -5.17
C ASP B 654 13.10 18.49 -4.57
N LYS B 655 13.85 17.94 -3.61
CA LYS B 655 13.60 16.59 -3.09
C LYS B 655 12.11 16.24 -3.13
N ASP B 656 11.33 17.00 -2.35
CA ASP B 656 9.90 16.74 -2.17
C ASP B 656 9.02 17.98 -2.48
N VAL B 657 9.05 18.34 -3.76
CA VAL B 657 7.90 18.90 -4.51
C VAL B 657 8.14 18.59 -5.98
N HIS B 658 7.06 18.21 -6.69
CA HIS B 658 7.14 17.78 -8.10
C HIS B 658 6.64 18.88 -9.07
N HIS B 659 7.19 20.07 -8.88
CA HIS B 659 7.26 21.08 -9.93
C HIS B 659 8.74 21.37 -10.04
N ARG B 660 9.28 21.22 -11.22
CA ARG B 660 10.61 21.72 -11.48
C ARG B 660 10.36 23.05 -12.09
N SER B 661 10.99 24.09 -11.55
CA SER B 661 10.76 25.45 -12.07
C SER B 661 12.00 26.32 -12.04
N LEU B 662 12.03 27.26 -12.98
CA LEU B 662 13.21 28.07 -13.21
C LEU B 662 13.40 29.08 -12.10
N THR B 663 14.64 29.54 -11.97
CA THR B 663 15.02 30.58 -11.04
C THR B 663 15.49 31.74 -11.88
N LEU B 664 15.83 32.86 -11.25
CA LEU B 664 16.19 34.06 -12.00
C LEU B 664 17.33 33.82 -13.01
N PRO B 665 18.49 33.32 -12.53
CA PRO B 665 19.63 33.23 -13.44
C PRO B 665 19.31 32.43 -14.68
N ALA B 666 18.56 31.35 -14.50
CA ALA B 666 18.24 30.44 -15.57
C ALA B 666 17.50 31.12 -16.71
N VAL B 667 16.56 31.97 -16.33
CA VAL B 667 15.75 32.63 -17.33
C VAL B 667 16.58 33.71 -17.97
N GLY B 668 17.39 34.41 -17.16
CA GLY B 668 18.32 35.43 -17.67
C GLY B 668 19.33 34.93 -18.69
N LEU B 669 19.91 33.77 -18.41
CA LEU B 669 20.90 33.15 -19.29
C LEU B 669 20.31 32.54 -20.54
N ILE B 670 19.16 31.89 -20.42
CA ILE B 670 18.46 31.29 -21.57
C ILE B 670 17.94 32.40 -22.50
N GLN B 671 17.51 33.50 -21.92
CA GLN B 671 17.11 34.69 -22.66
C GLN B 671 18.19 35.15 -23.64
N ARG B 672 19.45 35.02 -23.24
CA ARG B 672 20.57 35.44 -24.08
C ARG B 672 20.90 34.55 -25.29
N CYS B 673 20.35 33.34 -25.39
CA CYS B 673 20.60 32.51 -26.58
C CYS B 673 19.82 33.05 -27.77
N VAL B 674 20.46 33.98 -28.48
CA VAL B 674 19.71 34.89 -29.35
C VAL B 674 19.24 34.20 -30.64
N GLY B 675 19.86 33.08 -30.92
CA GLY B 675 19.55 32.31 -32.08
C GLY B 675 18.78 31.02 -32.08
N LEU B 676 17.89 30.91 -31.12
CA LEU B 676 17.05 29.77 -30.98
C LEU B 676 15.71 29.96 -31.57
N ARG B 677 15.23 29.00 -32.33
CA ARG B 677 13.92 29.14 -32.87
C ARG B 677 13.02 28.34 -31.99
N LYS B 678 13.55 27.28 -31.42
CA LYS B 678 12.77 26.45 -30.50
C LYS B 678 13.38 26.35 -29.09
N LEU B 679 12.54 26.55 -28.06
CA LEU B 679 12.94 26.46 -26.65
C LEU B 679 11.87 25.69 -25.83
N PHE B 680 12.28 24.62 -25.15
CA PHE B 680 11.38 23.68 -24.46
C PHE B 680 11.83 23.42 -23.04
N ILE B 681 11.03 23.87 -22.07
CA ILE B 681 11.38 23.81 -20.65
C ILE B 681 10.57 22.74 -19.93
N HIS B 682 11.24 21.68 -19.51
CA HIS B 682 10.56 20.54 -18.89
C HIS B 682 10.46 20.78 -17.38
N GLY B 683 9.52 21.69 -17.08
CA GLY B 683 9.32 22.33 -15.78
C GLY B 683 8.35 23.49 -16.02
N THR B 684 8.22 24.44 -15.09
CA THR B 684 7.31 25.60 -15.26
C THR B 684 7.96 26.91 -14.92
N THR B 685 7.26 28.01 -15.19
CA THR B 685 7.54 29.34 -14.58
C THR B 685 6.40 30.26 -14.62
N HIS B 686 6.46 31.24 -13.73
CA HIS B 686 5.43 32.27 -13.62
C HIS B 686 5.61 33.35 -14.66
N GLU B 687 4.57 34.15 -14.81
CA GLU B 687 4.45 35.10 -15.91
C GLU B 687 5.53 36.18 -15.95
N HIS B 688 6.06 36.59 -14.79
CA HIS B 688 7.21 37.51 -14.77
C HIS B 688 8.36 36.90 -15.56
N PHE B 689 8.72 35.69 -15.20
CA PHE B 689 9.83 34.97 -15.81
C PHE B 689 9.54 34.42 -17.19
N MET B 690 8.29 34.42 -17.61
CA MET B 690 7.95 33.93 -18.94
C MET B 690 8.38 34.97 -19.96
N THR B 691 8.04 36.23 -19.68
CA THR B 691 8.28 37.30 -20.62
C THR B 691 9.74 37.58 -20.93
N PHE B 692 10.67 37.07 -20.12
CA PHE B 692 12.10 37.16 -20.47
C PHE B 692 12.35 36.71 -21.90
N PHE B 693 11.75 35.58 -22.28
CA PHE B 693 11.99 34.92 -23.58
C PHE B 693 11.45 35.63 -24.83
N LEU B 694 10.53 36.57 -24.67
CA LEU B 694 10.03 37.31 -25.82
C LEU B 694 11.16 38.10 -26.47
N SER B 695 12.11 38.55 -25.64
CA SER B 695 13.35 39.21 -26.10
C SER B 695 14.10 38.43 -27.17
N ILE B 696 14.11 37.09 -27.07
CA ILE B 696 14.73 36.23 -28.09
C ILE B 696 14.03 36.46 -29.45
N PRO B 697 14.75 37.09 -30.40
CA PRO B 697 14.13 37.77 -31.55
C PRO B 697 13.40 36.91 -32.57
N ASN B 698 13.91 35.72 -32.86
CA ASN B 698 13.25 34.79 -33.80
C ASN B 698 12.64 33.49 -33.18
N LEU B 699 12.89 33.29 -31.89
CA LEU B 699 12.25 32.22 -31.10
C LEU B 699 10.73 32.16 -31.37
N ARG B 700 10.29 30.98 -31.84
CA ARG B 700 8.95 30.73 -32.38
C ARG B 700 8.22 29.61 -31.61
N ASP B 701 8.79 28.41 -31.60
CA ASP B 701 8.24 27.30 -30.82
C ASP B 701 8.70 27.43 -29.35
N MET B 702 7.77 27.61 -28.42
CA MET B 702 8.09 27.69 -27.00
C MET B 702 6.97 27.06 -26.22
N GLN B 703 7.30 26.15 -25.32
CA GLN B 703 6.30 25.48 -24.48
C GLN B 703 6.88 24.97 -23.16
N LEU B 704 6.02 24.83 -22.16
CA LEU B 704 6.39 24.25 -20.90
C LEU B 704 5.83 22.82 -21.08
N ARG B 705 6.71 21.83 -21.02
CA ARG B 705 6.31 20.46 -21.31
C ARG B 705 6.67 19.71 -20.03
N GLU B 706 5.68 19.51 -19.17
CA GLU B 706 5.87 18.85 -17.88
C GLU B 706 5.65 17.37 -18.02
N ASP B 707 6.46 16.74 -18.88
CA ASP B 707 6.32 15.33 -19.28
C ASP B 707 6.96 14.34 -18.30
N TYR B 708 6.49 14.37 -17.06
CA TYR B 708 6.99 13.55 -15.99
C TYR B 708 5.87 13.19 -15.04
N TYR B 709 5.84 11.92 -14.61
CA TYR B 709 4.80 11.45 -13.71
C TYR B 709 5.18 11.70 -12.23
N PRO B 710 4.30 12.33 -11.43
CA PRO B 710 3.00 12.91 -11.82
C PRO B 710 3.02 14.40 -12.16
N ALA B 711 2.55 14.76 -13.35
CA ALA B 711 2.32 16.16 -13.74
C ALA B 711 1.15 17.11 -13.35
N PRO B 712 1.38 18.15 -12.49
CA PRO B 712 0.22 18.72 -11.71
C PRO B 712 -0.96 19.69 -11.54
N GLU B 713 -1.16 20.61 -12.50
CA GLU B 713 -2.08 21.82 -12.35
C GLU B 713 -2.38 22.10 -13.87
N ASN B 714 -3.30 22.98 -14.27
CA ASN B 714 -4.28 23.75 -13.48
C ASN B 714 -5.55 23.83 -12.69
N ASP B 715 -6.43 22.85 -12.82
CA ASP B 715 -7.64 22.79 -11.98
C ASP B 715 -7.26 22.96 -10.49
N LEU B 716 -5.99 22.71 -10.16
CA LEU B 716 -5.38 23.07 -8.87
C LEU B 716 -4.29 24.13 -9.10
N MET B 717 -4.21 25.11 -8.18
CA MET B 717 -3.17 26.15 -8.22
C MET B 717 -2.00 25.56 -7.43
N PHE B 718 -1.31 24.64 -8.09
CA PHE B 718 -0.27 23.80 -7.48
C PHE B 718 1.14 24.35 -7.70
N THR B 719 1.35 25.10 -8.79
CA THR B 719 2.66 25.66 -9.12
C THR B 719 2.54 27.16 -9.28
N GLU B 720 3.64 27.79 -9.70
CA GLU B 720 3.68 29.25 -9.91
C GLU B 720 2.86 29.60 -11.11
N MET B 721 2.82 28.70 -12.09
CA MET B 721 2.15 28.97 -13.36
C MET B 721 0.63 28.97 -13.27
N ARG B 722 0.02 29.78 -14.14
CA ARG B 722 -1.44 29.84 -14.35
C ARG B 722 -1.69 29.83 -15.90
N ALA B 723 -2.69 29.09 -16.38
CA ALA B 723 -2.93 29.01 -17.85
C ALA B 723 -3.37 30.35 -18.41
N GLU B 724 -4.14 31.09 -17.62
CA GLU B 724 -4.37 32.49 -17.89
C GLU B 724 -3.07 33.19 -18.33
N SER B 725 -1.96 32.93 -17.63
CA SER B 725 -0.68 33.59 -17.93
C SER B 725 -0.07 33.13 -19.25
N TRP B 726 0.00 31.81 -19.44
CA TRP B 726 0.70 31.25 -20.61
C TRP B 726 -0.04 31.44 -21.91
N LEU B 727 -1.37 31.39 -21.86
CA LEU B 727 -2.18 31.71 -23.03
C LEU B 727 -1.95 33.15 -23.41
N ARG B 728 -1.74 34.01 -22.42
CA ARG B 728 -1.37 35.40 -22.67
C ARG B 728 0.04 35.50 -23.22
N PHE B 729 0.98 34.78 -22.59
CA PHE B 729 2.36 34.79 -23.06
C PHE B 729 2.46 34.35 -24.51
N GLU B 730 1.65 33.37 -24.87
CA GLU B 730 1.67 32.79 -26.20
C GLU B 730 1.18 33.74 -27.29
N VAL B 731 0.32 34.71 -26.93
CA VAL B 731 -0.10 35.77 -27.87
C VAL B 731 1.10 36.66 -28.21
N GLN B 732 1.70 37.29 -27.20
CA GLN B 732 2.92 38.10 -27.37
C GLN B 732 4.06 37.35 -28.11
N LEU B 733 4.07 36.02 -28.01
CA LEU B 733 5.06 35.17 -28.66
C LEU B 733 4.90 35.16 -30.19
N ASN B 734 3.68 34.98 -30.69
CA ASN B 734 3.41 35.11 -32.13
C ASN B 734 2.52 36.32 -32.49
N SER B 735 2.74 37.41 -31.75
CA SER B 735 2.32 38.77 -32.12
C SER B 735 3.54 39.69 -32.19
N ARG B 736 4.71 39.08 -32.43
CA ARG B 736 5.94 39.79 -32.77
C ARG B 736 6.32 39.37 -34.19
N GLN B 737 7.15 40.19 -34.83
CA GLN B 737 7.57 39.97 -36.21
C GLN B 737 8.79 39.05 -36.22
N ILE B 738 8.62 37.86 -36.80
CA ILE B 738 9.60 36.78 -36.74
C ILE B 738 9.81 36.23 -38.16
N ASP B 739 11.01 35.74 -38.43
CA ASP B 739 11.39 35.25 -39.74
C ASP B 739 10.73 33.88 -40.02
N LEU C 17 20.91 2.15 -78.61
CA LEU C 17 19.93 3.08 -79.25
C LEU C 17 20.44 4.52 -79.21
N LYS C 18 19.75 5.41 -79.95
CA LYS C 18 20.17 6.81 -80.16
C LYS C 18 19.17 7.82 -79.57
N SER C 19 19.55 9.10 -79.61
CA SER C 19 18.73 10.20 -79.06
C SER C 19 17.71 10.73 -80.08
N GLU C 29 23.22 0.25 -76.51
CA GLU C 29 22.02 -0.55 -76.67
C GLU C 29 21.91 -1.71 -75.64
N ALA C 30 23.03 -2.13 -75.04
CA ALA C 30 23.07 -3.24 -74.06
C ALA C 30 22.82 -2.61 -72.68
N VAL C 31 21.96 -3.26 -71.88
CA VAL C 31 21.46 -2.77 -70.56
C VAL C 31 20.79 -1.38 -70.53
N ALA C 32 19.81 -1.20 -71.43
CA ALA C 32 18.83 -0.09 -71.37
C ALA C 32 17.44 -0.66 -71.08
N LEU C 33 17.43 -1.78 -70.35
CA LEU C 33 16.24 -2.58 -70.07
C LEU C 33 15.25 -1.86 -69.13
N GLU C 34 15.77 -0.97 -68.28
CA GLU C 34 15.11 -0.54 -67.03
C GLU C 34 13.83 0.26 -67.29
N SER C 35 13.91 1.22 -68.20
CA SER C 35 12.77 2.12 -68.49
C SER C 35 11.53 1.37 -69.02
N GLN C 36 10.36 1.91 -68.70
CA GLN C 36 9.08 1.35 -69.14
C GLN C 36 8.86 1.67 -70.61
N ALA C 39 10.97 -0.91 -71.93
CA ALA C 39 10.86 -2.26 -72.49
C ALA C 39 9.41 -2.58 -72.83
N PRO C 52 15.29 4.14 -79.73
CA PRO C 52 15.61 5.48 -80.19
C PRO C 52 14.39 6.41 -80.32
N LEU C 53 14.42 7.57 -79.63
CA LEU C 53 13.32 8.56 -79.65
C LEU C 53 13.84 9.99 -79.35
N PRO C 54 13.77 10.93 -80.33
CA PRO C 54 14.09 12.34 -80.04
C PRO C 54 13.07 13.06 -79.14
N ASN C 55 13.29 12.96 -77.83
CA ASN C 55 12.75 13.90 -76.82
C ASN C 55 13.84 14.24 -75.81
N VAL C 56 14.47 13.20 -75.27
CA VAL C 56 15.72 13.32 -74.53
C VAL C 56 16.85 13.23 -75.56
N THR C 57 17.31 14.38 -76.06
CA THR C 57 18.40 14.44 -77.05
C THR C 57 19.77 14.13 -76.41
N SER C 58 20.77 13.90 -77.27
CA SER C 58 22.06 13.29 -76.90
C SER C 58 22.70 13.85 -75.62
N LYS C 59 22.74 15.17 -75.51
CA LYS C 59 23.24 15.86 -74.31
C LYS C 59 22.55 15.37 -73.05
N ILE C 60 21.23 15.30 -73.13
CA ILE C 60 20.37 14.97 -71.99
C ILE C 60 20.40 13.45 -71.72
N LEU C 61 20.28 12.64 -72.77
CA LEU C 61 20.28 11.18 -72.60
C LEU C 61 21.68 10.61 -72.31
N ALA C 62 22.73 11.34 -72.66
CA ALA C 62 24.11 10.93 -72.34
C ALA C 62 24.23 10.59 -70.86
N LYS C 63 23.87 11.57 -70.02
CA LYS C 63 23.87 11.39 -68.55
C LYS C 63 23.08 10.16 -68.12
N VAL C 64 21.87 9.99 -68.67
CA VAL C 64 20.97 8.89 -68.27
C VAL C 64 21.67 7.53 -68.36
N ILE C 65 22.55 7.38 -69.35
CA ILE C 65 23.34 6.14 -69.51
C ILE C 65 24.40 5.99 -68.40
N GLU C 66 25.04 7.09 -68.01
CA GLU C 66 26.09 7.09 -66.97
C GLU C 66 25.65 6.42 -65.67
N TYR C 67 24.55 6.92 -65.12
CA TYR C 67 23.96 6.38 -63.89
C TYR C 67 23.39 4.96 -64.10
N CYS C 68 22.79 4.71 -65.27
CA CYS C 68 22.12 3.43 -65.55
C CYS C 68 23.11 2.25 -65.59
N LYS C 69 24.21 2.41 -66.31
CA LYS C 69 25.30 1.39 -66.33
C LYS C 69 26.19 1.39 -65.08
N ARG C 70 26.13 2.44 -64.27
CA ARG C 70 26.72 2.41 -62.91
C ARG C 70 25.92 1.48 -61.98
N HIS C 71 24.63 1.30 -62.28
CA HIS C 71 23.74 0.36 -61.58
C HIS C 71 23.88 -1.10 -62.06
N VAL C 72 24.70 -1.33 -63.08
CA VAL C 72 25.17 -2.68 -63.45
C VAL C 72 26.10 -3.20 -62.36
N GLU C 73 26.99 -2.33 -61.87
CA GLU C 73 27.87 -2.65 -60.74
C GLU C 73 27.08 -3.02 -59.48
N ALA C 74 25.99 -2.29 -59.24
CA ALA C 74 25.11 -2.52 -58.07
C ALA C 74 24.36 -3.87 -58.15
N ALA C 75 23.83 -4.19 -59.33
CA ALA C 75 23.17 -5.47 -59.56
C ALA C 75 24.17 -6.62 -59.61
N ALA C 76 25.28 -6.42 -60.32
CA ALA C 76 26.28 -7.48 -60.56
C ALA C 76 27.17 -7.81 -59.36
N SER C 77 27.51 -6.80 -58.54
CA SER C 77 28.35 -7.03 -57.33
C SER C 77 27.64 -7.87 -56.25
N LYS C 78 26.31 -7.99 -56.34
CA LYS C 78 25.55 -8.97 -55.54
C LYS C 78 25.90 -10.41 -55.93
N ALA C 79 26.08 -10.65 -57.24
CA ALA C 79 26.46 -11.97 -57.78
C ALA C 79 27.87 -12.41 -57.36
N GLU C 80 28.82 -11.47 -57.35
CA GLU C 80 30.19 -11.71 -56.81
C GLU C 80 30.19 -11.51 -55.28
N ALA C 81 31.28 -11.82 -54.56
CA ALA C 81 32.47 -12.54 -55.03
C ALA C 81 32.68 -13.83 -54.22
N VAL C 82 32.85 -13.68 -52.90
CA VAL C 82 33.00 -14.80 -51.95
C VAL C 82 31.74 -14.87 -51.04
N GLU C 83 31.41 -16.07 -50.54
CA GLU C 83 30.13 -16.36 -49.83
C GLU C 83 29.64 -15.33 -48.78
N GLY C 84 30.54 -14.66 -48.08
CA GLY C 84 30.19 -13.72 -47.01
C GLY C 84 29.61 -12.39 -47.46
N ALA C 85 30.16 -11.30 -46.91
CA ALA C 85 29.63 -9.94 -47.10
C ALA C 85 30.55 -8.91 -46.43
N ALA C 86 31.10 -7.88 -47.10
CA ALA C 86 30.98 -7.58 -48.54
C ALA C 86 29.59 -7.17 -49.09
N THR C 87 28.64 -6.84 -48.19
CA THR C 87 27.30 -6.33 -48.59
C THR C 87 26.79 -5.19 -47.69
N SER C 88 27.65 -4.20 -47.44
CA SER C 88 27.21 -2.86 -47.02
C SER C 88 27.94 -1.77 -47.84
N ASP C 89 28.26 -2.10 -49.11
CA ASP C 89 28.80 -1.16 -50.11
C ASP C 89 27.78 -0.79 -51.22
N ASP C 90 26.71 -1.56 -51.36
CA ASP C 90 25.52 -1.18 -52.16
C ASP C 90 24.52 -0.42 -51.29
N ASP C 91 24.28 -0.96 -50.09
CA ASP C 91 23.34 -0.38 -49.13
C ASP C 91 23.79 1.00 -48.61
N LEU C 92 25.11 1.22 -48.53
CA LEU C 92 25.67 2.51 -48.08
C LEU C 92 26.62 3.14 -49.11
N LYS C 93 27.75 2.49 -49.39
CA LYS C 93 28.83 3.09 -50.19
C LYS C 93 28.55 3.28 -51.70
N ALA C 94 27.50 2.66 -52.23
CA ALA C 94 27.08 2.92 -53.62
C ALA C 94 26.46 4.32 -53.79
N TRP C 95 26.00 4.92 -52.69
CA TRP C 95 25.50 6.30 -52.69
C TRP C 95 26.59 7.39 -52.90
N ASP C 96 27.88 7.02 -52.86
CA ASP C 96 28.99 7.93 -53.24
C ASP C 96 28.67 8.72 -54.51
N ALA C 97 28.66 8.00 -55.65
CA ALA C 97 28.45 8.60 -56.96
C ALA C 97 26.98 8.99 -57.21
N ASP C 98 26.05 8.48 -56.40
CA ASP C 98 24.67 8.98 -56.39
C ASP C 98 24.61 10.46 -56.02
N PHE C 99 25.33 10.84 -54.97
CA PHE C 99 25.43 12.24 -54.53
C PHE C 99 26.42 13.09 -55.37
N MET C 100 27.24 12.43 -56.20
CA MET C 100 27.91 13.08 -57.34
C MET C 100 26.93 13.06 -58.53
N LYS C 101 27.42 13.26 -59.75
CA LYS C 101 26.60 13.19 -60.99
C LYS C 101 25.50 14.25 -61.15
N ILE C 102 25.35 15.16 -60.17
CA ILE C 102 24.29 16.16 -60.17
C ILE C 102 24.99 17.50 -59.88
N ASP C 103 25.85 17.91 -60.81
CA ASP C 103 26.74 19.06 -60.62
C ASP C 103 25.88 19.60 -61.77
N GLN C 104 25.56 20.88 -61.74
CA GLN C 104 24.83 21.44 -62.88
C GLN C 104 23.52 21.48 -63.58
N ALA C 105 22.47 21.46 -62.78
CA ALA C 105 21.16 21.60 -63.31
C ALA C 105 20.89 22.96 -63.85
N THR C 106 20.09 23.08 -64.90
CA THR C 106 19.48 21.96 -65.57
C THR C 106 20.58 21.08 -66.09
N LEU C 107 20.60 19.79 -65.78
CA LEU C 107 19.67 19.01 -64.93
C LEU C 107 18.14 19.16 -64.92
N PHE C 108 17.62 20.32 -64.49
CA PHE C 108 16.17 20.67 -64.46
C PHE C 108 15.47 19.93 -65.56
N GLU C 109 16.06 19.86 -66.74
CA GLU C 109 15.37 19.05 -67.76
C GLU C 109 15.64 17.52 -67.66
N LEU C 110 16.50 17.09 -66.74
CA LEU C 110 16.86 15.66 -66.52
C LEU C 110 15.72 14.95 -65.78
N ILE C 111 15.01 15.72 -64.95
CA ILE C 111 13.80 15.23 -64.30
C ILE C 111 12.73 14.87 -65.35
N LEU C 112 12.51 15.75 -66.33
CA LEU C 112 11.59 15.47 -67.44
C LEU C 112 12.05 14.30 -68.35
N ALA C 113 13.37 14.09 -68.41
CA ALA C 113 13.97 12.90 -69.08
C ALA C 113 13.83 11.62 -68.24
N ALA C 114 14.08 11.74 -66.94
CA ALA C 114 13.80 10.65 -65.99
C ALA C 114 12.29 10.41 -65.79
N ASN C 115 11.45 11.37 -66.21
CA ASN C 115 9.98 11.20 -66.30
C ASN C 115 9.55 10.50 -67.60
N TYR C 116 10.09 10.94 -68.73
CA TYR C 116 9.87 10.30 -70.04
C TYR C 116 10.16 8.80 -69.96
N LEU C 117 11.33 8.47 -69.41
CA LEU C 117 11.77 7.09 -69.16
C LEU C 117 11.20 6.89 -67.75
N ASN C 118 10.38 5.85 -67.54
CA ASN C 118 9.66 5.67 -66.23
C ASN C 118 10.68 4.78 -65.49
N ILE C 119 11.58 5.46 -64.78
CA ILE C 119 12.70 4.86 -64.05
C ILE C 119 12.72 5.43 -62.64
N LYS C 120 12.24 4.67 -61.65
CA LYS C 120 12.06 5.22 -60.30
C LYS C 120 13.32 5.70 -59.57
N ASN C 121 14.29 4.80 -59.39
CA ASN C 121 15.50 5.09 -58.58
C ASN C 121 16.38 6.28 -59.03
N LEU C 122 16.22 6.70 -60.30
CA LEU C 122 16.87 7.91 -60.83
C LEU C 122 16.03 9.17 -60.55
N LEU C 123 14.70 9.08 -60.70
CA LEU C 123 13.81 10.19 -60.34
C LEU C 123 13.95 10.48 -58.85
N ASP C 124 13.67 9.46 -58.03
CA ASP C 124 13.90 9.48 -56.57
C ASP C 124 15.22 10.18 -56.19
N LEU C 125 16.29 9.89 -56.93
CA LEU C 125 17.62 10.46 -56.66
C LEU C 125 17.73 11.95 -56.96
N THR C 126 17.38 12.36 -58.18
CA THR C 126 17.48 13.78 -58.58
C THR C 126 16.39 14.65 -57.93
N CYS C 127 15.18 14.11 -57.79
CA CYS C 127 14.10 14.80 -57.06
C CYS C 127 14.42 15.04 -55.57
N GLN C 128 15.18 14.13 -54.97
CA GLN C 128 15.73 14.32 -53.62
C GLN C 128 16.78 15.44 -53.61
N THR C 129 17.66 15.49 -54.62
CA THR C 129 18.76 16.48 -54.66
C THR C 129 18.30 17.91 -54.96
N VAL C 130 17.10 18.03 -55.55
CA VAL C 130 16.37 19.32 -55.64
C VAL C 130 15.76 19.71 -54.28
N ALA C 131 15.26 18.71 -53.54
CA ALA C 131 14.83 18.92 -52.16
C ALA C 131 15.92 19.66 -51.35
N ASP C 132 17.13 19.09 -51.33
CA ASP C 132 18.25 19.59 -50.52
C ASP C 132 18.70 21.02 -50.87
N MET C 133 18.37 21.46 -52.09
CA MET C 133 18.50 22.86 -52.48
C MET C 133 17.44 23.74 -51.77
N ILE C 134 16.18 23.29 -51.72
CA ILE C 134 15.12 24.07 -51.05
C ILE C 134 15.03 24.20 -49.53
N LYS C 135 16.09 23.73 -48.86
CA LYS C 135 16.16 23.72 -47.40
C LYS C 135 16.45 24.91 -46.49
N GLY C 136 17.62 25.53 -46.66
CA GLY C 136 18.06 26.62 -45.81
C GLY C 136 17.65 27.92 -46.48
N LYS C 137 17.14 27.79 -47.71
CA LYS C 137 16.73 28.93 -48.49
C LYS C 137 15.47 29.50 -47.89
N THR C 138 15.57 30.77 -47.51
CA THR C 138 14.44 31.60 -47.11
C THR C 138 13.53 31.78 -48.34
N PRO C 139 12.27 32.21 -48.17
CA PRO C 139 11.39 32.29 -49.36
C PRO C 139 11.90 33.23 -50.48
N GLU C 140 12.71 34.22 -50.09
CA GLU C 140 13.50 35.00 -51.04
C GLU C 140 14.51 34.07 -51.74
N GLU C 141 15.46 33.51 -50.99
CA GLU C 141 16.54 32.66 -51.53
C GLU C 141 16.08 31.44 -52.36
N ILE C 142 14.82 31.04 -52.19
CA ILE C 142 14.24 29.94 -52.96
C ILE C 142 13.97 30.42 -54.37
N ARG C 143 13.19 31.49 -54.49
CA ARG C 143 12.85 32.05 -55.79
C ARG C 143 14.01 32.77 -56.52
N THR C 144 15.17 32.90 -55.87
CA THR C 144 16.43 33.28 -56.55
C THR C 144 17.04 32.10 -57.30
N THR C 145 17.31 31.03 -56.56
CA THR C 145 17.96 29.82 -57.10
C THR C 145 16.98 28.85 -57.79
N PHE C 146 15.68 29.15 -57.72
CA PHE C 146 14.66 28.56 -58.60
C PHE C 146 13.90 29.73 -59.21
N ASN C 147 14.08 29.98 -60.50
CA ASN C 147 13.54 31.21 -61.11
C ASN C 147 12.00 31.24 -61.10
N ILE C 148 11.48 31.89 -60.04
CA ILE C 148 10.08 31.84 -59.61
C ILE C 148 9.55 33.26 -59.44
N LYS C 149 8.36 33.51 -59.98
CA LYS C 149 7.69 34.81 -59.81
C LYS C 149 6.93 34.85 -58.48
N ASN C 150 7.39 35.69 -57.54
CA ASN C 150 6.61 36.00 -56.34
C ASN C 150 5.35 36.75 -56.74
N ASP C 151 4.22 36.14 -56.42
CA ASP C 151 2.91 36.66 -56.77
C ASP C 151 2.04 36.91 -55.55
N PHE C 152 2.54 36.64 -54.34
CA PHE C 152 1.67 36.70 -53.19
C PHE C 152 1.49 38.15 -52.76
N THR C 153 0.22 38.58 -52.77
CA THR C 153 -0.15 39.90 -52.29
C THR C 153 0.04 39.84 -50.78
N PRO C 154 0.71 40.85 -50.17
CA PRO C 154 0.74 40.95 -48.70
C PRO C 154 -0.63 40.87 -47.97
N GLU C 155 -1.74 41.01 -48.70
CA GLU C 155 -3.08 40.62 -48.20
C GLU C 155 -3.14 39.10 -47.95
N GLU C 156 -2.85 38.31 -48.99
CA GLU C 156 -2.82 36.84 -48.94
C GLU C 156 -1.68 36.34 -48.07
N GLU C 157 -0.48 36.87 -48.34
CA GLU C 157 0.81 36.30 -47.92
C GLU C 157 0.93 36.01 -46.42
N GLU C 158 0.64 37.00 -45.58
CA GLU C 158 0.77 36.83 -44.12
C GLU C 158 -0.43 36.14 -43.48
N GLU C 159 -1.46 35.84 -44.26
CA GLU C 159 -2.56 34.97 -43.84
C GLU C 159 -2.23 33.52 -44.18
N VAL C 160 -1.65 33.32 -45.35
CA VAL C 160 -1.10 32.02 -45.74
C VAL C 160 0.16 31.70 -44.88
N ARG C 161 0.81 32.73 -44.35
CA ARG C 161 1.86 32.56 -43.31
C ARG C 161 1.25 32.13 -41.98
N ARG C 162 0.22 32.85 -41.53
CA ARG C 162 -0.51 32.54 -40.29
C ARG C 162 -1.16 31.13 -40.28
N GLU C 163 -1.19 30.51 -41.45
CA GLU C 163 -1.42 29.06 -41.62
C GLU C 163 -0.35 28.17 -40.98
N ASN C 164 0.88 28.65 -41.05
CA ASN C 164 2.09 27.91 -40.64
C ASN C 164 2.46 28.08 -39.18
N GLN C 165 1.86 29.07 -38.54
CA GLN C 165 1.95 29.23 -37.11
C GLN C 165 0.94 28.32 -36.43
N TRP C 166 0.25 27.46 -37.18
CA TRP C 166 -0.63 26.45 -36.61
C TRP C 166 -0.09 25.05 -36.82
N ALA C 167 1.23 24.93 -36.74
CA ALA C 167 1.95 23.68 -36.95
C ALA C 167 3.32 23.80 -36.31
N PHE C 168 4.00 22.68 -36.07
CA PHE C 168 5.40 22.67 -35.63
C PHE C 168 5.68 23.07 -34.17
N GLU C 169 4.69 23.60 -33.44
CA GLU C 169 4.94 24.22 -32.11
C GLU C 169 4.45 23.32 -30.98
N ASN D 5 -10.22 -43.55 -0.90
CA ASN D 5 -10.00 -44.39 0.33
C ASN D 5 -8.60 -44.25 0.91
N ILE D 6 -7.53 -44.44 0.13
CA ILE D 6 -6.18 -44.02 0.59
C ILE D 6 -5.99 -42.51 0.42
N LEU D 7 -6.61 -41.99 -0.63
CA LEU D 7 -6.67 -40.57 -0.91
C LEU D 7 -7.40 -39.80 0.19
N GLU D 8 -8.30 -40.45 0.94
CA GLU D 8 -8.89 -39.85 2.13
C GLU D 8 -7.90 -39.88 3.28
N ALA D 9 -7.57 -41.10 3.68
CA ALA D 9 -6.90 -41.33 4.94
C ALA D 9 -5.69 -40.43 5.06
N LEU D 10 -4.78 -40.59 4.10
CA LEU D 10 -3.70 -39.64 3.92
C LEU D 10 -4.36 -38.56 3.10
N ASN D 11 -4.23 -37.30 3.51
CA ASN D 11 -5.08 -36.27 2.96
C ASN D 11 -4.42 -35.74 1.70
N VAL D 12 -4.71 -36.37 0.57
CA VAL D 12 -4.12 -35.94 -0.71
C VAL D 12 -4.96 -34.82 -1.24
N ARG D 13 -4.32 -34.02 -2.10
CA ARG D 13 -4.88 -32.76 -2.56
C ARG D 13 -4.11 -32.30 -3.79
N VAL D 14 -4.84 -31.97 -4.86
CA VAL D 14 -4.24 -31.54 -6.12
C VAL D 14 -4.76 -30.14 -6.42
N VAL D 15 -3.85 -29.18 -6.56
CA VAL D 15 -4.24 -27.74 -6.54
C VAL D 15 -3.86 -26.87 -7.71
N GLY D 16 -2.90 -27.28 -8.53
CA GLY D 16 -2.33 -26.35 -9.49
C GLY D 16 -3.20 -26.05 -10.70
N THR D 17 -2.58 -25.55 -11.77
CA THR D 17 -3.24 -25.36 -13.06
C THR D 17 -2.40 -25.69 -14.29
N GLY D 18 -1.25 -26.35 -14.12
CA GLY D 18 -0.39 -26.71 -15.25
C GLY D 18 -0.78 -28.01 -15.95
N ASP D 19 -0.06 -28.36 -16.99
CA ASP D 19 -0.13 -29.70 -17.59
C ASP D 19 0.82 -30.58 -16.78
N ARG D 20 2.06 -30.09 -16.58
CA ARG D 20 3.11 -30.76 -15.81
C ARG D 20 2.67 -30.98 -14.37
N ILE D 21 3.11 -32.07 -13.76
CA ILE D 21 2.68 -32.43 -12.39
C ILE D 21 3.87 -32.42 -11.40
N LEU D 22 3.64 -31.88 -10.20
CA LEU D 22 4.68 -31.68 -9.19
C LEU D 22 4.24 -32.31 -7.90
N PHE D 23 5.09 -33.18 -7.36
CA PHE D 23 4.79 -33.88 -6.11
C PHE D 23 5.61 -33.27 -4.98
N LEU D 24 4.90 -32.85 -3.93
CA LEU D 24 5.51 -32.30 -2.73
C LEU D 24 5.31 -33.26 -1.53
N ALA D 25 6.38 -33.98 -1.21
CA ALA D 25 6.40 -34.83 -0.04
C ALA D 25 7.27 -34.20 1.06
N HIS D 26 6.60 -33.94 2.18
CA HIS D 26 7.23 -33.50 3.41
C HIS D 26 7.89 -34.65 4.16
N GLY D 27 8.58 -34.30 5.24
CA GLY D 27 9.44 -35.24 5.98
C GLY D 27 8.74 -35.78 7.21
N PHE D 28 9.49 -36.46 8.07
CA PHE D 28 8.94 -37.02 9.29
C PHE D 28 9.08 -35.95 10.31
N GLY D 29 7.95 -35.45 10.80
CA GLY D 29 7.90 -34.43 11.85
C GLY D 29 6.86 -33.35 11.56
N THR D 30 6.69 -33.00 10.28
CA THR D 30 5.71 -32.02 9.84
C THR D 30 4.49 -32.72 9.25
N ASP D 31 3.60 -31.94 8.64
CA ASP D 31 2.58 -32.45 7.71
C ASP D 31 2.65 -31.65 6.40
N GLN D 32 1.73 -31.86 5.46
CA GLN D 32 1.81 -31.22 4.13
C GLN D 32 1.81 -29.73 4.18
N SER D 33 1.20 -29.18 5.24
CA SER D 33 1.12 -27.74 5.45
C SER D 33 2.48 -27.00 5.50
N ALA D 34 3.60 -27.68 5.74
CA ALA D 34 4.92 -27.03 5.54
C ALA D 34 4.99 -26.33 4.18
N TRP D 35 4.37 -26.95 3.18
CA TRP D 35 4.44 -26.44 1.84
C TRP D 35 3.67 -25.14 1.60
N HIS D 36 2.68 -24.84 2.44
CA HIS D 36 1.79 -23.67 2.25
C HIS D 36 2.41 -22.29 1.98
N LEU D 37 3.67 -22.08 2.36
CA LEU D 37 4.39 -20.87 1.92
C LEU D 37 5.01 -21.09 0.55
N ILE D 38 5.61 -22.26 0.33
CA ILE D 38 6.27 -22.52 -0.95
C ILE D 38 5.27 -22.73 -2.09
N LEU D 39 4.09 -23.23 -1.75
CA LEU D 39 3.08 -23.66 -2.70
C LEU D 39 2.72 -22.67 -3.85
N PRO D 40 2.32 -21.42 -3.52
CA PRO D 40 1.95 -20.47 -4.56
C PRO D 40 3.04 -20.09 -5.56
N TYR D 41 4.30 -20.44 -5.32
CA TYR D 41 5.34 -20.21 -6.35
C TYR D 41 5.16 -21.08 -7.60
N PHE D 42 4.65 -22.30 -7.42
CA PHE D 42 4.44 -23.24 -8.54
C PHE D 42 2.98 -23.51 -8.83
N THR D 43 2.09 -22.94 -8.05
CA THR D 43 0.67 -23.25 -8.14
C THR D 43 0.07 -22.91 -9.51
N GLN D 44 0.66 -21.94 -10.23
CA GLN D 44 0.12 -21.43 -11.48
C GLN D 44 0.78 -21.97 -12.76
N ASN D 45 1.81 -22.81 -12.64
CA ASN D 45 2.44 -23.49 -13.80
C ASN D 45 2.54 -25.01 -13.76
N TYR D 46 2.23 -25.59 -12.62
CA TYR D 46 2.33 -27.02 -12.38
C TYR D 46 0.99 -27.43 -11.82
N ARG D 47 0.67 -28.72 -11.87
CA ARG D 47 -0.40 -29.29 -11.03
C ARG D 47 0.32 -29.86 -9.82
N VAL D 48 0.08 -29.27 -8.66
CA VAL D 48 0.74 -29.72 -7.44
C VAL D 48 -0.15 -30.72 -6.72
N VAL D 49 0.41 -31.92 -6.48
CA VAL D 49 -0.16 -32.97 -5.66
C VAL D 49 0.60 -32.95 -4.34
N LEU D 50 -0.15 -32.95 -3.23
CA LEU D 50 0.44 -33.00 -1.88
C LEU D 50 -0.26 -34.09 -1.07
N TYR D 51 0.38 -34.54 0.01
CA TYR D 51 -0.21 -35.53 0.91
C TYR D 51 0.39 -35.49 2.31
N ASP D 52 -0.36 -36.03 3.27
CA ASP D 52 0.17 -36.36 4.60
C ASP D 52 0.60 -37.81 4.67
N LEU D 53 1.91 -38.10 4.68
CA LEU D 53 2.35 -39.47 4.97
C LEU D 53 1.87 -39.89 6.37
N VAL D 54 1.51 -41.16 6.52
CA VAL D 54 0.61 -41.64 7.61
C VAL D 54 1.02 -41.32 9.07
N CYS D 55 2.32 -41.12 9.31
CA CYS D 55 2.79 -40.75 10.63
C CYS D 55 2.65 -39.25 10.96
N ALA D 56 2.09 -38.47 10.03
CA ALA D 56 1.82 -37.05 10.25
C ALA D 56 0.71 -36.87 11.27
N GLY D 57 0.88 -35.88 12.14
CA GLY D 57 -0.11 -35.52 13.13
C GLY D 57 -1.52 -35.44 12.56
N SER D 58 -1.63 -34.84 11.39
CA SER D 58 -2.92 -34.54 10.79
C SER D 58 -3.65 -35.73 10.19
N VAL D 59 -2.97 -36.86 10.00
CA VAL D 59 -3.66 -38.11 9.64
C VAL D 59 -4.12 -38.75 10.92
N ASN D 60 -5.37 -39.22 10.91
CA ASN D 60 -5.89 -40.14 11.92
C ASN D 60 -4.75 -41.09 12.40
N PRO D 61 -4.59 -41.27 13.72
CA PRO D 61 -3.61 -42.26 14.19
C PRO D 61 -4.08 -43.70 14.01
N ASP D 62 -5.40 -43.90 13.89
CA ASP D 62 -5.94 -45.23 13.58
C ASP D 62 -5.52 -45.81 12.20
N TYR D 63 -4.88 -45.03 11.33
CA TYR D 63 -4.21 -45.59 10.14
C TYR D 63 -2.73 -45.96 10.36
N PHE D 64 -2.18 -45.73 11.55
CA PHE D 64 -0.83 -46.16 11.78
C PHE D 64 -0.88 -47.59 12.28
N ASP D 65 -0.72 -48.52 11.35
CA ASP D 65 -0.70 -49.97 11.62
C ASP D 65 0.71 -50.36 12.08
N PHE D 66 0.86 -50.66 13.37
CA PHE D 66 2.19 -50.78 13.96
C PHE D 66 3.00 -51.96 13.42
N ASN D 67 2.28 -53.04 13.07
CA ASN D 67 2.88 -54.23 12.46
C ASN D 67 2.95 -54.17 10.92
N ARG D 68 2.93 -52.94 10.39
CA ARG D 68 3.21 -52.65 8.98
C ARG D 68 4.43 -51.73 8.84
N TYR D 69 4.34 -50.51 9.39
CA TYR D 69 5.33 -49.46 9.12
C TYR D 69 6.67 -49.67 9.85
N THR D 70 7.29 -50.80 9.52
CA THR D 70 8.41 -51.39 10.25
C THR D 70 9.71 -50.99 9.57
N THR D 71 9.74 -51.19 8.25
CA THR D 71 10.84 -50.71 7.40
C THR D 71 10.40 -49.39 6.72
N LEU D 72 11.31 -48.77 5.97
CA LEU D 72 11.02 -47.54 5.21
C LEU D 72 10.24 -47.83 3.89
N ASP D 73 9.91 -49.10 3.62
CA ASP D 73 9.24 -49.51 2.38
C ASP D 73 7.73 -49.26 2.34
N PRO D 74 6.96 -49.68 3.34
CA PRO D 74 5.49 -49.58 3.24
C PRO D 74 4.92 -48.13 3.14
N TYR D 75 5.77 -47.14 3.47
CA TYR D 75 5.53 -45.74 3.15
C TYR D 75 5.55 -45.54 1.63
N VAL D 76 6.54 -46.15 0.97
CA VAL D 76 6.69 -46.09 -0.51
C VAL D 76 5.55 -46.81 -1.23
N ASP D 77 4.96 -47.83 -0.59
CA ASP D 77 3.74 -48.46 -1.12
C ASP D 77 2.67 -47.39 -1.21
N ASP D 78 2.46 -46.67 -0.09
CA ASP D 78 1.43 -45.63 0.03
C ASP D 78 1.65 -44.46 -0.94
N LEU D 79 2.93 -44.13 -1.21
CA LEU D 79 3.29 -43.12 -2.23
C LEU D 79 2.73 -43.54 -3.57
N LEU D 80 3.14 -44.73 -3.99
CA LEU D 80 2.84 -45.21 -5.32
C LEU D 80 1.34 -45.46 -5.48
N ASN D 81 0.70 -45.98 -4.44
CA ASN D 81 -0.75 -46.22 -4.48
C ASN D 81 -1.56 -44.92 -4.63
N ILE D 82 -1.06 -43.82 -4.09
CA ILE D 82 -1.61 -42.49 -4.38
C ILE D 82 -1.35 -42.18 -5.85
N VAL D 83 -0.08 -42.32 -6.24
CA VAL D 83 0.39 -42.03 -7.59
C VAL D 83 -0.43 -42.73 -8.69
N ASP D 84 -0.92 -43.93 -8.40
CA ASP D 84 -1.76 -44.67 -9.33
C ASP D 84 -3.22 -44.32 -9.19
N SER D 85 -3.74 -44.22 -7.97
CA SER D 85 -5.17 -43.91 -7.78
C SER D 85 -5.61 -42.65 -8.54
N LEU D 86 -4.66 -41.73 -8.75
CA LEU D 86 -4.79 -40.61 -9.67
C LEU D 86 -4.01 -41.05 -10.90
N GLY D 87 -4.31 -40.52 -12.08
CA GLY D 87 -3.71 -41.02 -13.33
C GLY D 87 -2.20 -40.98 -13.50
N ILE D 88 -1.47 -40.40 -12.54
CA ILE D 88 -0.13 -39.87 -12.78
C ILE D 88 0.81 -40.90 -13.37
N GLN D 89 1.10 -40.76 -14.66
CA GLN D 89 2.19 -41.52 -15.30
C GLN D 89 3.53 -40.83 -15.02
N ASN D 90 3.69 -39.57 -15.47
CA ASN D 90 4.90 -38.78 -15.20
C ASN D 90 4.70 -37.52 -14.35
N CYS D 91 5.71 -37.22 -13.52
CA CYS D 91 5.73 -36.05 -12.62
C CYS D 91 7.11 -35.86 -11.96
N ALA D 92 7.55 -34.61 -11.85
CA ALA D 92 8.67 -34.26 -10.96
C ALA D 92 8.29 -34.58 -9.49
N TYR D 93 9.29 -34.56 -8.62
CA TYR D 93 9.12 -34.94 -7.20
C TYR D 93 10.08 -34.19 -6.28
N VAL D 94 9.49 -33.41 -5.37
CA VAL D 94 10.21 -32.77 -4.30
C VAL D 94 9.95 -33.57 -3.03
N GLY D 95 11.03 -34.10 -2.45
CA GLY D 95 10.95 -34.90 -1.24
C GLY D 95 11.74 -34.23 -0.15
N HIS D 96 11.14 -34.14 1.06
CA HIS D 96 11.79 -33.58 2.25
C HIS D 96 12.69 -34.74 2.66
N SER D 97 13.52 -34.46 3.64
CA SER D 97 14.48 -35.40 4.11
C SER D 97 14.34 -36.89 4.21
N VAL D 98 13.14 -37.44 4.59
CA VAL D 98 12.96 -38.82 4.79
C VAL D 98 12.24 -39.16 3.53
N SER D 99 11.47 -38.10 3.22
CA SER D 99 10.62 -38.41 2.06
C SER D 99 11.49 -38.23 0.79
N ALA D 100 12.77 -37.85 0.96
CA ALA D 100 13.78 -37.99 -0.11
C ALA D 100 14.39 -39.40 -0.15
N MET D 101 14.49 -40.05 1.00
CA MET D 101 14.78 -41.46 1.02
C MET D 101 13.63 -42.15 0.30
N ILE D 102 12.41 -42.05 0.83
CA ILE D 102 11.21 -42.61 0.13
C ILE D 102 11.18 -42.32 -1.37
N GLY D 103 11.64 -41.13 -1.75
CA GLY D 103 11.71 -40.75 -3.16
C GLY D 103 12.61 -41.64 -3.99
N ILE D 104 13.86 -41.77 -3.56
CA ILE D 104 14.82 -42.64 -4.24
C ILE D 104 14.25 -44.05 -4.38
N ILE D 105 13.96 -44.68 -3.26
CA ILE D 105 13.41 -46.02 -3.24
C ILE D 105 12.17 -46.15 -4.14
N ALA D 106 11.34 -45.12 -4.20
CA ALA D 106 10.21 -45.11 -5.15
C ALA D 106 10.65 -45.07 -6.62
N SER D 107 11.78 -44.42 -6.91
CA SER D 107 12.29 -44.30 -8.30
C SER D 107 12.92 -45.58 -8.82
N ILE D 108 13.58 -46.29 -7.92
CA ILE D 108 14.17 -47.60 -8.22
C ILE D 108 13.08 -48.57 -8.69
N ARG D 109 11.97 -48.52 -7.99
CA ARG D 109 10.81 -49.39 -8.21
C ARG D 109 10.00 -49.04 -9.48
N ARG D 110 10.13 -47.81 -9.94
CA ARG D 110 9.36 -47.32 -11.07
C ARG D 110 10.19 -46.22 -11.73
N PRO D 111 11.20 -46.62 -12.49
CA PRO D 111 12.05 -45.64 -13.14
C PRO D 111 11.26 -44.65 -13.98
N GLU D 112 10.29 -45.16 -14.74
CA GLU D 112 9.56 -44.36 -15.74
C GLU D 112 8.72 -43.24 -15.13
N LEU D 113 8.36 -43.39 -13.84
CA LEU D 113 7.44 -42.46 -13.17
C LEU D 113 7.94 -41.03 -13.01
N PHE D 114 9.24 -40.86 -12.78
CA PHE D 114 9.75 -39.57 -12.37
C PHE D 114 10.47 -38.82 -13.49
N SER D 115 10.29 -37.50 -13.49
CA SER D 115 10.97 -36.57 -14.42
C SER D 115 12.28 -36.13 -13.80
N LYS D 116 12.17 -35.71 -12.55
CA LYS D 116 13.32 -35.33 -11.77
C LYS D 116 12.99 -35.62 -10.34
N LEU D 117 13.99 -36.07 -9.60
CA LEU D 117 13.86 -36.20 -8.18
C LEU D 117 14.55 -34.96 -7.66
N ILE D 118 13.89 -34.24 -6.77
CA ILE D 118 14.45 -33.05 -6.17
C ILE D 118 14.35 -33.26 -4.67
N LEU D 119 15.50 -33.43 -4.04
CA LEU D 119 15.59 -33.97 -2.69
C LEU D 119 16.04 -32.88 -1.73
N ILE D 120 15.22 -32.58 -0.74
CA ILE D 120 15.54 -31.50 0.19
C ILE D 120 16.09 -32.09 1.48
N GLY D 121 17.32 -31.69 1.81
CA GLY D 121 17.95 -32.09 3.07
C GLY D 121 18.17 -33.57 3.14
N PHE D 122 18.67 -34.12 2.04
CA PHE D 122 18.84 -35.57 1.89
C PHE D 122 20.13 -36.03 2.53
N SER D 123 20.04 -37.20 3.16
CA SER D 123 21.17 -37.97 3.68
C SER D 123 20.79 -39.44 3.54
N PRO D 124 21.71 -40.28 2.99
CA PRO D 124 21.40 -41.70 2.88
C PRO D 124 21.63 -42.48 4.18
N ARG D 125 22.37 -41.92 5.11
CA ARG D 125 22.45 -42.48 6.45
C ARG D 125 22.51 -41.34 7.45
N PHE D 126 21.81 -41.50 8.55
CA PHE D 126 21.83 -40.50 9.63
C PHE D 126 22.73 -40.84 10.84
N LEU D 127 22.87 -42.14 11.14
CA LEU D 127 23.73 -42.61 12.23
C LEU D 127 25.10 -43.03 11.68
N ASN D 128 26.01 -42.08 11.57
CA ASN D 128 27.41 -42.38 11.22
C ASN D 128 28.11 -43.19 12.33
N ASP D 129 29.02 -44.08 11.94
CA ASP D 129 29.70 -45.00 12.88
C ASP D 129 31.20 -45.01 12.64
N GLU D 130 31.60 -45.45 11.44
CA GLU D 130 32.95 -45.20 10.92
C GLU D 130 32.75 -44.66 9.52
N ASP D 131 33.59 -43.68 9.17
CA ASP D 131 33.42 -42.86 7.94
C ASP D 131 32.80 -43.67 6.79
N TYR D 132 31.68 -43.25 6.19
CA TYR D 132 31.15 -41.87 6.16
C TYR D 132 30.76 -41.22 7.49
N HIS D 133 31.08 -39.93 7.58
CA HIS D 133 30.65 -39.05 8.68
C HIS D 133 29.66 -38.02 8.12
N GLY D 134 28.62 -38.51 7.43
CA GLY D 134 27.60 -37.69 6.79
C GLY D 134 26.40 -37.36 7.66
N GLY D 135 26.09 -38.24 8.62
CA GLY D 135 24.98 -38.05 9.57
C GLY D 135 25.41 -37.49 10.92
N PHE D 136 24.72 -37.92 11.98
CA PHE D 136 24.94 -37.41 13.35
C PHE D 136 25.70 -38.42 14.21
N GLU D 137 26.57 -37.92 15.10
CA GLU D 137 27.45 -38.81 15.90
C GLU D 137 26.62 -39.76 16.74
N GLU D 138 27.01 -41.03 16.70
CA GLU D 138 26.20 -42.14 17.28
C GLU D 138 25.76 -41.95 18.73
N GLY D 139 26.63 -41.32 19.53
CA GLY D 139 26.35 -41.02 20.94
C GLY D 139 25.22 -40.03 21.10
N GLU D 140 25.29 -38.94 20.33
CA GLU D 140 24.27 -37.88 20.30
C GLU D 140 22.89 -38.48 20.08
N ILE D 141 22.78 -39.39 19.12
CA ILE D 141 21.51 -40.01 18.78
C ILE D 141 20.95 -40.85 19.94
N GLU D 142 21.83 -41.50 20.70
CA GLU D 142 21.41 -42.34 21.84
C GLU D 142 20.72 -41.52 22.96
N LYS D 143 20.99 -40.21 22.99
CA LYS D 143 20.27 -39.31 23.87
C LYS D 143 18.83 -39.16 23.38
N VAL D 144 18.68 -38.87 22.08
CA VAL D 144 17.39 -38.57 21.47
C VAL D 144 16.41 -39.71 21.61
N PHE D 145 16.91 -40.94 21.59
CA PHE D 145 16.07 -42.11 21.89
C PHE D 145 15.75 -42.26 23.38
N SER D 146 16.73 -41.95 24.23
CA SER D 146 16.54 -41.97 25.67
C SER D 146 15.53 -40.91 26.10
N ALA D 147 15.57 -39.75 25.45
CA ALA D 147 14.57 -38.71 25.62
C ALA D 147 13.14 -39.14 25.19
N MET D 148 13.03 -39.62 23.97
CA MET D 148 11.72 -39.96 23.37
C MET D 148 11.05 -41.19 24.02
N GLU D 149 11.88 -42.14 24.47
CA GLU D 149 11.42 -43.32 25.22
C GLU D 149 10.93 -42.94 26.62
N ALA D 150 11.57 -41.96 27.26
CA ALA D 150 11.07 -41.41 28.54
C ALA D 150 9.71 -40.75 28.35
N ASN D 151 9.60 -39.93 27.29
CA ASN D 151 8.31 -39.35 26.89
C ASN D 151 7.25 -40.45 26.64
N TYR D 152 7.64 -41.54 25.97
CA TYR D 152 6.73 -42.67 25.72
C TYR D 152 6.20 -43.31 26.99
N GLU D 153 7.11 -43.64 27.91
CA GLU D 153 6.73 -44.23 29.19
C GLU D 153 5.83 -43.23 29.92
N ALA D 154 6.23 -41.96 29.91
CA ALA D 154 5.40 -40.91 30.49
C ALA D 154 4.00 -40.85 29.87
N TRP D 155 3.89 -41.02 28.55
CA TRP D 155 2.58 -40.98 27.88
C TRP D 155 1.68 -42.21 28.11
N VAL D 156 2.25 -43.42 28.14
CA VAL D 156 1.44 -44.66 28.25
C VAL D 156 0.86 -44.87 29.65
N HIS D 157 1.57 -44.36 30.66
CA HIS D 157 1.02 -44.11 31.99
C HIS D 157 0.37 -42.75 31.77
N GLY D 158 -0.41 -42.24 32.72
CA GLY D 158 -1.26 -41.05 32.47
C GLY D 158 -0.29 -40.09 33.15
N PHE D 159 0.55 -39.38 32.38
CA PHE D 159 1.69 -38.59 32.87
C PHE D 159 1.89 -37.64 31.69
N ALA D 160 2.70 -36.60 31.88
CA ALA D 160 2.96 -35.58 30.84
C ALA D 160 4.35 -35.81 30.26
N PRO D 161 4.45 -36.06 28.94
CA PRO D 161 5.77 -36.12 28.31
C PRO D 161 6.32 -34.70 28.09
N LEU D 162 7.63 -34.52 28.17
CA LEU D 162 8.19 -33.21 27.93
C LEU D 162 9.49 -32.70 27.38
N ALA D 163 10.15 -33.51 26.57
CA ALA D 163 11.46 -33.22 26.02
C ALA D 163 11.96 -32.59 24.73
N VAL D 164 12.00 -31.27 24.70
CA VAL D 164 12.05 -30.53 23.45
C VAL D 164 13.28 -30.18 22.59
N GLY D 165 14.24 -29.59 23.26
CA GLY D 165 15.51 -29.19 22.72
C GLY D 165 16.35 -29.71 23.86
N ALA D 166 15.68 -30.37 24.80
CA ALA D 166 16.36 -30.91 25.95
C ALA D 166 17.47 -31.92 25.79
N ASP D 167 17.56 -32.55 24.64
CA ASP D 167 18.60 -33.53 24.43
C ASP D 167 20.06 -33.12 24.27
N VAL D 168 20.36 -32.38 23.21
CA VAL D 168 21.72 -31.95 22.94
C VAL D 168 21.67 -31.05 21.75
N PRO D 169 22.84 -30.40 21.44
CA PRO D 169 22.74 -29.54 20.25
C PRO D 169 23.22 -30.04 18.92
N ALA D 170 23.28 -31.36 18.76
CA ALA D 170 23.71 -31.97 17.52
C ALA D 170 22.87 -31.14 16.60
N ALA D 171 23.27 -31.00 15.35
CA ALA D 171 22.40 -30.14 14.54
C ALA D 171 21.32 -31.24 14.68
N VAL D 172 21.65 -32.26 15.49
CA VAL D 172 20.68 -33.21 16.09
C VAL D 172 19.42 -32.56 16.68
N ARG D 173 19.57 -31.53 17.52
CA ARG D 173 18.41 -30.82 18.07
C ARG D 173 17.53 -30.16 16.99
N GLU D 174 18.12 -29.30 16.15
CA GLU D 174 17.37 -28.69 15.05
C GLU D 174 16.72 -29.75 14.17
N PHE D 175 17.48 -30.82 13.87
CA PHE D 175 16.93 -32.00 13.19
C PHE D 175 15.77 -32.63 13.95
N SER D 176 15.95 -32.82 15.26
CA SER D 176 15.00 -33.58 16.07
C SER D 176 13.82 -32.92 16.75
N ARG D 177 13.68 -31.61 16.59
CA ARG D 177 12.63 -30.81 17.28
C ARG D 177 11.27 -31.31 16.78
N THR D 178 11.19 -31.48 15.47
CA THR D 178 9.92 -31.76 14.79
C THR D 178 9.43 -33.15 15.13
N LEU D 179 10.36 -34.10 15.32
CA LEU D 179 10.05 -35.49 15.64
C LEU D 179 9.21 -35.69 16.93
N PHE D 180 9.26 -34.71 17.84
CA PHE D 180 8.37 -34.72 19.00
C PHE D 180 6.95 -34.23 18.70
N ASN D 181 6.70 -33.79 17.47
CA ASN D 181 5.39 -33.25 17.08
C ASN D 181 4.32 -34.32 16.78
N MET D 182 4.68 -35.60 16.90
CA MET D 182 3.73 -36.71 16.74
C MET D 182 3.33 -37.24 18.13
N ARG D 183 2.34 -38.14 18.13
CA ARG D 183 1.85 -38.81 19.34
C ARG D 183 2.98 -39.75 19.81
N PRO D 184 3.44 -39.64 21.06
CA PRO D 184 4.82 -40.08 21.44
C PRO D 184 5.22 -41.53 21.15
N ASP D 185 4.23 -42.45 21.02
CA ASP D 185 4.50 -43.81 20.50
C ASP D 185 4.92 -43.78 19.02
N ILE D 186 4.13 -43.10 18.20
CA ILE D 186 4.42 -42.98 16.77
C ILE D 186 5.72 -42.17 16.62
N SER D 187 5.91 -41.14 17.45
CA SER D 187 7.19 -40.39 17.44
C SER D 187 8.38 -41.33 17.58
N LEU D 188 8.33 -42.13 18.65
CA LEU D 188 9.38 -43.07 19.00
C LEU D 188 9.66 -44.05 17.87
N PHE D 189 8.58 -44.68 17.39
CA PHE D 189 8.71 -45.75 16.43
C PHE D 189 9.29 -45.30 15.09
N VAL D 190 8.77 -44.20 14.56
CA VAL D 190 9.25 -43.67 13.27
C VAL D 190 10.59 -42.99 13.43
N SER D 191 10.96 -42.59 14.65
CA SER D 191 12.35 -42.15 14.93
C SER D 191 13.37 -43.27 14.67
N ARG D 192 13.00 -44.48 15.08
CA ARG D 192 13.81 -45.67 14.83
C ARG D 192 13.85 -46.04 13.33
N THR D 193 12.71 -46.01 12.64
CA THR D 193 12.71 -46.29 11.19
C THR D 193 13.42 -45.20 10.37
N VAL D 194 13.72 -44.04 10.96
CA VAL D 194 14.62 -43.03 10.36
C VAL D 194 16.07 -43.42 10.57
N PHE D 195 16.44 -43.57 11.84
CA PHE D 195 17.87 -43.61 12.23
C PHE D 195 18.66 -44.89 11.87
N ASN D 196 17.99 -46.05 11.87
CA ASN D 196 18.59 -47.27 11.30
C ASN D 196 17.89 -47.76 10.01
N SER D 197 17.48 -46.82 9.16
CA SER D 197 17.37 -47.09 7.74
C SER D 197 18.72 -46.72 7.15
N ASP D 198 19.04 -47.35 6.03
CA ASP D 198 20.34 -47.17 5.39
C ASP D 198 20.25 -47.55 3.92
N LEU D 199 20.45 -46.55 3.08
CA LEU D 199 20.50 -46.71 1.64
C LEU D 199 21.63 -45.82 1.11
N ARG D 200 22.85 -46.16 1.50
CA ARG D 200 24.05 -45.39 1.07
C ARG D 200 24.85 -46.05 -0.06
N GLY D 201 24.48 -47.27 -0.42
CA GLY D 201 24.48 -47.70 -1.81
C GLY D 201 23.70 -47.72 -3.12
N VAL D 202 22.53 -47.11 -3.15
CA VAL D 202 21.56 -47.24 -4.26
C VAL D 202 21.63 -45.78 -4.74
N LEU D 203 22.77 -45.13 -4.51
CA LEU D 203 23.01 -43.77 -4.98
C LEU D 203 23.55 -43.71 -6.41
N GLY D 204 24.29 -44.75 -6.79
CA GLY D 204 24.71 -44.97 -8.18
C GLY D 204 23.54 -45.59 -8.92
N LEU D 205 22.76 -46.37 -8.18
CA LEU D 205 21.71 -47.19 -8.75
C LEU D 205 20.46 -46.41 -9.22
N VAL D 206 20.50 -45.07 -9.29
CA VAL D 206 19.34 -44.30 -9.75
C VAL D 206 19.58 -43.66 -11.10
N ARG D 207 18.55 -43.71 -11.95
CA ARG D 207 18.63 -43.23 -13.32
C ARG D 207 18.11 -41.79 -13.41
N VAL D 208 16.81 -41.60 -13.14
CA VAL D 208 16.10 -40.30 -13.28
C VAL D 208 16.94 -39.19 -12.62
N PRO D 209 17.13 -38.04 -13.31
CA PRO D 209 18.07 -37.01 -12.82
C PRO D 209 17.70 -36.47 -11.44
N THR D 210 18.73 -36.18 -10.66
CA THR D 210 18.54 -35.86 -9.26
C THR D 210 19.19 -34.52 -8.92
N CYS D 211 18.46 -33.67 -8.19
CA CYS D 211 19.02 -32.43 -7.64
C CYS D 211 18.90 -32.45 -6.13
N VAL D 212 20.04 -32.31 -5.46
CA VAL D 212 20.07 -32.31 -4.02
C VAL D 212 20.15 -30.85 -3.60
N ILE D 213 19.22 -30.47 -2.73
CA ILE D 213 19.15 -29.12 -2.17
C ILE D 213 19.41 -29.29 -0.68
N GLN D 214 20.62 -28.97 -0.26
CA GLN D 214 21.07 -29.22 1.10
C GLN D 214 20.90 -27.96 1.92
N THR D 215 20.78 -28.12 3.24
CA THR D 215 20.70 -26.97 4.16
C THR D 215 22.14 -26.51 4.43
N ALA D 216 22.30 -25.47 5.25
CA ALA D 216 23.64 -24.94 5.53
C ALA D 216 24.27 -25.49 6.82
N LYS D 217 25.60 -25.50 6.82
CA LYS D 217 26.48 -25.46 8.01
C LYS D 217 25.83 -25.90 9.33
N ALA D 223 34.72 -33.28 -0.28
CA ALA D 223 35.09 -33.38 1.13
C ALA D 223 33.88 -33.65 2.02
N SER D 224 32.91 -32.74 2.01
CA SER D 224 31.70 -32.85 2.85
C SER D 224 30.71 -33.89 2.25
N VAL D 225 29.45 -33.86 2.72
CA VAL D 225 28.38 -34.68 2.09
C VAL D 225 28.16 -34.39 0.60
N ALA D 226 28.46 -33.15 0.17
CA ALA D 226 28.28 -32.71 -1.24
C ALA D 226 29.06 -33.55 -2.26
N GLU D 227 30.38 -33.55 -2.16
CA GLU D 227 31.23 -34.32 -3.07
C GLU D 227 31.16 -35.83 -2.76
N TYR D 228 30.88 -36.19 -1.51
CA TYR D 228 30.51 -37.57 -1.18
C TYR D 228 29.30 -38.01 -2.01
N LEU D 229 28.28 -37.14 -2.09
CA LEU D 229 27.06 -37.43 -2.85
C LEU D 229 27.33 -37.55 -4.34
N ARG D 230 27.80 -36.47 -4.97
CA ARG D 230 27.94 -36.43 -6.43
C ARG D 230 28.69 -37.63 -6.99
N SER D 231 29.83 -37.98 -6.37
CA SER D 231 30.69 -39.08 -6.84
C SER D 231 29.98 -40.43 -6.88
N HIS D 232 29.33 -40.79 -5.77
CA HIS D 232 28.64 -42.07 -5.65
C HIS D 232 27.24 -42.04 -6.30
N LEU D 233 26.60 -40.87 -6.36
CA LEU D 233 25.33 -40.73 -7.11
C LEU D 233 25.57 -40.91 -8.62
N GLY D 234 24.77 -41.76 -9.24
CA GLY D 234 24.98 -42.19 -10.63
C GLY D 234 23.80 -41.92 -11.53
N GLY D 235 23.16 -40.76 -11.32
CA GLY D 235 22.30 -40.14 -12.31
C GLY D 235 22.92 -38.82 -12.68
N ASP D 236 22.22 -38.05 -13.53
CA ASP D 236 22.55 -36.64 -13.70
C ASP D 236 22.33 -36.00 -12.34
N THR D 237 23.40 -35.52 -11.73
CA THR D 237 23.40 -35.12 -10.32
C THR D 237 23.96 -33.69 -10.15
N THR D 238 23.33 -32.97 -9.22
CA THR D 238 23.69 -31.60 -8.89
C THR D 238 23.45 -31.40 -7.38
N VAL D 239 24.44 -30.86 -6.68
CA VAL D 239 24.27 -30.53 -5.27
C VAL D 239 24.21 -29.01 -5.13
N GLU D 240 23.18 -28.53 -4.43
CA GLU D 240 22.94 -27.11 -4.19
C GLU D 240 22.92 -26.87 -2.67
N THR D 241 23.52 -25.78 -2.20
CA THR D 241 23.41 -25.37 -0.77
C THR D 241 22.78 -23.98 -0.55
N LEU D 242 21.84 -23.94 0.40
CA LEU D 242 21.23 -22.71 0.84
C LEU D 242 22.25 -22.01 1.73
N LYS D 243 22.27 -20.68 1.69
CA LYS D 243 23.10 -19.87 2.59
C LYS D 243 22.46 -19.84 3.98
N THR D 244 21.13 -19.74 4.02
CA THR D 244 20.34 -19.87 5.26
C THR D 244 20.48 -21.29 5.81
N GLU D 245 20.34 -21.43 7.13
CA GLU D 245 20.60 -22.69 7.84
C GLU D 245 19.31 -23.29 8.46
N GLY D 246 19.17 -24.61 8.46
CA GLY D 246 18.11 -25.29 9.24
C GLY D 246 17.31 -26.39 8.56
N HIS D 247 16.52 -27.12 9.37
CA HIS D 247 15.81 -28.33 8.92
C HIS D 247 14.57 -28.07 8.08
N LEU D 248 14.06 -26.83 8.04
CA LEU D 248 12.80 -26.56 7.33
C LEU D 248 12.85 -25.25 6.52
N PRO D 249 13.55 -25.27 5.37
CA PRO D 249 13.54 -24.10 4.48
C PRO D 249 12.17 -23.73 3.88
N GLN D 250 11.27 -24.70 3.76
CA GLN D 250 9.91 -24.41 3.24
C GLN D 250 9.08 -23.52 4.18
N LEU D 251 9.51 -23.43 5.44
CA LEU D 251 8.98 -22.47 6.42
C LEU D 251 10.00 -21.39 6.80
N SER D 252 11.23 -21.78 7.13
CA SER D 252 12.26 -20.80 7.53
C SER D 252 12.68 -19.81 6.44
N ALA D 253 12.58 -20.21 5.17
CA ALA D 253 13.11 -19.37 4.09
C ALA D 253 12.54 -19.68 2.70
N PRO D 254 11.19 -19.69 2.56
CA PRO D 254 10.53 -20.11 1.33
C PRO D 254 10.81 -19.21 0.17
N ALA D 255 10.98 -17.93 0.48
CA ALA D 255 11.47 -16.95 -0.46
C ALA D 255 12.69 -17.48 -1.25
N GLN D 256 13.60 -18.10 -0.50
CA GLN D 256 14.84 -18.64 -1.04
C GLN D 256 14.74 -20.10 -1.47
N LEU D 257 13.87 -20.89 -0.85
CA LEU D 257 13.77 -22.30 -1.24
C LEU D 257 13.12 -22.41 -2.60
N ALA D 258 11.96 -21.77 -2.77
CA ALA D 258 11.26 -21.75 -4.07
C ALA D 258 12.18 -21.33 -5.20
N GLN D 259 12.99 -20.31 -4.95
CA GLN D 259 14.11 -19.95 -5.82
C GLN D 259 14.92 -21.19 -6.24
N PHE D 260 15.44 -21.94 -5.27
CA PHE D 260 16.27 -23.13 -5.59
C PHE D 260 15.46 -24.22 -6.27
N LEU D 261 14.22 -24.42 -5.82
CA LEU D 261 13.29 -25.32 -6.50
C LEU D 261 13.03 -24.98 -7.97
N ARG D 262 12.83 -23.71 -8.32
CA ARG D 262 12.48 -23.40 -9.73
C ARG D 262 13.64 -23.70 -10.72
N ARG D 263 14.87 -23.52 -10.28
CA ARG D 263 16.07 -23.82 -11.07
C ARG D 263 16.39 -25.31 -11.28
N ALA D 264 15.72 -26.19 -10.56
CA ALA D 264 15.95 -27.63 -10.71
C ALA D 264 14.61 -28.29 -11.03
N LEU D 265 14.19 -28.11 -12.27
CA LEU D 265 12.96 -28.73 -12.78
C LEU D 265 13.24 -29.02 -14.28
N PRO D 266 12.25 -29.54 -15.02
CA PRO D 266 12.24 -29.47 -16.49
C PRO D 266 13.11 -28.38 -17.11
N ILE E 37 -44.46 -31.84 44.97
CA ILE E 37 -44.36 -30.79 46.04
C ILE E 37 -44.15 -29.41 45.41
N LEU E 38 -43.12 -29.30 44.59
CA LEU E 38 -42.85 -28.06 43.82
C LEU E 38 -43.96 -27.83 42.77
N ASP E 39 -44.47 -28.90 42.19
CA ASP E 39 -45.20 -28.82 40.93
C ASP E 39 -46.55 -28.09 40.96
N LEU E 40 -47.15 -27.92 42.14
CA LEU E 40 -48.56 -27.53 42.25
C LEU E 40 -49.02 -26.44 41.25
N PRO E 41 -48.35 -25.26 41.25
CA PRO E 41 -48.77 -24.19 40.34
C PRO E 41 -47.99 -24.23 39.03
N GLU E 42 -48.67 -24.47 37.91
CA GLU E 42 -48.00 -24.67 36.61
C GLU E 42 -47.41 -23.40 35.94
N PRO E 43 -48.02 -22.20 36.11
CA PRO E 43 -47.37 -21.00 35.54
C PRO E 43 -46.20 -20.47 36.38
N LEU E 44 -46.20 -20.75 37.69
CA LEU E 44 -45.10 -20.33 38.58
C LEU E 44 -43.82 -21.11 38.35
N LEU E 45 -43.93 -22.37 37.94
CA LEU E 45 -42.74 -23.18 37.63
C LEU E 45 -41.83 -22.46 36.64
N LEU E 46 -42.44 -21.96 35.57
CA LEU E 46 -41.74 -21.17 34.56
C LEU E 46 -41.01 -19.99 35.20
N HIS E 47 -41.75 -19.20 35.96
CA HIS E 47 -41.21 -18.02 36.63
C HIS E 47 -40.13 -18.34 37.68
N ILE E 48 -40.10 -19.58 38.19
CA ILE E 48 -38.95 -20.08 38.97
C ILE E 48 -37.73 -20.24 38.06
N LEU E 49 -37.92 -20.89 36.91
CA LEU E 49 -36.81 -21.17 35.98
C LEU E 49 -36.20 -19.92 35.33
N SER E 50 -37.03 -18.95 34.95
CA SER E 50 -36.55 -17.75 34.24
C SER E 50 -35.31 -17.09 34.86
N PHE E 51 -35.14 -17.26 36.18
CA PHE E 51 -33.99 -16.75 36.94
C PHE E 51 -32.83 -17.72 37.17
N LEU E 52 -32.59 -18.71 36.28
CA LEU E 52 -31.68 -19.80 36.71
C LEU E 52 -30.24 -19.35 37.08
N THR E 53 -29.45 -18.73 36.23
CA THR E 53 -29.63 -18.52 34.81
C THR E 53 -28.41 -19.14 34.15
N ASP E 54 -27.72 -20.01 34.88
CA ASP E 54 -26.57 -20.72 34.43
C ASP E 54 -27.05 -21.88 33.63
N VAL E 55 -26.27 -22.22 32.64
CA VAL E 55 -26.63 -23.28 31.77
C VAL E 55 -26.40 -24.73 32.02
N ARG E 56 -25.45 -25.00 32.87
CA ARG E 56 -25.05 -26.42 33.08
C ARG E 56 -26.11 -26.95 34.09
N SER E 57 -26.54 -26.08 35.02
CA SER E 57 -27.64 -26.40 35.98
C SER E 57 -29.01 -26.42 35.33
N ARG E 58 -29.11 -25.74 34.22
CA ARG E 58 -30.34 -25.62 33.46
C ARG E 58 -30.56 -26.86 32.60
N HIS E 59 -29.49 -27.60 32.34
CA HIS E 59 -29.61 -28.89 31.66
C HIS E 59 -30.00 -30.07 32.54
N ARG E 60 -29.63 -29.98 33.82
CA ARG E 60 -29.78 -31.07 34.77
C ARG E 60 -31.04 -30.82 35.62
N ALA E 61 -31.47 -29.57 35.71
CA ALA E 61 -32.85 -29.28 36.03
C ALA E 61 -33.39 -28.35 34.95
N ALA E 62 -33.86 -28.87 33.81
CA ALA E 62 -34.52 -30.15 33.73
C ALA E 62 -34.68 -31.59 33.25
N LEU E 63 -34.57 -31.70 31.94
CA LEU E 63 -34.80 -32.16 30.60
C LEU E 63 -34.00 -33.53 30.94
N ALA E 64 -33.27 -33.36 32.04
CA ALA E 64 -32.46 -34.41 32.68
C ALA E 64 -33.25 -35.44 33.57
N CYS E 65 -33.92 -35.02 34.64
CA CYS E 65 -34.71 -35.88 35.49
C CYS E 65 -36.14 -35.46 35.59
N GLY E 66 -36.44 -34.25 35.14
CA GLY E 66 -37.81 -33.79 35.23
C GLY E 66 -38.59 -33.35 34.01
N ARG E 67 -39.73 -33.96 33.79
CA ARG E 67 -40.52 -33.66 32.61
C ARG E 67 -41.34 -32.44 32.98
N MET E 68 -41.86 -32.34 34.21
CA MET E 68 -42.63 -31.10 34.46
C MET E 68 -41.83 -29.84 34.13
N ARG E 69 -40.49 -29.90 34.25
CA ARG E 69 -39.63 -28.92 33.57
C ARG E 69 -38.88 -29.26 32.26
N ALA E 70 -38.35 -30.48 32.11
CA ALA E 70 -37.79 -30.93 30.82
C ALA E 70 -38.68 -30.57 29.63
N ALA E 71 -40.00 -30.57 29.85
CA ALA E 71 -40.99 -30.11 28.87
C ALA E 71 -41.28 -28.61 28.97
N GLU E 72 -41.39 -28.08 30.19
CA GLU E 72 -41.71 -26.64 30.40
C GLU E 72 -40.49 -25.73 30.21
N ARG E 73 -39.35 -26.13 30.78
CA ARG E 73 -38.05 -25.51 30.48
C ARG E 73 -37.75 -25.49 28.97
N ALA E 74 -37.48 -26.67 28.40
CA ALA E 74 -37.00 -26.82 27.00
C ALA E 74 -37.82 -26.03 26.00
N THR E 75 -39.11 -25.84 26.27
CA THR E 75 -39.92 -24.94 25.46
C THR E 75 -39.90 -23.45 25.83
N ARG E 76 -40.45 -23.10 26.99
CA ARG E 76 -40.88 -21.74 27.28
C ARG E 76 -39.75 -21.16 28.10
N SER E 77 -39.36 -21.86 29.15
CA SER E 77 -38.40 -21.32 30.10
C SER E 77 -36.96 -21.56 29.65
N GLU E 78 -36.33 -20.52 29.15
CA GLU E 78 -34.87 -20.52 29.06
C GLU E 78 -34.43 -19.13 29.53
N LEU E 79 -33.12 -18.97 29.72
CA LEU E 79 -32.51 -17.70 30.13
C LEU E 79 -32.31 -16.91 28.83
N SER E 80 -33.00 -17.37 27.77
CA SER E 80 -33.22 -16.73 26.45
C SER E 80 -32.03 -16.72 25.48
N LEU E 81 -30.96 -17.46 25.82
CA LEU E 81 -29.73 -17.53 25.06
C LEU E 81 -29.41 -19.01 24.83
N ARG E 82 -28.81 -19.30 23.66
CA ARG E 82 -28.16 -20.59 23.35
C ARG E 82 -26.99 -20.34 22.40
N GLY E 83 -25.84 -20.97 22.66
CA GLY E 83 -24.77 -21.05 21.69
C GLY E 83 -24.83 -22.47 21.12
N ASP E 84 -25.38 -22.64 19.92
CA ASP E 84 -25.23 -23.89 19.13
C ASP E 84 -23.76 -24.33 19.10
N PRO E 85 -23.45 -25.62 19.39
CA PRO E 85 -22.09 -26.20 19.40
C PRO E 85 -21.65 -27.34 18.47
N ARG E 86 -22.47 -27.70 17.48
CA ARG E 86 -22.16 -28.85 16.62
C ARG E 86 -22.35 -28.22 15.23
N SER E 87 -21.88 -28.89 14.18
CA SER E 87 -22.33 -28.59 12.82
C SER E 87 -23.81 -28.90 12.66
N PRO E 88 -24.68 -27.88 12.54
CA PRO E 88 -26.07 -28.17 12.17
C PRO E 88 -26.26 -28.47 10.67
N GLY E 89 -25.16 -28.56 9.91
CA GLY E 89 -25.21 -29.10 8.56
C GLY E 89 -25.51 -30.60 8.48
N PHE E 90 -25.23 -31.37 9.53
CA PHE E 90 -25.33 -32.83 9.47
C PHE E 90 -26.24 -33.40 10.57
N LEU E 91 -26.76 -34.61 10.34
CA LEU E 91 -27.28 -35.53 11.39
C LEU E 91 -28.15 -34.93 12.51
N PHE E 92 -28.89 -33.89 12.16
CA PHE E 92 -29.65 -33.09 13.12
C PHE E 92 -31.01 -33.79 13.20
N LEU E 93 -31.17 -34.65 14.20
CA LEU E 93 -32.42 -35.37 14.50
C LEU E 93 -33.07 -34.70 15.71
N SER E 94 -34.37 -34.41 15.66
CA SER E 94 -35.05 -33.68 16.76
C SER E 94 -36.54 -33.52 16.45
N HIS E 95 -37.36 -33.31 17.49
CA HIS E 95 -38.82 -33.21 17.31
C HIS E 95 -39.45 -31.98 17.98
N ALA E 96 -39.51 -32.00 19.32
CA ALA E 96 -39.92 -30.84 20.14
C ALA E 96 -38.72 -30.40 20.98
N PHE E 97 -37.66 -30.07 20.24
CA PHE E 97 -36.48 -29.35 20.69
C PHE E 97 -36.76 -27.96 20.11
N ARG E 98 -37.83 -27.35 20.64
CA ARG E 98 -38.36 -26.09 20.17
C ARG E 98 -38.35 -25.12 21.34
N PHE E 99 -37.85 -23.91 21.13
CA PHE E 99 -37.71 -22.90 22.19
C PHE E 99 -38.43 -21.62 21.76
N PRO E 100 -39.71 -21.47 22.18
CA PRO E 100 -40.25 -20.11 22.15
C PRO E 100 -39.63 -19.30 23.28
N ALA E 101 -39.74 -17.98 23.23
CA ALA E 101 -39.14 -17.11 24.27
C ALA E 101 -37.61 -17.26 24.22
N LEU E 102 -37.02 -17.56 23.05
CA LEU E 102 -35.57 -17.70 22.92
C LEU E 102 -35.37 -16.50 22.00
N GLU E 103 -34.82 -15.44 22.57
CA GLU E 103 -34.57 -14.20 21.86
C GLU E 103 -33.18 -14.20 21.23
N HIS E 104 -32.17 -14.65 22.00
CA HIS E 104 -30.75 -14.58 21.61
C HIS E 104 -30.23 -15.91 21.12
N LEU E 105 -29.94 -16.00 19.84
CA LEU E 105 -29.36 -17.18 19.26
C LEU E 105 -27.92 -16.86 18.91
N ASP E 106 -27.00 -17.78 19.17
CA ASP E 106 -25.56 -17.59 18.91
C ASP E 106 -25.03 -18.75 18.06
N LEU E 107 -25.07 -18.55 16.75
CA LEU E 107 -24.58 -19.54 15.79
C LEU E 107 -23.07 -19.44 15.56
N SER E 108 -22.39 -18.48 16.19
CA SER E 108 -20.99 -18.20 15.88
C SER E 108 -20.02 -19.23 16.45
N LEU E 109 -20.47 -20.01 17.42
CA LEU E 109 -19.65 -21.09 17.95
C LEU E 109 -19.98 -22.45 17.35
N VAL E 110 -20.84 -22.43 16.34
CA VAL E 110 -21.02 -23.57 15.46
C VAL E 110 -19.66 -24.06 14.97
N SER E 111 -19.56 -25.37 14.76
CA SER E 111 -18.39 -25.98 14.17
C SER E 111 -18.64 -26.41 12.70
N PRO E 112 -17.58 -26.54 11.90
CA PRO E 112 -16.21 -26.17 12.29
C PRO E 112 -16.06 -24.65 12.48
N TRP E 113 -15.32 -24.26 13.53
CA TRP E 113 -15.27 -22.87 14.02
C TRP E 113 -15.10 -21.79 12.90
N GLY E 114 -14.15 -22.00 12.00
CA GLY E 114 -13.90 -21.05 10.94
C GLY E 114 -15.09 -20.87 10.00
N HIS E 115 -15.74 -21.99 9.68
CA HIS E 115 -16.47 -22.14 8.43
C HIS E 115 -17.61 -21.17 8.22
N PRO E 116 -18.07 -21.05 6.96
CA PRO E 116 -19.30 -20.29 6.63
C PRO E 116 -20.83 -20.33 6.68
N LEU E 117 -21.40 -21.32 7.37
CA LEU E 117 -22.87 -21.45 7.46
C LEU E 117 -23.56 -21.62 6.11
N LEU E 118 -24.66 -20.91 5.89
CA LEU E 118 -25.47 -21.11 4.71
C LEU E 118 -24.95 -20.06 3.75
N SER E 119 -23.87 -20.44 3.05
CA SER E 119 -23.06 -19.52 2.27
C SER E 119 -23.67 -19.45 0.88
N SER E 120 -23.78 -20.59 0.21
CA SER E 120 -24.13 -20.63 -1.22
C SER E 120 -23.10 -19.87 -2.07
N VAL E 121 -21.88 -20.39 -2.13
CA VAL E 121 -20.74 -19.74 -2.81
C VAL E 121 -20.29 -20.56 -4.02
N ILE E 148 -25.71 -23.28 -6.07
CA ILE E 148 -26.73 -24.29 -5.80
C ILE E 148 -26.81 -24.64 -4.28
N SER E 149 -27.92 -24.21 -3.66
CA SER E 149 -28.13 -24.24 -2.21
C SER E 149 -29.57 -24.66 -1.88
N GLU E 150 -29.75 -25.94 -1.60
CA GLU E 150 -31.08 -26.52 -1.41
C GLU E 150 -31.26 -26.87 0.07
N GLN E 151 -30.32 -27.66 0.60
CA GLN E 151 -30.22 -27.99 2.04
C GLN E 151 -30.10 -26.77 2.96
N ASN E 152 -29.50 -25.68 2.44
CA ASN E 152 -29.33 -24.41 3.17
C ASN E 152 -30.61 -23.81 3.74
N ALA E 153 -31.58 -23.54 2.86
CA ALA E 153 -32.91 -23.10 3.29
C ALA E 153 -33.60 -24.12 4.24
N PHE E 154 -33.32 -25.41 4.05
CA PHE E 154 -33.82 -26.45 4.94
C PHE E 154 -33.19 -26.37 6.33
N ILE E 155 -31.88 -26.14 6.36
CA ILE E 155 -31.17 -25.88 7.62
C ILE E 155 -31.82 -24.66 8.31
N ALA E 156 -31.77 -23.50 7.64
CA ALA E 156 -32.40 -22.26 8.13
C ALA E 156 -33.90 -22.38 8.48
N ALA E 157 -34.60 -23.31 7.82
CA ALA E 157 -36.00 -23.64 8.16
C ALA E 157 -36.11 -24.39 9.49
N ARG E 158 -35.22 -25.37 9.69
CA ARG E 158 -35.23 -26.15 10.94
C ARG E 158 -34.73 -25.24 12.07
N LEU E 159 -33.68 -24.46 11.80
CA LEU E 159 -33.15 -23.44 12.76
C LEU E 159 -34.20 -22.48 13.24
N ALA E 160 -34.95 -21.93 12.28
CA ALA E 160 -36.12 -21.11 12.59
C ALA E 160 -37.22 -21.89 13.31
N GLY E 161 -37.32 -23.18 12.98
CA GLY E 161 -38.19 -24.11 13.67
C GLY E 161 -37.91 -24.16 15.15
N CYS E 162 -36.68 -24.53 15.48
CA CYS E 162 -36.26 -24.67 16.88
C CYS E 162 -36.39 -23.34 17.65
N PHE E 163 -35.84 -22.28 17.06
CA PHE E 163 -35.75 -20.96 17.70
C PHE E 163 -36.46 -19.92 16.84
N PRO E 164 -37.79 -19.87 16.91
CA PRO E 164 -38.52 -18.77 16.32
C PRO E 164 -38.62 -17.61 17.32
N ALA E 165 -39.12 -16.47 16.85
CA ALA E 165 -39.25 -15.25 17.66
C ALA E 165 -37.90 -14.75 18.21
N VAL E 166 -36.87 -14.87 17.37
CA VAL E 166 -35.48 -14.63 17.75
C VAL E 166 -35.19 -13.19 17.38
N THR E 167 -34.71 -12.41 18.34
CA THR E 167 -34.43 -10.99 18.15
C THR E 167 -32.93 -10.77 18.07
N SER E 168 -32.22 -11.12 19.14
CA SER E 168 -30.75 -11.04 19.16
C SER E 168 -30.12 -12.18 18.33
N LEU E 169 -29.02 -11.90 17.66
CA LEU E 169 -28.36 -12.89 16.80
C LEU E 169 -26.89 -12.58 16.55
N ALA E 170 -26.04 -13.61 16.69
CA ALA E 170 -24.62 -13.55 16.30
C ALA E 170 -24.24 -14.68 15.33
N VAL E 171 -23.89 -14.30 14.10
CA VAL E 171 -23.53 -15.25 13.06
C VAL E 171 -22.02 -15.20 12.83
N TYR E 172 -21.46 -16.30 12.33
CA TYR E 172 -20.16 -16.24 11.67
C TYR E 172 -20.42 -16.11 10.18
N CYS E 173 -20.02 -14.98 9.63
CA CYS E 173 -20.45 -14.54 8.32
C CYS E 173 -19.20 -14.21 7.49
N ARG E 174 -18.88 -15.04 6.49
CA ARG E 174 -17.71 -14.80 5.61
C ARG E 174 -18.07 -14.14 4.29
N ASP E 175 -19.37 -14.14 3.94
CA ASP E 175 -19.87 -13.53 2.70
C ASP E 175 -21.33 -13.18 2.94
N PRO E 176 -21.77 -12.00 2.51
CA PRO E 176 -23.10 -11.48 2.92
C PRO E 176 -24.25 -12.44 2.64
N THR E 177 -24.07 -13.29 1.65
CA THR E 177 -24.92 -14.46 1.45
C THR E 177 -25.32 -15.28 2.73
N THR E 178 -24.38 -15.64 3.62
CA THR E 178 -24.73 -16.38 4.88
C THR E 178 -25.90 -15.76 5.64
N LEU E 179 -25.94 -14.42 5.69
CA LEU E 179 -27.06 -13.70 6.32
C LEU E 179 -28.28 -13.76 5.42
N ALA E 180 -28.07 -13.51 4.13
CA ALA E 180 -29.14 -13.50 3.14
C ALA E 180 -30.03 -14.75 3.21
N ASN E 181 -29.46 -15.88 3.59
CA ASN E 181 -30.20 -17.14 3.73
C ASN E 181 -30.75 -17.39 5.16
N LEU E 182 -29.99 -17.02 6.18
CA LEU E 182 -30.42 -17.14 7.58
C LEU E 182 -31.48 -16.13 8.00
N THR E 183 -31.16 -14.85 7.77
CA THR E 183 -31.93 -13.72 8.27
C THR E 183 -33.48 -13.69 7.98
N PRO E 184 -33.95 -14.14 6.77
CA PRO E 184 -35.37 -13.93 6.42
C PRO E 184 -36.36 -14.56 7.39
N HIS E 185 -35.98 -15.69 7.99
CA HIS E 185 -36.87 -16.41 8.89
C HIS E 185 -37.23 -15.63 10.15
N TRP E 186 -36.26 -14.93 10.74
CA TRP E 186 -36.51 -14.08 11.92
C TRP E 186 -36.61 -12.59 11.58
N GLN E 187 -36.96 -12.27 10.34
CA GLN E 187 -36.82 -10.92 9.78
C GLN E 187 -37.69 -9.84 10.44
N ALA E 188 -38.93 -10.19 10.80
CA ALA E 188 -39.79 -9.27 11.53
C ALA E 188 -39.28 -9.06 12.96
N SER E 189 -38.76 -10.13 13.57
CA SER E 189 -38.29 -10.11 14.97
C SER E 189 -36.93 -9.42 15.19
N LEU E 190 -36.08 -9.39 14.15
CA LEU E 190 -34.65 -9.16 14.34
C LEU E 190 -34.28 -7.70 14.63
N ARG E 191 -33.75 -7.47 15.84
CA ARG E 191 -33.37 -6.16 16.35
C ARG E 191 -31.87 -6.00 16.36
N ARG E 192 -31.18 -6.84 17.16
CA ARG E 192 -29.72 -6.80 17.31
C ARG E 192 -29.07 -7.90 16.50
N VAL E 193 -28.01 -7.55 15.75
CA VAL E 193 -27.21 -8.52 15.02
C VAL E 193 -25.72 -8.29 15.26
N LYS E 194 -25.01 -9.38 15.50
CA LYS E 194 -23.57 -9.35 15.74
C LYS E 194 -22.85 -10.17 14.68
N LEU E 195 -22.16 -9.51 13.76
CA LEU E 195 -21.38 -10.25 12.80
C LEU E 195 -20.02 -10.54 13.44
N VAL E 196 -19.49 -11.72 13.16
CA VAL E 196 -18.12 -12.09 13.54
C VAL E 196 -17.34 -12.51 12.28
N ARG E 197 -16.08 -12.10 12.17
CA ARG E 197 -15.21 -12.62 11.10
C ARG E 197 -13.77 -12.30 11.43
N TRP E 198 -12.96 -13.33 11.68
CA TRP E 198 -11.54 -13.12 11.97
C TRP E 198 -10.72 -13.42 10.75
N HIS E 199 -11.42 -13.55 9.62
CA HIS E 199 -10.88 -13.97 8.35
C HIS E 199 -10.88 -12.76 7.43
N GLN E 200 -10.31 -12.95 6.23
CA GLN E 200 -10.30 -11.94 5.18
C GLN E 200 -11.67 -11.59 4.58
N ARG E 201 -11.89 -10.29 4.40
CA ARG E 201 -12.70 -9.72 3.33
C ARG E 201 -12.49 -10.54 2.07
N PRO E 202 -13.58 -11.06 1.47
CA PRO E 202 -13.37 -11.59 0.12
C PRO E 202 -13.09 -10.42 -0.82
N PRO E 203 -11.93 -10.43 -1.49
CA PRO E 203 -11.55 -9.26 -2.30
C PRO E 203 -12.41 -8.92 -3.55
N THR E 204 -13.43 -9.72 -3.85
CA THR E 204 -14.30 -9.55 -5.01
C THR E 204 -15.62 -8.84 -4.66
N LEU E 205 -16.00 -8.86 -3.41
CA LEU E 205 -17.29 -8.32 -3.05
C LEU E 205 -17.35 -6.91 -3.53
N PRO E 206 -18.61 -6.45 -3.91
CA PRO E 206 -18.65 -5.08 -4.43
C PRO E 206 -18.36 -4.07 -3.36
N ASP E 207 -18.06 -4.58 -2.17
CA ASP E 207 -17.75 -3.79 -1.01
C ASP E 207 -18.53 -2.97 -0.01
N GLY E 208 -19.84 -2.84 -0.18
CA GLY E 208 -20.66 -2.05 0.71
C GLY E 208 -21.79 -3.04 0.73
N ALA E 209 -21.53 -4.21 0.15
CA ALA E 209 -22.51 -5.29 0.03
C ALA E 209 -22.40 -6.23 1.19
N ASP E 210 -21.35 -6.11 1.96
CA ASP E 210 -21.20 -6.99 3.11
C ASP E 210 -22.39 -6.92 4.11
N LEU E 211 -23.02 -5.75 4.18
CA LEU E 211 -24.07 -5.43 5.14
C LEU E 211 -25.44 -5.17 4.49
N GLU E 212 -25.51 -5.13 3.16
CA GLU E 212 -26.78 -4.92 2.45
C GLU E 212 -27.91 -5.90 2.84
N PRO E 213 -27.61 -7.22 2.92
CA PRO E 213 -28.67 -8.14 3.31
C PRO E 213 -29.45 -7.65 4.51
N LEU E 214 -28.73 -7.25 5.56
CA LEU E 214 -29.32 -6.72 6.80
C LEU E 214 -30.13 -5.45 6.54
N LEU E 215 -29.48 -4.50 5.86
CA LEU E 215 -30.05 -3.18 5.65
C LEU E 215 -31.23 -3.15 4.65
N GLU E 216 -31.32 -4.16 3.77
CA GLU E 216 -32.50 -4.33 2.88
C GLU E 216 -33.65 -5.16 3.51
N THR E 217 -33.36 -6.37 4.00
CA THR E 217 -34.43 -7.29 4.48
C THR E 217 -34.85 -6.99 5.93
N CYS E 218 -33.87 -6.83 6.82
CA CYS E 218 -34.17 -6.62 8.25
C CYS E 218 -34.54 -5.16 8.52
N ALA E 219 -35.84 -4.93 8.73
CA ALA E 219 -36.40 -3.58 8.87
C ALA E 219 -36.57 -3.15 10.31
N ALA E 220 -36.63 -4.13 11.21
CA ALA E 220 -36.63 -3.86 12.65
C ALA E 220 -35.24 -3.61 13.16
N LEU E 221 -34.21 -4.01 12.38
CA LEU E 221 -32.78 -3.88 12.72
C LEU E 221 -32.45 -2.53 13.35
N ARG E 222 -32.13 -2.57 14.65
CA ARG E 222 -31.92 -1.39 15.48
C ARG E 222 -30.47 -1.27 16.00
N GLU E 223 -29.82 -2.42 16.17
CA GLU E 223 -28.50 -2.50 16.74
C GLU E 223 -27.63 -3.38 15.84
N LEU E 224 -26.43 -2.91 15.51
CA LEU E 224 -25.51 -3.62 14.63
C LEU E 224 -24.18 -3.57 15.33
N ASP E 225 -23.77 -4.63 16.00
CA ASP E 225 -22.56 -4.58 16.83
C ASP E 225 -21.50 -5.47 16.23
N LEU E 226 -20.98 -4.98 15.10
CA LEU E 226 -19.84 -5.55 14.34
C LEU E 226 -18.45 -5.10 14.88
N SER E 227 -18.31 -5.30 16.18
CA SER E 227 -17.08 -5.19 16.94
C SER E 227 -15.98 -6.17 16.54
N GLU E 228 -16.36 -7.39 16.14
CA GLU E 228 -15.40 -8.45 15.76
C GLU E 228 -15.71 -9.04 14.35
N PHE E 229 -16.26 -8.18 13.50
CA PHE E 229 -16.43 -8.46 12.11
C PHE E 229 -15.31 -7.75 11.37
N TYR E 230 -14.31 -8.50 10.93
CA TYR E 230 -13.28 -7.91 10.07
C TYR E 230 -13.90 -7.36 8.77
N CYS E 231 -13.44 -6.18 8.40
CA CYS E 231 -14.08 -5.42 7.39
C CYS E 231 -13.20 -4.26 6.96
N TRP E 232 -13.41 -3.79 5.74
CA TRP E 232 -12.85 -2.52 5.32
C TRP E 232 -13.76 -1.43 5.85
N THR E 233 -13.20 -0.27 6.21
CA THR E 233 -13.99 0.88 6.69
C THR E 233 -14.94 1.44 5.63
N GLU E 234 -14.53 1.35 4.38
CA GLU E 234 -15.36 1.80 3.24
C GLU E 234 -16.65 1.01 3.16
N ASP E 235 -16.59 -0.33 3.31
CA ASP E 235 -17.81 -1.16 3.38
C ASP E 235 -18.72 -0.54 4.40
N VAL E 236 -18.21 -0.30 5.61
CA VAL E 236 -19.02 0.28 6.69
C VAL E 236 -19.65 1.59 6.23
N VAL E 237 -18.83 2.44 5.61
CA VAL E 237 -19.28 3.75 5.10
C VAL E 237 -20.35 3.64 4.02
N ARG E 238 -20.02 3.00 2.90
CA ARG E 238 -20.97 2.84 1.79
C ARG E 238 -22.32 2.29 2.27
N ALA E 239 -22.30 1.28 3.15
CA ALA E 239 -23.52 0.62 3.58
C ALA E 239 -24.44 1.53 4.39
N LEU E 240 -23.89 2.24 5.39
CA LEU E 240 -24.71 3.14 6.23
C LEU E 240 -25.05 4.48 5.53
N THR E 241 -24.24 4.88 4.55
CA THR E 241 -24.51 6.12 3.80
C THR E 241 -25.49 5.98 2.61
N THR E 242 -25.84 4.75 2.22
CA THR E 242 -26.70 4.49 1.06
C THR E 242 -28.12 3.99 1.40
N HIS E 243 -28.39 3.63 2.65
CA HIS E 243 -29.69 3.11 3.05
C HIS E 243 -30.28 4.05 4.10
N PRO E 244 -31.02 5.10 3.68
CA PRO E 244 -31.33 6.19 4.62
C PRO E 244 -32.39 5.85 5.65
N SER E 245 -33.51 5.29 5.19
CA SER E 245 -34.61 4.85 6.06
C SER E 245 -34.20 3.86 7.15
N ALA E 246 -33.32 2.92 6.79
CA ALA E 246 -32.88 1.88 7.73
C ALA E 246 -31.92 2.44 8.76
N THR E 247 -30.94 3.20 8.29
CA THR E 247 -29.90 3.71 9.15
C THR E 247 -30.43 4.78 10.07
N ALA E 248 -31.44 5.52 9.62
CA ALA E 248 -32.12 6.48 10.48
C ALA E 248 -32.60 5.82 11.78
N ALA E 249 -33.16 4.62 11.64
CA ALA E 249 -33.68 3.84 12.79
C ALA E 249 -32.63 3.27 13.76
N LEU E 250 -31.37 3.15 13.32
CA LEU E 250 -30.32 2.54 14.15
C LEU E 250 -30.09 3.33 15.42
N THR E 251 -30.05 2.61 16.54
CA THR E 251 -29.76 3.20 17.85
C THR E 251 -28.39 2.83 18.38
N HIS E 252 -27.84 1.68 17.97
CA HIS E 252 -26.61 1.14 18.54
C HIS E 252 -25.63 0.76 17.42
N LEU E 253 -24.34 1.04 17.61
CA LEU E 253 -23.36 0.80 16.55
C LEU E 253 -21.90 0.69 17.07
N ASP E 254 -21.37 -0.53 17.08
CA ASP E 254 -19.95 -0.79 17.39
C ASP E 254 -19.23 -1.16 16.11
N LEU E 255 -18.35 -0.25 15.66
CA LEU E 255 -17.58 -0.41 14.43
C LEU E 255 -16.12 -0.86 14.66
N GLY E 256 -15.89 -1.69 15.67
CA GLY E 256 -14.55 -2.16 16.01
C GLY E 256 -13.79 -2.75 14.85
N LEU E 257 -14.47 -3.49 13.98
CA LEU E 257 -13.83 -4.38 12.97
C LEU E 257 -12.97 -5.45 13.72
N ALA E 258 -11.69 -5.65 13.49
CA ALA E 258 -10.99 -6.43 14.56
C ALA E 258 -10.36 -5.18 15.13
N ALA E 259 -9.23 -5.25 15.82
CA ALA E 259 -8.35 -4.10 15.85
C ALA E 259 -7.58 -3.82 14.56
N ALA E 260 -8.09 -4.37 13.46
CA ALA E 260 -7.35 -4.52 12.25
C ALA E 260 -7.11 -3.17 11.62
N THR E 261 -8.16 -2.37 11.53
CA THR E 261 -8.02 -1.06 10.93
C THR E 261 -7.34 -0.14 11.88
N ASP E 262 -6.38 0.61 11.33
CA ASP E 262 -6.05 1.97 11.78
C ASP E 262 -7.40 2.66 11.65
N GLY E 263 -7.68 3.71 12.39
CA GLY E 263 -9.10 4.11 12.58
C GLY E 263 -9.92 4.65 11.40
N PHE E 264 -11.18 4.99 11.67
CA PHE E 264 -12.00 5.73 10.70
C PHE E 264 -11.48 7.16 10.59
N LYS E 265 -11.18 7.58 9.37
CA LYS E 265 -10.86 8.98 9.07
C LYS E 265 -12.15 9.84 9.13
N SER E 266 -12.03 11.17 9.25
CA SER E 266 -13.26 11.98 9.37
C SER E 266 -14.08 11.98 8.09
N SER E 267 -13.41 11.91 6.93
CA SER E 267 -14.02 11.54 5.63
C SER E 267 -15.13 10.53 5.73
N GLU E 268 -14.89 9.52 6.57
CA GLU E 268 -15.75 8.34 6.71
C GLU E 268 -16.62 8.38 7.98
N LEU E 269 -16.11 8.96 9.07
CA LEU E 269 -16.84 9.01 10.36
C LEU E 269 -18.00 10.00 10.34
N GLY E 270 -17.80 11.14 9.69
CA GLY E 270 -18.83 12.19 9.56
C GLY E 270 -20.09 11.85 8.77
N PRO E 271 -19.95 11.27 7.56
CA PRO E 271 -21.13 10.87 6.78
C PRO E 271 -21.88 9.64 7.33
N ILE E 272 -21.16 8.79 8.08
CA ILE E 272 -21.78 7.70 8.84
C ILE E 272 -22.67 8.32 9.89
N ALA E 273 -22.08 9.17 10.72
CA ALA E 273 -22.81 9.85 11.81
C ALA E 273 -24.03 10.59 11.30
N ALA E 274 -23.84 11.29 10.18
CA ALA E 274 -24.92 11.97 9.44
C ALA E 274 -26.13 11.09 9.11
N SER E 275 -25.85 9.85 8.68
CA SER E 275 -26.90 8.89 8.35
C SER E 275 -27.57 8.18 9.55
N CYS E 276 -26.95 8.23 10.73
CA CYS E 276 -27.41 7.47 11.91
C CYS E 276 -27.84 8.36 13.08
N PRO E 277 -28.74 9.33 12.80
CA PRO E 277 -28.92 10.40 13.74
C PRO E 277 -29.80 10.05 14.93
N ASN E 278 -30.23 8.78 15.05
CA ASN E 278 -30.84 8.30 16.31
C ASN E 278 -29.99 7.30 17.04
N LEU E 279 -28.67 7.46 16.92
CA LEU E 279 -27.69 6.74 17.74
C LEU E 279 -27.77 7.13 19.20
N ARG E 280 -27.66 6.12 20.07
CA ARG E 280 -27.47 6.28 21.50
C ARG E 280 -26.12 5.69 21.98
N LYS E 281 -25.65 4.60 21.36
CA LYS E 281 -24.30 4.09 21.60
C LYS E 281 -23.58 4.03 20.27
N LEU E 282 -22.42 4.66 20.16
CA LEU E 282 -21.49 4.46 19.03
C LEU E 282 -20.16 4.08 19.62
N VAL E 283 -19.55 3.01 19.13
CA VAL E 283 -18.20 2.58 19.57
C VAL E 283 -17.31 2.42 18.36
N ALA E 284 -16.15 3.09 18.35
CA ALA E 284 -15.38 3.17 17.11
C ALA E 284 -13.91 3.55 17.24
N PRO E 285 -13.03 2.82 16.53
CA PRO E 285 -11.67 3.26 16.39
C PRO E 285 -11.68 4.43 15.46
N CYS E 286 -10.69 5.29 15.55
CA CYS E 286 -10.69 6.53 14.79
C CYS E 286 -9.26 6.86 14.53
N LEU E 287 -9.00 7.51 13.40
CA LEU E 287 -7.65 8.02 13.09
C LEU E 287 -7.46 9.39 13.77
N PHE E 288 -6.67 9.40 14.85
CA PHE E 288 -6.47 10.64 15.61
C PHE E 288 -5.17 11.35 15.29
N ASN E 289 -4.24 10.65 14.63
CA ASN E 289 -2.96 11.23 14.25
C ASN E 289 -3.04 12.60 13.57
N PRO E 290 -2.52 13.66 14.21
CA PRO E 290 -2.48 15.02 13.71
C PRO E 290 -1.84 15.17 12.35
N ARG E 291 -0.80 14.39 12.07
CA ARG E 291 -0.02 14.61 10.86
C ARG E 291 -0.84 14.34 9.62
N PHE E 292 -1.94 13.62 9.78
CA PHE E 292 -2.80 13.28 8.64
C PHE E 292 -3.76 14.42 8.37
N SER E 293 -4.02 14.68 7.09
CA SER E 293 -5.00 15.70 6.72
C SER E 293 -6.43 15.23 6.94
N ASP E 294 -6.65 13.97 7.31
CA ASP E 294 -8.00 13.42 7.54
C ASP E 294 -7.49 12.97 8.94
N CYS E 295 -7.87 13.74 9.97
CA CYS E 295 -7.81 13.36 11.38
C CYS E 295 -9.24 13.34 11.78
N VAL E 296 -9.50 12.69 12.92
CA VAL E 296 -10.60 13.05 13.77
C VAL E 296 -9.91 14.20 14.43
N GLY E 297 -10.69 15.23 14.74
CA GLY E 297 -10.13 16.38 15.49
C GLY E 297 -11.34 17.08 16.05
N ASP E 298 -11.08 18.24 16.62
CA ASP E 298 -12.17 19.22 17.15
C ASP E 298 -13.30 19.31 16.14
N ASP E 299 -13.02 19.48 14.85
CA ASP E 299 -14.16 19.78 13.93
C ASP E 299 -14.91 18.42 13.66
N ALA E 300 -14.21 17.32 13.42
CA ALA E 300 -14.87 16.03 13.16
C ALA E 300 -15.69 15.51 14.35
N LEU E 301 -15.17 15.69 15.57
CA LEU E 301 -15.89 15.36 16.83
C LEU E 301 -17.18 16.13 16.94
N LEU E 302 -17.17 17.41 16.57
CA LEU E 302 -18.35 18.24 16.66
C LEU E 302 -19.38 17.83 15.62
N SER E 303 -18.94 17.54 14.40
CA SER E 303 -19.86 17.05 13.39
C SER E 303 -20.54 15.75 13.82
N LEU E 304 -19.85 14.94 14.63
CA LEU E 304 -20.44 13.72 15.21
C LEU E 304 -21.55 14.12 16.16
N ALA E 305 -21.17 14.94 17.14
CA ALA E 305 -22.04 15.32 18.23
C ALA E 305 -23.31 15.96 17.70
N THR E 306 -23.13 16.86 16.76
CA THR E 306 -24.27 17.57 16.20
C THR E 306 -25.14 16.61 15.37
N SER E 307 -24.51 15.66 14.68
CA SER E 307 -25.25 14.67 13.87
C SER E 307 -26.01 13.65 14.70
N CYS E 308 -25.48 13.30 15.87
CA CYS E 308 -26.07 12.25 16.70
C CYS E 308 -26.26 12.74 18.15
N PRO E 309 -27.15 13.73 18.36
CA PRO E 309 -27.20 14.37 19.68
C PRO E 309 -27.84 13.56 20.79
N ARG E 310 -28.44 12.41 20.47
CA ARG E 310 -29.05 11.53 21.48
C ARG E 310 -28.12 10.47 22.16
N LEU E 311 -26.82 10.52 21.85
CA LEU E 311 -25.83 9.57 22.39
C LEU E 311 -25.81 9.59 23.92
N THR E 312 -25.87 8.41 24.51
CA THR E 312 -25.62 8.19 25.95
C THR E 312 -24.22 7.58 26.12
N VAL E 313 -23.95 6.53 25.35
CA VAL E 313 -22.63 5.90 25.30
C VAL E 313 -21.91 6.41 24.06
N LEU E 314 -20.68 6.87 24.24
CA LEU E 314 -19.77 7.14 23.12
C LEU E 314 -18.38 6.73 23.51
N ARG E 315 -17.75 5.93 22.66
CA ARG E 315 -16.43 5.42 22.95
C ARG E 315 -15.54 5.54 21.72
N LEU E 316 -14.46 6.32 21.85
CA LEU E 316 -13.51 6.55 20.77
C LEU E 316 -12.12 6.15 21.23
N SER E 317 -11.29 5.68 20.30
CA SER E 317 -9.95 5.17 20.61
C SER E 317 -8.98 5.25 19.43
N GLU E 318 -7.76 5.66 19.68
CA GLU E 318 -6.71 5.69 18.64
C GLU E 318 -6.01 4.34 18.65
N PRO E 319 -6.09 3.58 17.54
CA PRO E 319 -5.26 2.38 17.42
C PRO E 319 -3.78 2.73 17.44
N PHE E 320 -2.92 1.73 17.59
CA PHE E 320 -1.48 1.95 17.79
C PHE E 320 -0.70 0.64 17.62
N GLU E 321 0.58 0.61 18.04
CA GLU E 321 1.41 -0.62 18.04
C GLU E 321 2.70 -0.49 18.85
N GLU E 330 -0.15 15.65 18.96
CA GLU E 330 -0.31 15.69 20.38
C GLU E 330 -0.90 17.05 20.53
N ALA E 331 -2.07 17.26 19.93
CA ALA E 331 -2.81 16.29 19.14
C ALA E 331 -3.84 17.15 18.47
N ALA E 332 -4.69 16.57 17.65
CA ALA E 332 -5.70 17.36 16.97
C ALA E 332 -6.92 17.74 17.69
N ILE E 333 -6.87 17.65 19.01
CA ILE E 333 -8.04 17.96 19.85
C ILE E 333 -7.68 18.89 21.04
N THR E 334 -8.18 20.12 20.96
CA THR E 334 -8.02 21.12 21.99
C THR E 334 -9.18 21.06 22.97
N VAL E 335 -9.01 21.69 24.13
CA VAL E 335 -10.07 21.79 25.17
C VAL E 335 -11.26 22.64 24.69
N ALA E 336 -10.94 23.73 24.01
CA ALA E 336 -11.91 24.50 23.25
C ALA E 336 -12.89 23.60 22.49
N GLY E 337 -12.33 22.63 21.76
CA GLY E 337 -13.10 21.63 21.02
C GLY E 337 -13.95 20.78 21.95
N LEU E 338 -13.30 20.15 22.91
CA LEU E 338 -14.00 19.29 23.84
C LEU E 338 -15.20 20.00 24.48
N VAL E 339 -15.04 21.28 24.81
CA VAL E 339 -16.11 22.02 25.46
C VAL E 339 -17.32 22.16 24.53
N ALA E 340 -17.09 22.59 23.29
CA ALA E 340 -18.20 22.73 22.33
C ALA E 340 -18.83 21.39 21.96
N PHE E 341 -18.00 20.35 22.04
CA PHE E 341 -18.38 18.97 21.77
C PHE E 341 -19.38 18.49 22.82
N PHE E 342 -18.96 18.56 24.10
CA PHE E 342 -19.81 18.11 25.23
C PHE E 342 -21.13 18.88 25.27
N ALA E 343 -21.05 20.17 24.96
CA ALA E 343 -22.21 20.99 24.86
C ALA E 343 -23.25 20.43 23.89
N ALA E 344 -22.79 19.79 22.82
CA ALA E 344 -23.69 19.21 21.82
C ALA E 344 -24.18 17.79 22.13
N LEU E 345 -23.69 17.21 23.24
CA LEU E 345 -24.03 15.84 23.65
C LEU E 345 -24.52 15.81 25.10
N PRO E 346 -25.59 16.57 25.41
CA PRO E 346 -26.07 16.71 26.80
C PRO E 346 -26.50 15.39 27.46
N ALA E 347 -26.97 14.47 26.62
CA ALA E 347 -27.48 13.19 27.08
C ALA E 347 -26.41 12.21 27.50
N LEU E 348 -25.13 12.44 27.19
CA LEU E 348 -24.15 11.36 27.34
C LEU E 348 -23.87 10.99 28.81
N GLU E 349 -23.85 9.67 29.04
CA GLU E 349 -23.65 9.01 30.32
C GLU E 349 -22.33 8.24 30.38
N ASP E 350 -21.94 7.63 29.26
CA ASP E 350 -20.75 6.80 29.17
C ASP E 350 -19.82 7.50 28.18
N PHE E 351 -18.56 7.74 28.58
CA PHE E 351 -17.57 8.35 27.68
C PHE E 351 -16.18 7.77 27.79
N THR E 352 -15.58 7.48 26.64
CA THR E 352 -14.16 7.16 26.59
C THR E 352 -13.54 7.81 25.36
N MET E 353 -12.31 8.26 25.51
CA MET E 353 -11.49 8.69 24.41
C MET E 353 -10.11 8.21 24.67
N ASP E 354 -9.78 7.01 24.18
CA ASP E 354 -8.48 6.37 24.45
C ASP E 354 -7.46 6.62 23.35
N LEU E 355 -7.01 7.88 23.21
CA LEU E 355 -5.96 8.22 22.20
C LEU E 355 -4.54 8.16 22.75
N GLN E 356 -3.61 8.03 21.79
CA GLN E 356 -2.20 7.86 22.05
C GLN E 356 -1.53 9.20 22.01
N HIS E 357 -1.88 9.99 21.00
CA HIS E 357 -1.57 11.41 20.99
C HIS E 357 -2.30 12.14 22.10
N ASN E 358 -1.63 13.12 22.71
CA ASN E 358 -2.10 13.85 23.91
C ASN E 358 -3.13 14.95 23.67
N VAL E 359 -3.92 15.25 24.71
CA VAL E 359 -4.79 16.42 24.77
C VAL E 359 -4.23 17.15 25.96
N LEU E 360 -3.90 18.42 25.78
CA LEU E 360 -2.79 19.01 26.53
C LEU E 360 -3.05 19.69 27.90
N GLU E 361 -4.29 20.06 28.22
CA GLU E 361 -4.60 20.55 29.57
C GLU E 361 -6.06 20.38 29.85
N ALA E 362 -6.44 19.14 30.09
CA ALA E 362 -7.83 18.72 29.96
C ALA E 362 -8.82 19.39 30.90
N ALA E 363 -8.36 19.67 32.11
CA ALA E 363 -9.23 20.07 33.23
C ALA E 363 -10.52 20.82 32.88
N PRO E 364 -10.42 22.04 32.34
CA PRO E 364 -11.64 22.79 31.97
C PRO E 364 -12.58 22.15 30.93
N ALA E 365 -12.10 21.14 30.19
CA ALA E 365 -12.99 20.28 29.40
C ALA E 365 -13.84 19.43 30.33
N MET E 366 -13.18 18.87 31.33
CA MET E 366 -13.82 17.96 32.28
C MET E 366 -14.76 18.71 33.24
N GLU E 367 -14.37 19.94 33.61
CA GLU E 367 -15.28 20.88 34.27
C GLU E 367 -16.50 21.07 33.39
N ALA E 368 -16.27 21.43 32.14
CA ALA E 368 -17.34 21.51 31.13
C ALA E 368 -18.10 20.20 30.91
N LEU E 369 -17.39 19.08 30.96
CA LEU E 369 -18.01 17.76 30.86
C LEU E 369 -19.04 17.61 31.97
N ALA E 370 -18.63 17.95 33.19
CA ALA E 370 -19.48 17.83 34.38
C ALA E 370 -20.65 18.80 34.35
N ARG E 371 -20.40 19.99 33.84
CA ARG E 371 -21.42 21.03 33.72
C ARG E 371 -22.45 20.62 32.66
N ARG E 372 -22.00 20.48 31.41
CA ARG E 372 -22.91 20.42 30.27
C ARG E 372 -23.41 19.00 29.98
N CYS E 373 -22.64 17.98 30.37
CA CYS E 373 -23.11 16.58 30.38
C CYS E 373 -23.23 16.08 31.82
N PRO E 374 -24.35 16.41 32.48
CA PRO E 374 -24.50 16.13 33.90
C PRO E 374 -24.65 14.64 34.22
N ARG E 375 -25.29 13.88 33.35
CA ARG E 375 -25.53 12.47 33.64
C ARG E 375 -24.31 11.57 33.56
N ILE E 376 -23.17 12.11 33.12
CA ILE E 376 -21.96 11.32 33.03
C ILE E 376 -21.67 10.48 34.28
N LYS E 377 -21.59 9.17 34.04
CA LYS E 377 -21.33 8.14 35.04
C LYS E 377 -19.96 7.54 34.87
N PHE E 378 -19.61 7.09 33.67
CA PHE E 378 -18.39 6.33 33.45
C PHE E 378 -17.53 7.03 32.45
N LEU E 379 -16.24 7.11 32.77
CA LEU E 379 -15.27 7.85 31.99
C LEU E 379 -13.91 7.13 31.97
N THR E 380 -13.36 6.94 30.76
CA THR E 380 -11.95 6.56 30.62
C THR E 380 -11.30 7.51 29.64
N LEU E 381 -9.99 7.70 29.78
CA LEU E 381 -9.34 8.83 29.12
C LEU E 381 -7.91 8.53 28.78
N GLY E 382 -7.72 8.29 27.48
CA GLY E 382 -6.42 8.20 26.78
C GLY E 382 -5.50 9.36 26.47
N SER E 383 -4.35 9.41 27.12
CA SER E 383 -3.48 10.54 26.91
C SER E 383 -3.83 11.96 27.33
N PHE E 384 -4.95 12.11 28.05
CA PHE E 384 -5.42 13.42 28.47
C PHE E 384 -4.52 13.94 29.57
N GLN E 385 -3.95 15.14 29.36
CA GLN E 385 -2.98 15.75 30.28
C GLN E 385 -3.54 16.79 31.25
N GLY E 386 -2.82 16.91 32.38
CA GLY E 386 -3.25 17.66 33.56
C GLY E 386 -4.70 17.54 33.93
N LEU E 387 -5.21 16.30 34.04
CA LEU E 387 -6.65 16.06 34.22
C LEU E 387 -7.15 16.83 35.42
N CYS E 388 -6.60 16.53 36.60
CA CYS E 388 -6.87 17.33 37.80
C CYS E 388 -5.58 17.74 38.55
N LYS E 389 -5.76 18.69 39.49
CA LYS E 389 -4.70 19.32 40.35
C LYS E 389 -5.33 19.74 41.70
N HIS E 394 -9.08 20.45 40.39
CA HIS E 394 -9.20 20.95 39.02
C HIS E 394 -10.36 20.18 38.28
N LEU E 395 -10.24 18.87 38.04
CA LEU E 395 -11.42 17.93 38.02
C LEU E 395 -11.89 17.75 39.43
N ASP E 396 -12.40 18.82 40.03
CA ASP E 396 -12.93 18.69 41.36
C ASP E 396 -14.07 17.69 41.12
N GLY E 397 -15.16 18.18 40.56
CA GLY E 397 -16.37 17.44 40.53
C GLY E 397 -16.75 17.20 39.13
N VAL E 398 -16.51 15.97 38.68
CA VAL E 398 -17.43 15.29 37.79
C VAL E 398 -18.17 14.36 38.77
N ALA E 399 -19.40 14.76 39.13
CA ALA E 399 -20.09 14.33 40.36
C ALA E 399 -20.32 12.84 40.52
N VAL E 400 -20.90 12.24 39.48
CA VAL E 400 -21.59 10.94 39.56
C VAL E 400 -20.66 9.75 39.31
N CYS E 401 -19.36 9.97 39.21
CA CYS E 401 -18.54 9.07 38.42
C CYS E 401 -18.43 7.63 38.98
N GLY E 402 -19.21 6.69 38.39
CA GLY E 402 -19.08 5.24 38.54
C GLY E 402 -17.67 4.70 38.32
N GLY E 403 -17.18 4.75 37.08
CA GLY E 403 -15.83 4.32 36.72
C GLY E 403 -14.92 5.52 36.50
N LEU E 404 -13.61 5.36 36.74
CA LEU E 404 -12.56 6.27 36.23
C LEU E 404 -11.29 5.49 35.81
N GLU E 405 -10.93 5.56 34.53
CA GLU E 405 -9.58 5.17 34.09
C GLU E 405 -8.89 6.39 33.43
N SER E 406 -8.10 7.10 34.24
CA SER E 406 -7.22 8.17 33.75
C SER E 406 -6.13 7.24 33.16
N LEU E 407 -5.97 7.19 31.83
CA LEU E 407 -5.10 6.15 31.21
C LEU E 407 -3.66 6.63 31.25
N TYR E 408 -3.25 7.48 30.33
CA TYR E 408 -1.87 7.95 30.32
C TYR E 408 -1.46 9.38 30.56
N MET E 409 -1.13 9.71 31.81
CA MET E 409 -1.15 11.11 32.28
C MET E 409 0.10 11.61 32.97
N LYS E 410 0.99 12.24 32.21
CA LYS E 410 2.35 12.53 32.67
C LYS E 410 2.53 13.45 33.90
N ASN E 411 1.46 14.08 34.40
CA ASN E 411 1.56 14.96 35.58
C ASN E 411 0.50 14.73 36.69
N CYS E 412 -0.01 13.52 36.75
CA CYS E 412 -1.09 13.20 37.68
C CYS E 412 -0.45 12.46 38.82
N GLN E 413 -0.56 13.04 40.01
CA GLN E 413 0.20 12.59 41.18
C GLN E 413 -0.68 12.54 42.41
N ASP E 414 -0.06 12.11 43.51
CA ASP E 414 -0.66 11.88 44.82
C ASP E 414 -1.80 12.77 45.28
N LEU E 415 -1.61 14.08 45.16
CA LEU E 415 -2.59 15.03 45.70
C LEU E 415 -3.61 15.43 44.59
N THR E 416 -3.62 14.70 43.47
CA THR E 416 -4.68 14.71 42.46
C THR E 416 -5.63 13.55 42.73
N ASP E 417 -5.06 12.35 42.84
CA ASP E 417 -5.75 11.17 43.37
C ASP E 417 -6.51 11.48 44.64
N ALA E 418 -5.80 12.05 45.61
CA ALA E 418 -6.37 12.37 46.90
C ALA E 418 -7.53 13.36 46.76
N SER E 419 -7.35 14.38 45.93
CA SER E 419 -8.41 15.35 45.65
C SER E 419 -9.56 14.78 44.80
N LEU E 420 -9.56 13.48 44.57
CA LEU E 420 -10.80 12.77 44.29
C LEU E 420 -11.41 12.38 45.67
N ALA E 421 -11.65 13.43 46.47
CA ALA E 421 -12.47 13.40 47.69
C ALA E 421 -13.89 13.64 47.23
N ALA E 422 -14.04 14.61 46.32
CA ALA E 422 -15.18 14.66 45.38
C ALA E 422 -16.16 13.83 44.55
N ILE E 423 -15.63 12.81 43.85
CA ILE E 423 -16.37 12.08 42.78
C ILE E 423 -16.34 10.77 43.60
N GLY E 424 -16.56 10.88 44.91
CA GLY E 424 -16.67 9.71 45.77
C GLY E 424 -18.15 9.42 45.88
N ARG E 425 -18.96 10.02 45.00
CA ARG E 425 -20.36 9.60 44.82
C ARG E 425 -20.30 8.45 43.84
N GLY E 426 -19.97 7.30 44.39
CA GLY E 426 -19.94 6.07 43.66
C GLY E 426 -18.77 5.90 42.72
N CYS E 427 -17.55 6.17 43.16
CA CYS E 427 -16.42 5.60 42.43
C CYS E 427 -16.38 4.13 42.81
N ARG E 428 -16.83 3.28 41.88
CA ARG E 428 -16.74 1.82 42.00
C ARG E 428 -15.44 1.30 41.40
N ARG E 429 -14.96 1.95 40.33
CA ARG E 429 -13.77 1.52 39.61
C ARG E 429 -12.82 2.70 39.39
N LEU E 430 -11.61 2.64 39.95
CA LEU E 430 -10.52 3.59 39.63
C LEU E 430 -9.44 2.84 38.90
N ALA E 431 -8.79 3.54 37.94
CA ALA E 431 -7.65 3.01 37.18
C ALA E 431 -6.60 4.01 36.68
N LYS E 432 -5.38 3.82 37.15
CA LYS E 432 -4.20 4.45 36.62
C LYS E 432 -3.65 3.48 35.58
N PHE E 433 -3.35 3.94 34.36
CA PHE E 433 -2.57 3.11 33.45
C PHE E 433 -1.10 3.52 33.37
N GLY E 434 -0.80 4.67 32.76
CA GLY E 434 0.58 5.01 32.38
C GLY E 434 1.11 6.23 33.09
N ILE E 435 0.85 6.27 34.40
CA ILE E 435 0.92 7.49 35.22
C ILE E 435 1.96 7.41 36.35
N HIS E 436 3.14 7.96 36.10
CA HIS E 436 4.33 7.65 36.89
C HIS E 436 4.35 8.44 38.18
N GLY E 437 3.98 9.71 38.10
CA GLY E 437 3.95 10.63 39.25
C GLY E 437 3.40 10.06 40.55
N CYS E 438 2.27 9.33 40.47
CA CYS E 438 1.53 8.93 41.68
C CYS E 438 2.06 7.67 42.40
N ASP E 439 2.02 7.72 43.74
CA ASP E 439 2.73 6.81 44.66
C ASP E 439 1.80 5.84 45.35
N LEU E 440 2.41 4.96 46.15
CA LEU E 440 1.67 4.13 47.09
C LEU E 440 0.91 4.99 48.08
N VAL E 441 1.52 6.12 48.44
CA VAL E 441 0.90 7.13 49.30
C VAL E 441 -0.61 7.28 49.05
N THR E 442 -1.00 7.36 47.80
CA THR E 442 -2.33 7.84 47.46
C THR E 442 -3.22 6.85 46.73
N SER E 443 -2.71 5.64 46.53
CA SER E 443 -3.59 4.49 46.50
C SER E 443 -4.12 4.28 47.94
N ALA E 444 -3.29 4.44 48.99
CA ALA E 444 -3.83 4.39 50.37
C ALA E 444 -4.81 5.55 50.61
N GLY E 445 -4.39 6.79 50.36
CA GLY E 445 -5.32 7.93 50.31
C GLY E 445 -6.66 7.58 49.65
N ILE E 446 -6.63 7.07 48.41
CA ILE E 446 -7.87 6.81 47.67
C ILE E 446 -8.58 5.55 48.12
N ARG E 447 -7.82 4.52 48.49
CA ARG E 447 -8.43 3.30 49.01
C ARG E 447 -9.24 3.62 50.27
N ARG E 448 -8.74 4.52 51.12
CA ARG E 448 -9.47 4.93 52.32
C ARG E 448 -10.65 5.72 51.85
N LEU E 449 -10.38 6.91 51.31
CA LEU E 449 -11.42 7.92 51.17
C LEU E 449 -12.67 7.32 50.52
N ALA E 450 -12.47 6.41 49.55
CA ALA E 450 -13.56 5.66 48.94
C ALA E 450 -13.68 4.27 49.60
N PHE E 451 -14.72 4.09 50.44
CA PHE E 451 -15.24 2.77 50.79
C PHE E 451 -16.60 2.54 50.10
N THR E 452 -16.59 2.80 48.80
CA THR E 452 -17.43 2.12 47.81
C THR E 452 -16.62 1.66 46.55
N LEU E 453 -15.29 1.81 46.60
CA LEU E 453 -14.38 1.28 45.59
C LEU E 453 -13.97 -0.20 45.42
N ARG E 454 -14.62 -0.91 44.46
CA ARG E 454 -14.37 -2.35 44.22
C ARG E 454 -13.60 -3.02 43.06
N PRO E 455 -13.61 -2.46 41.82
CA PRO E 455 -12.52 -2.88 40.94
C PRO E 455 -11.43 -1.82 41.08
N THR E 456 -10.16 -2.24 40.98
CA THR E 456 -9.06 -1.31 40.66
C THR E 456 -8.02 -1.94 39.69
N LEU E 457 -7.29 -1.05 39.01
CA LEU E 457 -6.33 -1.40 37.96
C LEU E 457 -5.14 -0.46 38.13
N LYS E 458 -3.92 -0.99 38.12
CA LYS E 458 -2.70 -0.16 38.26
C LYS E 458 -1.57 -0.70 37.40
N GLU E 459 -1.19 0.03 36.35
CA GLU E 459 -0.52 -0.58 35.20
C GLU E 459 0.79 -0.04 34.57
N VAL E 460 1.02 -0.47 33.31
CA VAL E 460 2.18 -1.33 32.95
C VAL E 460 3.56 -0.72 33.03
N THR E 461 3.61 0.61 33.02
CA THR E 461 4.66 1.40 33.67
C THR E 461 3.93 2.46 34.51
N VAL E 462 3.74 2.17 35.80
CA VAL E 462 3.46 3.19 36.81
C VAL E 462 4.78 2.79 37.47
N LEU E 463 5.68 3.78 37.60
CA LEU E 463 7.13 3.59 37.88
C LEU E 463 7.23 3.21 39.36
N HIS E 464 6.43 3.83 40.22
CA HIS E 464 6.54 3.65 41.66
C HIS E 464 5.65 2.63 42.31
N CYS E 465 4.55 2.31 41.65
CA CYS E 465 3.62 1.31 42.17
C CYS E 465 4.10 0.02 41.50
N ARG E 466 4.59 -0.92 42.32
CA ARG E 466 5.37 -2.06 41.87
C ARG E 466 5.28 -3.27 42.82
N LEU E 467 4.07 -3.64 43.21
CA LEU E 467 3.86 -4.80 44.08
C LEU E 467 4.26 -4.65 45.53
N LEU E 468 4.64 -3.44 45.85
CA LEU E 468 4.88 -3.01 47.19
C LEU E 468 3.56 -2.39 47.46
N HIS E 469 3.11 -1.56 46.54
CA HIS E 469 1.82 -0.93 46.56
C HIS E 469 0.68 -1.89 46.90
N THR E 470 0.76 -3.16 46.48
CA THR E 470 -0.28 -4.16 46.78
C THR E 470 -0.45 -4.30 48.26
N ALA E 471 0.65 -4.08 48.94
CA ALA E 471 0.59 -4.02 50.43
C ALA E 471 0.26 -2.57 50.74
N GLU E 472 -0.94 -2.16 50.34
CA GLU E 472 -1.58 -0.95 50.80
C GLU E 472 -3.10 -1.21 50.49
N CYS E 473 -3.93 -1.18 51.52
CA CYS E 473 -4.89 -2.25 51.71
C CYS E 473 -6.05 -1.93 52.63
N LEU E 474 -6.75 -0.86 52.35
CA LEU E 474 -7.84 -0.50 53.21
C LEU E 474 -9.05 -1.20 52.70
N THR E 475 -9.13 -1.27 51.38
CA THR E 475 -10.11 -2.09 50.72
C THR E 475 -9.70 -3.56 50.56
N ALA E 476 -8.63 -4.06 51.20
CA ALA E 476 -8.37 -5.54 51.23
C ALA E 476 -9.57 -6.37 51.72
N LEU E 477 -10.39 -5.78 52.57
CA LEU E 477 -11.65 -6.39 53.00
C LEU E 477 -12.52 -6.53 51.74
N SER E 478 -12.59 -5.46 50.93
CA SER E 478 -13.65 -5.34 49.90
C SER E 478 -13.45 -5.42 48.38
N PRO E 479 -12.20 -5.49 47.84
CA PRO E 479 -12.16 -5.22 46.41
C PRO E 479 -12.68 -6.44 45.62
N ILE E 480 -13.67 -6.20 44.78
CA ILE E 480 -14.27 -7.26 44.01
C ILE E 480 -13.32 -7.69 42.84
N ARG E 481 -12.68 -6.73 42.16
CA ARG E 481 -11.81 -7.02 40.98
C ARG E 481 -10.50 -6.26 41.09
N ASP E 482 -9.47 -6.76 40.41
CA ASP E 482 -8.14 -6.17 40.58
C ASP E 482 -7.22 -6.53 39.40
N ARG E 483 -6.65 -5.53 38.72
CA ARG E 483 -5.83 -5.75 37.52
C ARG E 483 -4.48 -5.09 37.72
N ILE E 484 -3.40 -5.78 37.37
CA ILE E 484 -2.09 -5.30 37.74
C ILE E 484 -0.92 -5.79 36.88
N GLU E 485 0.09 -4.94 36.70
CA GLU E 485 1.36 -5.33 36.09
C GLU E 485 2.26 -5.93 37.17
N SER E 486 3.36 -6.59 36.78
CA SER E 486 4.22 -7.33 37.74
C SER E 486 5.72 -6.95 37.65
N SER E 538 -5.97 -11.36 54.65
CA SER E 538 -6.48 -12.02 53.43
C SER E 538 -7.55 -11.15 52.72
N TRP E 539 -7.82 -11.44 51.44
CA TRP E 539 -8.68 -10.59 50.59
C TRP E 539 -9.96 -11.39 50.75
N GLU E 540 -10.93 -10.82 51.44
CA GLU E 540 -12.11 -11.57 51.90
C GLU E 540 -12.87 -11.73 50.57
N MET E 541 -13.06 -10.66 49.78
CA MET E 541 -13.86 -10.77 48.55
C MET E 541 -13.31 -10.65 47.10
N LEU E 542 -12.01 -10.86 46.91
CA LEU E 542 -11.40 -10.85 45.56
C LEU E 542 -11.91 -12.05 44.76
N ARG E 543 -12.76 -11.81 43.76
CA ARG E 543 -13.26 -12.87 42.86
C ARG E 543 -12.33 -13.08 41.68
N SER E 544 -11.98 -11.99 41.00
CA SER E 544 -11.36 -12.02 39.68
C SER E 544 -10.05 -11.20 39.63
N LEU E 545 -8.90 -11.87 39.76
CA LEU E 545 -7.61 -11.21 39.55
C LEU E 545 -7.29 -11.13 38.05
N SER E 546 -6.44 -10.18 37.65
CA SER E 546 -5.89 -10.11 36.30
C SER E 546 -4.43 -9.64 36.39
N LEU E 547 -3.54 -10.40 35.76
CA LEU E 547 -2.12 -10.11 35.79
C LEU E 547 -1.56 -9.86 34.39
N TRP E 548 -0.42 -9.19 34.33
CA TRP E 548 0.26 -8.87 33.08
C TRP E 548 1.72 -9.05 33.36
N PHE E 549 2.34 -10.04 32.75
CA PHE E 549 3.78 -10.29 32.92
C PHE E 549 4.54 -10.02 31.64
N SER E 550 5.86 -10.02 31.74
CA SER E 550 6.75 -9.92 30.61
C SER E 550 7.30 -11.31 30.29
N ALA E 551 8.17 -11.39 29.28
CA ALA E 551 8.53 -12.68 28.69
C ALA E 551 9.12 -13.70 29.69
N GLY E 552 10.30 -13.41 30.25
CA GLY E 552 10.96 -14.36 31.17
C GLY E 552 10.42 -14.41 32.59
N GLN E 553 9.64 -13.39 32.96
CA GLN E 553 9.20 -13.11 34.34
C GLN E 553 8.51 -14.29 34.98
N LEU E 554 8.98 -14.64 36.18
CA LEU E 554 8.33 -15.65 37.02
C LEU E 554 7.05 -15.11 37.65
N LEU E 555 6.25 -16.01 38.18
CA LEU E 555 4.99 -15.63 38.85
C LEU E 555 5.05 -15.75 40.35
N SER E 556 5.69 -16.83 40.81
CA SER E 556 5.61 -17.25 42.22
C SER E 556 5.98 -16.18 43.29
N PRO E 557 7.03 -15.36 43.03
CA PRO E 557 7.20 -14.24 43.94
C PRO E 557 6.54 -12.89 43.69
N LEU E 558 6.09 -12.70 42.42
CA LEU E 558 5.67 -11.38 41.83
C LEU E 558 4.15 -11.15 41.95
N ILE E 559 3.40 -12.28 42.02
CA ILE E 559 2.24 -12.41 42.91
C ILE E 559 2.20 -12.98 44.36
N SER E 560 2.84 -14.12 44.65
CA SER E 560 2.44 -14.90 45.86
C SER E 560 2.99 -14.43 47.21
N ALA E 561 4.15 -13.75 47.21
CA ALA E 561 4.84 -13.31 48.45
C ALA E 561 4.54 -11.84 48.82
N GLY E 562 4.17 -11.01 47.83
CA GLY E 562 3.26 -9.87 48.06
C GLY E 562 1.92 -10.56 48.30
N LEU E 563 0.85 -9.83 48.63
CA LEU E 563 -0.40 -10.47 49.16
C LEU E 563 -1.06 -11.67 48.35
N ASP E 564 -1.46 -12.67 49.13
CA ASP E 564 -1.36 -14.11 48.76
C ASP E 564 -2.56 -15.04 48.90
N SER E 565 -3.51 -14.74 49.79
CA SER E 565 -4.58 -15.66 50.17
C SER E 565 -5.97 -15.12 49.83
N CYS E 566 -6.63 -15.77 48.87
CA CYS E 566 -7.79 -15.19 48.20
C CYS E 566 -8.92 -16.20 48.16
N PRO E 567 -9.57 -16.41 49.29
CA PRO E 567 -10.47 -17.53 49.48
C PRO E 567 -11.80 -17.47 48.70
N VAL E 568 -12.04 -16.42 47.92
CA VAL E 568 -13.16 -16.39 46.96
C VAL E 568 -12.72 -16.16 45.50
N LEU E 569 -11.40 -16.09 45.27
CA LEU E 569 -10.84 -15.89 43.94
C LEU E 569 -11.29 -17.03 43.05
N GLU E 570 -12.19 -16.70 42.11
CA GLU E 570 -12.68 -17.67 41.11
C GLU E 570 -11.91 -17.57 39.79
N GLU E 571 -12.01 -16.40 39.17
CA GLU E 571 -11.50 -16.16 37.85
C GLU E 571 -10.08 -15.62 38.00
N ILE E 572 -9.31 -15.68 36.92
CA ILE E 572 -7.97 -15.08 36.86
C ILE E 572 -7.61 -14.95 35.39
N SER E 573 -6.74 -14.00 35.05
CA SER E 573 -6.44 -13.72 33.64
C SER E 573 -4.98 -13.28 33.42
N ILE E 574 -4.11 -14.28 33.36
CA ILE E 574 -2.68 -14.10 33.10
C ILE E 574 -2.41 -13.78 31.61
N LYS E 575 -1.75 -12.65 31.35
CA LYS E 575 -1.33 -12.28 30.02
C LYS E 575 0.17 -12.07 30.04
N VAL E 576 0.87 -12.78 29.16
CA VAL E 576 2.29 -12.53 28.91
C VAL E 576 2.47 -11.79 27.58
N GLU E 577 3.48 -10.92 27.56
CA GLU E 577 3.86 -10.14 26.40
C GLU E 577 5.37 -10.19 26.26
N GLY E 578 5.86 -10.30 25.03
CA GLY E 578 7.26 -10.02 24.76
C GLY E 578 7.99 -11.01 23.89
N ASP E 579 9.27 -10.70 23.71
CA ASP E 579 10.12 -11.34 22.74
C ASP E 579 10.89 -12.45 23.45
N CYS E 580 10.49 -13.71 23.24
CA CYS E 580 11.20 -14.85 23.83
C CYS E 580 12.55 -15.18 23.13
N ARG E 581 12.96 -14.38 22.16
CA ARG E 581 14.27 -14.50 21.50
C ARG E 581 15.33 -13.66 22.24
N THR E 582 14.92 -12.48 22.72
CA THR E 582 15.77 -11.59 23.56
C THR E 582 15.71 -11.99 25.04
N CYS E 583 14.66 -12.71 25.43
CA CYS E 583 14.57 -13.31 26.75
C CYS E 583 15.68 -14.37 26.92
N PRO E 584 16.29 -14.48 28.13
CA PRO E 584 17.33 -15.50 28.38
C PRO E 584 16.76 -16.91 28.62
N ARG E 585 17.62 -17.92 28.52
CA ARG E 585 17.25 -19.31 28.84
C ARG E 585 16.79 -19.42 30.31
N PRO E 586 15.77 -20.25 30.60
CA PRO E 586 15.54 -20.66 31.99
C PRO E 586 16.66 -21.61 32.47
N ALA E 587 17.18 -21.38 33.67
CA ALA E 587 18.19 -22.27 34.26
C ALA E 587 17.48 -23.64 34.34
N PRO E 588 18.24 -24.73 34.57
CA PRO E 588 17.70 -26.08 34.44
C PRO E 588 16.51 -26.11 35.43
N ARG E 589 15.36 -26.53 34.93
CA ARG E 589 14.12 -26.64 35.70
C ARG E 589 13.68 -25.41 36.51
N THR E 590 13.85 -24.22 35.91
CA THR E 590 13.06 -23.05 36.28
C THR E 590 11.69 -23.21 35.63
N ILE E 591 10.73 -22.44 36.08
CA ILE E 591 9.35 -22.61 35.67
C ILE E 591 8.65 -21.26 35.87
N PHE E 592 7.59 -21.00 35.10
CA PHE E 592 6.63 -19.95 35.46
C PHE E 592 5.94 -20.52 36.66
N GLY E 593 5.72 -19.70 37.67
CA GLY E 593 5.14 -20.18 38.94
C GLY E 593 3.66 -20.56 38.94
N LEU E 594 3.23 -21.38 37.99
CA LEU E 594 1.81 -21.55 37.81
C LEU E 594 1.24 -22.39 38.94
N SER E 595 2.06 -23.22 39.58
CA SER E 595 1.58 -24.09 40.68
C SER E 595 1.30 -23.34 41.99
N ASP E 596 1.83 -22.13 42.13
CA ASP E 596 1.55 -21.27 43.29
C ASP E 596 0.12 -20.69 43.34
N LEU E 597 -0.70 -21.00 42.33
CA LEU E 597 -2.11 -20.70 42.40
C LEU E 597 -2.90 -21.87 43.03
N ALA E 598 -2.17 -22.86 43.57
CA ALA E 598 -2.78 -24.09 44.13
C ALA E 598 -3.75 -23.80 45.27
N GLY E 599 -3.25 -23.05 46.27
CA GLY E 599 -3.98 -22.77 47.52
C GLY E 599 -5.30 -22.04 47.37
N PHE E 600 -5.42 -21.24 46.31
CA PHE E 600 -6.67 -20.54 45.99
C PHE E 600 -7.79 -21.56 45.80
N PRO E 601 -8.67 -21.68 46.80
CA PRO E 601 -9.51 -22.85 46.96
C PRO E 601 -10.82 -22.83 46.16
N VAL E 602 -11.04 -21.79 45.34
CA VAL E 602 -12.14 -21.83 44.36
C VAL E 602 -11.67 -21.36 42.99
N LEU E 603 -10.37 -21.45 42.71
CA LEU E 603 -9.81 -20.97 41.44
C LEU E 603 -10.31 -21.88 40.33
N ALA E 604 -11.42 -21.48 39.70
CA ALA E 604 -12.21 -22.31 38.79
C ALA E 604 -12.19 -21.90 37.32
N LYS E 605 -11.68 -20.73 36.98
CA LYS E 605 -11.67 -20.23 35.60
C LYS E 605 -10.34 -19.55 35.34
N MET E 606 -9.76 -19.84 34.19
CA MET E 606 -8.41 -19.40 33.89
C MET E 606 -8.29 -19.00 32.44
N LYS E 607 -7.28 -18.19 32.18
CA LYS E 607 -7.17 -17.49 30.94
C LYS E 607 -5.75 -17.09 30.82
N LEU E 608 -4.95 -18.02 30.34
CA LEU E 608 -3.52 -17.80 30.15
C LEU E 608 -3.35 -17.36 28.70
N ASP E 609 -2.89 -16.14 28.48
CA ASP E 609 -2.80 -15.58 27.14
C ASP E 609 -1.33 -15.33 26.78
N LEU E 610 -0.62 -16.41 26.42
CA LEU E 610 0.79 -16.33 25.95
C LEU E 610 0.92 -15.91 24.49
N SER E 611 -0.19 -15.58 23.82
CA SER E 611 -0.20 -15.12 22.43
C SER E 611 0.83 -14.06 22.13
N GLU E 612 0.78 -12.98 22.89
CA GLU E 612 1.65 -11.84 22.62
C GLU E 612 3.15 -12.08 22.97
N ALA E 613 3.47 -13.25 23.51
CA ALA E 613 4.85 -13.75 23.58
C ALA E 613 5.22 -14.30 22.21
N VAL E 614 6.20 -13.68 21.58
CA VAL E 614 6.65 -14.11 20.27
C VAL E 614 7.75 -15.11 20.49
N GLY E 615 7.97 -15.98 19.49
CA GLY E 615 8.98 -17.01 19.57
C GLY E 615 9.12 -17.82 18.29
N TYR E 616 10.13 -18.69 18.24
CA TYR E 616 10.39 -19.52 17.07
C TYR E 616 9.53 -20.76 16.79
N ALA E 617 9.03 -20.87 15.57
CA ALA E 617 8.17 -21.96 15.12
C ALA E 617 8.69 -23.30 14.64
N LEU E 618 8.75 -24.30 15.51
CA LEU E 618 9.25 -25.61 15.14
C LEU E 618 10.47 -25.91 14.34
N THR E 619 11.26 -24.88 14.21
CA THR E 619 12.52 -24.81 13.46
C THR E 619 13.73 -23.93 13.78
N ALA E 620 13.74 -23.42 15.01
CA ALA E 620 14.67 -22.38 15.42
C ALA E 620 16.15 -22.36 15.05
N PRO E 621 16.77 -21.15 14.95
CA PRO E 621 18.16 -20.99 14.49
C PRO E 621 19.18 -21.50 15.51
N THR E 622 20.46 -21.48 15.12
CA THR E 622 21.48 -22.40 15.66
C THR E 622 21.58 -22.42 17.20
N GLY E 623 21.61 -21.23 17.82
CA GLY E 623 21.73 -21.11 19.27
C GLY E 623 20.46 -21.51 19.98
N GLN E 624 19.43 -20.71 19.78
CA GLN E 624 18.23 -20.74 20.58
C GLN E 624 16.96 -20.12 20.03
N MET E 625 15.77 -20.68 20.23
CA MET E 625 15.39 -21.93 20.95
C MET E 625 13.88 -21.94 20.74
N ASP E 626 13.22 -23.09 20.77
CA ASP E 626 11.86 -23.13 20.23
C ASP E 626 10.78 -22.98 21.29
N LEU E 627 9.57 -22.74 20.81
CA LEU E 627 8.46 -22.33 21.66
C LEU E 627 7.87 -23.50 22.45
N SER E 628 8.33 -24.72 22.22
CA SER E 628 7.87 -25.86 23.03
C SER E 628 8.36 -25.74 24.44
N LEU E 629 9.61 -25.31 24.60
CA LEU E 629 10.20 -25.02 25.93
C LEU E 629 9.35 -24.02 26.72
N TRP E 630 9.03 -22.90 26.07
CA TRP E 630 8.22 -21.87 26.71
C TRP E 630 6.82 -22.30 27.10
N GLU E 631 6.16 -23.19 26.35
CA GLU E 631 4.83 -23.68 26.75
C GLU E 631 4.96 -24.60 27.97
N ARG E 632 6.09 -25.30 28.06
CA ARG E 632 6.43 -26.12 29.22
C ARG E 632 6.70 -25.19 30.40
N PHE E 633 7.63 -24.26 30.21
CA PHE E 633 7.91 -23.22 31.20
C PHE E 633 6.66 -22.59 31.77
N TYR E 634 5.66 -22.34 30.93
CA TYR E 634 4.47 -21.64 31.39
C TYR E 634 3.41 -22.55 32.03
N LEU E 635 3.05 -23.63 31.32
CA LEU E 635 1.94 -24.51 31.74
C LEU E 635 2.30 -25.69 32.66
N HIS E 636 3.45 -25.61 33.35
CA HIS E 636 4.01 -26.78 34.11
C HIS E 636 3.48 -26.81 35.56
N GLY E 637 2.53 -25.95 35.88
CA GLY E 637 1.69 -26.12 37.06
C GLY E 637 0.24 -26.53 37.07
N ILE E 638 -0.41 -26.68 35.90
CA ILE E 638 -1.91 -26.62 35.83
C ILE E 638 -2.47 -27.99 36.25
N GLU E 639 -1.65 -29.04 36.18
CA GLU E 639 -1.96 -30.34 36.82
C GLU E 639 -2.38 -30.06 38.27
N SER E 640 -1.59 -29.22 38.94
CA SER E 640 -1.71 -28.87 40.37
C SER E 640 -2.95 -28.05 40.77
N LEU E 641 -3.51 -27.24 39.88
CA LEU E 641 -4.69 -26.43 40.22
C LEU E 641 -5.98 -27.28 40.21
N GLN E 642 -6.46 -27.66 41.38
CA GLN E 642 -7.48 -28.71 41.49
C GLN E 642 -8.91 -28.19 41.46
N THR E 643 -9.12 -26.88 41.34
CA THR E 643 -10.48 -26.39 41.10
C THR E 643 -10.73 -25.94 39.66
N LEU E 644 -9.67 -26.00 38.82
CA LEU E 644 -9.74 -25.49 37.44
C LEU E 644 -10.87 -26.18 36.70
N TYR E 645 -11.69 -25.40 36.01
CA TYR E 645 -12.92 -25.89 35.41
C TYR E 645 -13.31 -25.09 34.15
N GLU E 646 -12.40 -24.29 33.60
CA GLU E 646 -12.64 -23.39 32.47
C GLU E 646 -11.28 -22.87 32.11
N LEU E 647 -10.76 -23.23 30.95
CA LEU E 647 -9.45 -22.76 30.51
C LEU E 647 -9.53 -22.20 29.09
N ASP E 648 -9.22 -20.92 28.95
CA ASP E 648 -8.93 -20.34 27.66
C ASP E 648 -7.42 -20.22 27.63
N TYR E 649 -6.82 -20.94 26.69
CA TYR E 649 -5.40 -20.92 26.51
C TYR E 649 -5.10 -20.44 25.09
N TRP E 650 -4.51 -19.24 24.99
CA TRP E 650 -3.92 -18.76 23.75
C TRP E 650 -2.50 -19.29 23.77
N PRO E 651 -2.08 -20.02 22.72
CA PRO E 651 -0.68 -20.46 22.73
C PRO E 651 0.19 -19.33 22.21
N PRO E 652 1.52 -19.40 22.42
CA PRO E 652 2.44 -18.39 21.93
C PRO E 652 2.59 -18.40 20.43
N GLN E 653 3.35 -17.46 19.89
CA GLN E 653 3.23 -17.11 18.48
C GLN E 653 4.62 -16.96 17.84
N ASP E 654 4.77 -17.55 16.66
CA ASP E 654 6.00 -17.47 15.93
C ASP E 654 5.77 -16.15 15.32
N LYS E 655 6.79 -15.53 14.76
CA LYS E 655 6.56 -14.22 14.20
C LYS E 655 6.15 -14.26 12.76
N ASP E 656 6.64 -15.23 12.00
CA ASP E 656 6.34 -15.27 10.56
C ASP E 656 5.36 -16.23 9.89
N VAL E 657 4.34 -16.69 10.61
CA VAL E 657 3.39 -17.59 9.99
C VAL E 657 1.88 -17.47 10.24
N HIS E 658 1.46 -16.82 11.31
CA HIS E 658 0.02 -16.75 11.59
C HIS E 658 -0.32 -18.20 11.88
N HIS E 659 0.10 -18.68 13.03
CA HIS E 659 -0.12 -20.06 13.37
C HIS E 659 0.21 -20.27 14.82
N ARG E 660 -0.81 -20.34 15.65
CA ARG E 660 -0.60 -20.60 17.06
C ARG E 660 -0.96 -22.03 17.28
N SER E 661 0.06 -22.88 17.24
CA SER E 661 -0.14 -24.30 17.31
C SER E 661 0.48 -24.79 18.58
N LEU E 662 -0.26 -25.64 19.32
CA LEU E 662 0.26 -26.27 20.54
C LEU E 662 1.43 -27.17 20.26
N THR E 663 2.29 -27.29 21.27
CA THR E 663 3.41 -28.19 21.22
C THR E 663 3.04 -29.37 22.11
N LEU E 664 3.88 -30.39 22.08
CA LEU E 664 3.65 -31.59 22.86
C LEU E 664 3.45 -31.30 24.35
N PRO E 665 4.39 -30.58 24.98
CA PRO E 665 4.29 -30.41 26.44
C PRO E 665 3.01 -29.71 26.86
N ALA E 666 2.63 -28.70 26.10
CA ALA E 666 1.39 -27.99 26.36
C ALA E 666 0.19 -28.92 26.39
N VAL E 667 0.16 -29.86 25.46
CA VAL E 667 -0.98 -30.74 25.31
C VAL E 667 -0.98 -31.67 26.50
N GLY E 668 0.16 -32.29 26.74
CA GLY E 668 0.34 -33.19 27.89
C GLY E 668 -0.07 -32.54 29.20
N LEU E 669 0.52 -31.39 29.49
CA LEU E 669 0.22 -30.68 30.72
C LEU E 669 -1.23 -30.30 30.80
N ILE E 670 -1.82 -29.86 29.67
CA ILE E 670 -3.26 -29.50 29.65
C ILE E 670 -4.11 -30.75 29.80
N GLN E 671 -3.59 -31.86 29.28
CA GLN E 671 -4.21 -33.19 29.42
C GLN E 671 -4.49 -33.60 30.86
N ARG E 672 -3.71 -33.09 31.79
CA ARG E 672 -3.84 -33.41 33.20
C ARG E 672 -4.97 -32.77 33.98
N CYS E 673 -5.09 -31.47 33.88
CA CYS E 673 -6.13 -30.78 34.60
C CYS E 673 -7.05 -31.89 34.23
N VAL E 674 -7.65 -32.47 35.25
CA VAL E 674 -8.59 -33.54 35.06
C VAL E 674 -9.72 -32.82 35.75
N GLY E 675 -10.93 -33.18 35.39
CA GLY E 675 -12.07 -32.57 36.01
C GLY E 675 -12.27 -31.18 35.47
N LEU E 676 -11.62 -30.87 34.37
CA LEU E 676 -11.82 -29.59 33.75
C LEU E 676 -12.88 -29.64 32.66
N ARG E 677 -14.01 -29.02 32.90
CA ARG E 677 -15.05 -28.97 31.92
C ARG E 677 -15.02 -28.13 30.72
N LYS E 678 -14.43 -26.95 30.75
CA LYS E 678 -14.47 -26.44 29.41
C LYS E 678 -13.03 -26.24 29.06
N LEU E 679 -12.67 -26.39 27.81
CA LEU E 679 -11.26 -26.23 27.45
C LEU E 679 -11.38 -25.57 26.09
N PHE E 680 -10.89 -24.34 25.97
CA PHE E 680 -10.95 -23.54 24.73
C PHE E 680 -9.60 -23.04 24.28
N ILE E 681 -8.97 -23.75 23.34
CA ILE E 681 -7.67 -23.35 22.82
C ILE E 681 -7.93 -22.27 21.78
N HIS E 682 -7.24 -21.14 21.90
CA HIS E 682 -7.30 -20.07 20.91
C HIS E 682 -6.07 -20.17 20.05
N GLY E 683 -6.01 -21.30 19.35
CA GLY E 683 -4.90 -21.71 18.49
C GLY E 683 -5.31 -22.95 17.72
N THR E 684 -4.36 -23.78 17.28
CA THR E 684 -4.64 -25.05 16.59
C THR E 684 -3.81 -26.23 17.07
N THR E 685 -4.24 -27.41 16.63
CA THR E 685 -3.38 -28.59 16.52
C THR E 685 -4.01 -29.63 15.62
N HIS E 686 -3.20 -30.63 15.31
CA HIS E 686 -3.62 -31.78 14.51
C HIS E 686 -4.32 -32.81 15.37
N GLU E 687 -4.68 -33.96 14.79
CA GLU E 687 -5.42 -34.98 15.51
C GLU E 687 -4.62 -35.75 16.55
N HIS E 688 -3.34 -36.03 16.30
CA HIS E 688 -2.50 -36.71 17.30
C HIS E 688 -2.68 -36.06 18.67
N PHE E 689 -2.57 -34.74 18.72
CA PHE E 689 -2.70 -34.00 19.97
C PHE E 689 -4.15 -33.72 20.38
N MET E 690 -5.05 -33.49 19.44
CA MET E 690 -6.48 -33.30 19.80
C MET E 690 -7.03 -34.44 20.64
N THR E 691 -6.58 -35.66 20.35
CA THR E 691 -7.02 -36.86 21.09
C THR E 691 -6.58 -36.93 22.56
N PHE E 692 -5.48 -36.25 22.91
CA PHE E 692 -5.02 -36.20 24.32
C PHE E 692 -6.15 -35.75 25.26
N PHE E 693 -6.89 -34.71 24.90
CA PHE E 693 -7.93 -34.14 25.80
C PHE E 693 -9.13 -35.05 26.07
N LEU E 694 -9.23 -36.16 25.34
CA LEU E 694 -10.30 -37.14 25.57
C LEU E 694 -10.12 -37.83 26.94
N SER E 695 -8.85 -38.06 27.31
CA SER E 695 -8.37 -38.45 28.66
C SER E 695 -9.03 -37.73 29.80
N ILE E 696 -9.16 -36.43 29.67
CA ILE E 696 -9.80 -35.60 30.68
C ILE E 696 -11.26 -36.06 30.79
N PRO E 697 -11.59 -36.76 31.91
CA PRO E 697 -12.83 -37.54 32.03
C PRO E 697 -14.16 -36.81 31.80
N ASN E 698 -14.31 -35.60 32.33
CA ASN E 698 -15.56 -34.82 32.21
C ASN E 698 -15.56 -33.62 31.24
N LEU E 699 -14.38 -33.35 30.68
CA LEU E 699 -14.19 -32.36 29.63
C LEU E 699 -15.23 -32.56 28.52
N ARG E 700 -16.18 -31.62 28.45
CA ARG E 700 -17.28 -31.61 27.48
C ARG E 700 -17.01 -30.64 26.34
N ASP E 701 -16.84 -29.34 26.69
CA ASP E 701 -16.74 -28.22 25.72
C ASP E 701 -15.30 -27.97 25.28
N MET E 702 -14.93 -28.51 24.15
CA MET E 702 -13.61 -28.29 23.60
C MET E 702 -13.87 -27.55 22.29
N GLN E 703 -12.98 -26.63 21.94
CA GLN E 703 -13.02 -25.96 20.63
C GLN E 703 -11.67 -25.32 20.34
N LEU E 704 -11.37 -25.14 19.05
CA LEU E 704 -10.17 -24.49 18.61
C LEU E 704 -10.51 -23.12 18.03
N ARG E 705 -10.89 -22.19 18.90
CA ARG E 705 -11.39 -20.88 18.49
C ARG E 705 -10.26 -19.94 18.07
N GLU E 706 -9.96 -19.87 16.79
CA GLU E 706 -8.83 -19.09 16.32
C GLU E 706 -9.21 -17.66 16.06
N ASP E 707 -9.72 -16.96 17.07
CA ASP E 707 -10.25 -15.56 16.92
C ASP E 707 -9.19 -14.46 16.92
N TYR E 708 -8.36 -14.49 15.88
CA TYR E 708 -7.34 -13.49 15.61
C TYR E 708 -7.23 -13.24 14.10
N TYR E 709 -7.01 -11.99 13.70
CA TYR E 709 -6.95 -11.66 12.27
C TYR E 709 -5.51 -11.56 11.75
N PRO E 710 -5.18 -12.26 10.64
CA PRO E 710 -6.10 -13.03 9.82
C PRO E 710 -6.17 -14.51 10.23
N ALA E 711 -7.38 -15.08 10.26
CA ALA E 711 -7.57 -16.47 10.73
C ALA E 711 -7.56 -17.56 9.59
N PRO E 712 -6.63 -18.53 9.68
CA PRO E 712 -5.88 -19.14 8.57
C PRO E 712 -6.55 -19.66 7.26
N GLU E 713 -7.45 -20.65 7.35
CA GLU E 713 -7.71 -21.55 6.21
C GLU E 713 -9.20 -21.88 6.01
N ASN E 714 -9.49 -22.75 5.05
CA ASN E 714 -10.77 -23.48 5.01
C ASN E 714 -10.70 -24.85 5.78
N ASP E 715 -10.06 -25.95 5.35
CA ASP E 715 -9.62 -26.42 4.01
C ASP E 715 -8.87 -25.53 3.01
N LEU E 716 -7.67 -25.22 3.42
CA LEU E 716 -6.70 -24.51 2.65
C LEU E 716 -5.31 -25.00 3.09
N MET E 717 -5.30 -26.00 3.97
CA MET E 717 -4.13 -26.63 4.51
C MET E 717 -2.98 -25.74 4.86
N PHE E 718 -3.32 -24.63 5.50
CA PHE E 718 -2.35 -23.67 5.92
C PHE E 718 -1.86 -24.07 7.29
N THR E 719 -2.76 -24.63 8.08
CA THR E 719 -2.40 -25.15 9.41
C THR E 719 -2.24 -26.66 9.46
N GLU E 720 -1.88 -27.19 10.63
CA GLU E 720 -1.89 -28.64 10.90
C GLU E 720 -3.30 -29.21 11.03
N MET E 721 -4.29 -28.35 11.36
CA MET E 721 -5.67 -28.81 11.49
C MET E 721 -6.33 -29.06 10.15
N ARG E 722 -7.03 -30.20 10.09
CA ARG E 722 -7.82 -30.60 8.94
C ARG E 722 -9.31 -30.60 9.37
N ALA E 723 -10.19 -30.21 8.44
CA ALA E 723 -11.61 -30.04 8.74
C ALA E 723 -12.24 -31.34 9.23
N GLU E 724 -11.83 -32.46 8.62
CA GLU E 724 -12.35 -33.77 8.98
C GLU E 724 -11.81 -34.20 10.35
N SER E 725 -10.49 -34.14 10.53
CA SER E 725 -9.81 -34.43 11.81
C SER E 725 -10.67 -34.09 13.01
N TRP E 726 -11.27 -32.91 13.00
CA TRP E 726 -11.95 -32.37 14.15
C TRP E 726 -13.37 -32.85 14.27
N LEU E 727 -14.09 -32.87 13.15
CA LEU E 727 -15.46 -33.38 13.16
C LEU E 727 -15.46 -34.81 13.70
N ARG E 728 -14.38 -35.54 13.41
CA ARG E 728 -14.11 -36.83 14.05
C ARG E 728 -13.94 -36.69 15.57
N PHE E 729 -12.98 -35.88 16.00
CA PHE E 729 -12.70 -35.63 17.43
C PHE E 729 -13.95 -35.24 18.19
N GLU E 730 -14.81 -34.41 17.59
CA GLU E 730 -16.02 -33.98 18.27
C GLU E 730 -16.92 -35.18 18.59
N VAL E 731 -16.99 -36.15 17.67
CA VAL E 731 -17.91 -37.30 17.85
C VAL E 731 -17.39 -38.26 18.90
N GLN E 732 -16.08 -38.47 18.92
CA GLN E 732 -15.42 -39.18 20.04
C GLN E 732 -15.56 -38.43 21.37
N LEU E 733 -15.50 -37.10 21.30
CA LEU E 733 -15.56 -36.20 22.48
C LEU E 733 -16.90 -36.23 23.23
N ASN E 734 -18.02 -36.22 22.50
CA ASN E 734 -19.35 -36.29 23.16
C ASN E 734 -20.04 -37.67 23.06
N SER E 735 -19.22 -38.72 23.04
CA SER E 735 -19.68 -40.10 23.18
C SER E 735 -19.14 -40.74 24.47
N ARG E 736 -18.80 -39.91 25.46
CA ARG E 736 -18.07 -40.36 26.64
C ARG E 736 -19.02 -40.45 27.82
N GLN E 737 -18.54 -41.09 28.90
CA GLN E 737 -19.30 -41.27 30.16
C GLN E 737 -19.15 -40.03 31.05
N ILE E 738 -20.11 -39.12 30.90
CA ILE E 738 -19.96 -37.71 31.26
C ILE E 738 -21.25 -37.25 31.98
N ASP E 739 -21.19 -36.10 32.66
CA ASP E 739 -22.20 -35.70 33.66
C ASP E 739 -22.91 -34.37 33.31
N LEU F 17 -54.33 -5.34 60.08
CA LEU F 17 -55.44 -6.28 59.70
C LEU F 17 -55.08 -7.75 60.02
N LYS F 18 -56.10 -8.62 59.93
CA LYS F 18 -55.93 -10.07 60.09
C LYS F 18 -56.28 -10.75 58.77
N SER F 19 -56.11 -12.08 58.70
CA SER F 19 -56.35 -12.85 57.47
C SER F 19 -57.85 -13.05 57.23
N GLU F 29 -53.24 3.30 58.89
CA GLU F 29 -52.45 2.50 59.81
C GLU F 29 -51.14 2.03 59.16
N ALA F 30 -51.23 1.11 58.20
CA ALA F 30 -50.08 0.60 57.46
C ALA F 30 -50.34 0.76 55.95
N VAL F 31 -49.52 0.14 55.10
CA VAL F 31 -49.75 0.16 53.63
C VAL F 31 -49.78 -1.36 53.32
N ALA F 32 -50.93 -1.78 52.78
CA ALA F 32 -51.10 -3.11 52.17
C ALA F 32 -51.48 -2.78 50.72
N LEU F 33 -51.44 -1.50 50.35
CA LEU F 33 -51.45 -1.09 48.95
C LEU F 33 -50.20 -1.54 48.17
N GLU F 34 -49.21 -2.12 48.85
CA GLU F 34 -48.12 -2.87 48.17
C GLU F 34 -48.64 -4.08 47.38
N SER F 35 -49.81 -4.62 47.75
CA SER F 35 -50.53 -5.63 46.95
C SER F 35 -51.48 -4.99 45.92
N GLN F 36 -51.81 -5.72 44.85
CA GLN F 36 -52.71 -5.24 43.78
C GLN F 36 -54.06 -6.00 43.64
N THR F 37 -54.20 -7.15 44.28
CA THR F 37 -55.55 -7.67 44.61
C THR F 37 -56.19 -6.73 45.65
N ILE F 38 -55.36 -6.26 46.59
CA ILE F 38 -55.75 -5.25 47.57
C ILE F 38 -55.93 -3.89 46.86
N ALA F 39 -57.14 -3.66 46.33
CA ALA F 39 -57.53 -2.44 45.60
C ALA F 39 -56.83 -2.33 44.24
N PRO F 52 -58.77 -8.37 54.90
CA PRO F 52 -58.75 -9.71 55.47
C PRO F 52 -59.39 -10.81 54.59
N LEU F 53 -58.60 -11.84 54.22
CA LEU F 53 -59.03 -12.90 53.28
C LEU F 53 -58.45 -14.32 53.52
N PRO F 54 -59.21 -15.39 53.15
CA PRO F 54 -58.91 -16.75 53.60
C PRO F 54 -57.81 -17.80 53.28
N ASN F 55 -56.88 -17.46 52.38
CA ASN F 55 -55.67 -18.28 52.08
C ASN F 55 -54.31 -18.40 52.83
N VAL F 56 -53.83 -17.30 53.41
CA VAL F 56 -52.53 -17.23 54.09
C VAL F 56 -52.66 -17.36 55.63
N THR F 57 -51.99 -18.35 56.22
CA THR F 57 -51.98 -18.53 57.69
C THR F 57 -51.13 -17.42 58.32
N SER F 58 -51.55 -16.94 59.49
CA SER F 58 -50.93 -15.77 60.15
C SER F 58 -49.53 -16.00 60.77
N LYS F 59 -49.06 -17.24 60.81
CA LYS F 59 -47.68 -17.57 61.18
C LYS F 59 -46.74 -17.14 60.04
N ILE F 60 -47.09 -17.58 58.82
CA ILE F 60 -46.42 -17.18 57.58
C ILE F 60 -46.68 -15.70 57.25
N LEU F 61 -47.94 -15.27 57.39
CA LEU F 61 -48.34 -13.88 57.10
C LEU F 61 -47.63 -12.84 57.98
N ALA F 62 -47.15 -13.24 59.17
CA ALA F 62 -46.29 -12.39 60.01
C ALA F 62 -45.02 -11.94 59.29
N LYS F 63 -44.51 -12.80 58.40
CA LYS F 63 -43.39 -12.47 57.52
C LYS F 63 -43.86 -11.63 56.31
N VAL F 64 -45.02 -11.95 55.74
CA VAL F 64 -45.55 -11.25 54.54
C VAL F 64 -45.76 -9.74 54.77
N ILE F 65 -46.08 -9.37 56.00
CA ILE F 65 -46.16 -7.95 56.38
C ILE F 65 -44.73 -7.41 56.56
N GLU F 66 -43.86 -8.22 57.16
CA GLU F 66 -42.45 -7.87 57.44
C GLU F 66 -41.62 -7.43 56.23
N TYR F 67 -41.95 -7.98 55.06
CA TYR F 67 -41.32 -7.58 53.79
C TYR F 67 -41.86 -6.22 53.33
N CYS F 68 -43.19 -6.09 53.30
CA CYS F 68 -43.84 -4.85 52.88
C CYS F 68 -43.55 -3.68 53.83
N LYS F 69 -43.55 -3.94 55.14
CA LYS F 69 -43.20 -2.92 56.14
C LYS F 69 -41.74 -2.47 56.04
N ARG F 70 -40.85 -3.42 55.75
CA ARG F 70 -39.42 -3.14 55.56
C ARG F 70 -39.12 -2.48 54.20
N HIS F 71 -39.83 -2.89 53.14
CA HIS F 71 -39.59 -2.36 51.79
C HIS F 71 -40.16 -0.94 51.61
N VAL F 72 -41.30 -0.66 52.25
CA VAL F 72 -41.83 0.70 52.36
C VAL F 72 -40.85 1.55 53.19
N GLU F 73 -40.21 0.93 54.18
CA GLU F 73 -39.17 1.60 54.99
C GLU F 73 -37.99 2.15 54.16
N ALA F 74 -37.74 1.60 52.97
CA ALA F 74 -36.82 2.20 52.00
C ALA F 74 -37.35 3.55 51.50
N ALA F 75 -38.65 3.61 51.22
CA ALA F 75 -39.34 4.86 50.87
C ALA F 75 -39.42 5.88 52.02
N ALA F 76 -39.23 5.42 53.27
CA ALA F 76 -39.14 6.32 54.45
C ALA F 76 -38.01 7.33 54.34
N SER F 77 -36.86 6.89 53.81
CA SER F 77 -35.79 7.80 53.37
C SER F 77 -35.37 7.44 51.95
N LYS F 78 -36.19 7.87 50.99
CA LYS F 78 -35.86 7.86 49.55
C LYS F 78 -35.53 9.29 49.06
N ALA F 79 -36.55 10.13 48.88
CA ALA F 79 -36.33 11.55 48.59
C ALA F 79 -35.73 12.25 49.82
N GLU F 80 -36.23 11.87 51.00
CA GLU F 80 -35.64 12.25 52.31
C GLU F 80 -34.17 11.79 52.46
N ALA F 81 -33.39 12.30 53.43
CA ALA F 81 -33.75 13.40 54.36
C ALA F 81 -32.93 14.66 54.07
N VAL F 82 -31.61 14.48 54.01
CA VAL F 82 -30.69 15.48 53.47
C VAL F 82 -30.51 15.13 51.97
N GLU F 83 -29.61 15.84 51.26
CA GLU F 83 -29.25 15.47 49.87
C GLU F 83 -28.33 14.22 49.89
N GLY F 84 -28.94 13.06 50.07
CA GLY F 84 -28.24 11.83 50.45
C GLY F 84 -27.52 11.06 49.36
N ALA F 85 -26.22 10.84 49.55
CA ALA F 85 -25.42 9.99 48.66
C ALA F 85 -24.09 9.53 49.30
N ALA F 86 -24.08 8.58 50.25
CA ALA F 86 -25.21 8.05 51.06
C ALA F 86 -26.42 7.37 50.37
N THR F 87 -26.15 6.65 49.27
CA THR F 87 -27.19 5.84 48.59
C THR F 87 -26.63 4.49 48.07
N SER F 88 -26.08 3.70 49.01
CA SER F 88 -25.82 2.27 48.80
C SER F 88 -26.47 1.43 49.93
N ASP F 89 -27.48 1.99 50.60
CA ASP F 89 -28.22 1.31 51.68
C ASP F 89 -29.57 0.74 51.21
N ASP F 90 -30.24 1.45 50.30
CA ASP F 90 -31.46 0.95 49.64
C ASP F 90 -31.15 0.06 48.41
N ASP F 91 -29.98 0.29 47.80
CA ASP F 91 -29.53 -0.48 46.64
C ASP F 91 -28.74 -1.72 47.10
N LEU F 92 -27.59 -1.48 47.72
CA LEU F 92 -26.60 -2.53 48.04
C LEU F 92 -26.71 -3.14 49.45
N LYS F 93 -27.50 -2.55 50.35
CA LYS F 93 -27.73 -3.11 51.70
C LYS F 93 -29.19 -3.43 52.06
N ALA F 94 -30.18 -2.86 51.36
CA ALA F 94 -31.58 -3.28 51.52
C ALA F 94 -31.82 -4.61 50.81
N TRP F 95 -31.11 -4.85 49.70
CA TRP F 95 -31.10 -6.18 49.04
C TRP F 95 -30.28 -7.24 49.80
N ASP F 96 -29.39 -6.81 50.71
CA ASP F 96 -28.75 -7.72 51.68
C ASP F 96 -29.75 -8.19 52.74
N ALA F 97 -30.61 -7.26 53.19
CA ALA F 97 -31.67 -7.54 54.17
C ALA F 97 -32.68 -8.56 53.66
N ASP F 98 -32.98 -8.49 52.36
CA ASP F 98 -33.84 -9.46 51.67
C ASP F 98 -33.33 -10.92 51.75
N PHE F 99 -32.03 -11.13 51.52
CA PHE F 99 -31.45 -12.48 51.44
C PHE F 99 -31.44 -13.22 52.78
N MET F 100 -31.23 -12.50 53.89
CA MET F 100 -31.40 -13.07 55.23
C MET F 100 -32.84 -12.93 55.78
N LYS F 101 -33.83 -12.76 54.89
CA LYS F 101 -35.27 -12.79 55.22
C LYS F 101 -36.03 -13.96 54.57
N ILE F 102 -35.32 -14.87 53.90
CA ILE F 102 -35.88 -16.16 53.45
C ILE F 102 -34.87 -17.19 53.91
N ASP F 103 -35.25 -18.06 54.85
CA ASP F 103 -34.31 -18.93 55.57
C ASP F 103 -34.57 -20.41 55.33
N GLN F 104 -35.66 -20.89 55.89
CA GLN F 104 -35.98 -22.30 55.82
C GLN F 104 -37.14 -22.72 54.96
N ALA F 105 -36.82 -23.54 53.99
CA ALA F 105 -37.85 -24.14 53.12
C ALA F 105 -38.59 -25.19 53.97
N THR F 106 -39.89 -25.39 53.79
CA THR F 106 -40.71 -24.78 52.76
C THR F 106 -42.16 -24.73 53.32
N LEU F 107 -42.78 -23.56 53.50
CA LEU F 107 -42.24 -22.19 53.37
C LEU F 107 -41.88 -21.71 51.95
N PHE F 108 -42.31 -22.45 50.93
CA PHE F 108 -42.62 -21.83 49.65
C PHE F 108 -44.14 -21.86 49.40
N GLU F 109 -44.90 -22.04 50.48
CA GLU F 109 -46.34 -21.76 50.47
C GLU F 109 -46.60 -20.25 50.37
N LEU F 110 -45.63 -19.43 50.79
CA LEU F 110 -45.70 -17.97 50.55
C LEU F 110 -45.50 -17.54 49.08
N ILE F 111 -45.22 -18.50 48.18
CA ILE F 111 -45.22 -18.26 46.72
C ILE F 111 -46.66 -18.01 46.26
N LEU F 112 -47.55 -18.95 46.55
CA LEU F 112 -48.97 -18.82 46.19
C LEU F 112 -49.66 -17.72 47.02
N ALA F 113 -49.10 -17.39 48.19
CA ALA F 113 -49.54 -16.23 48.99
C ALA F 113 -49.30 -14.92 48.26
N ALA F 114 -48.07 -14.76 47.77
CA ALA F 114 -47.69 -13.62 46.93
C ALA F 114 -48.36 -13.68 45.55
N ASN F 115 -48.72 -14.89 45.10
CA ASN F 115 -49.58 -15.06 43.93
C ASN F 115 -51.03 -14.57 44.21
N TYR F 116 -51.54 -14.84 45.41
CA TYR F 116 -52.89 -14.37 45.82
C TYR F 116 -52.94 -12.86 46.05
N LEU F 117 -51.95 -12.34 46.76
CA LEU F 117 -51.76 -10.89 46.92
C LEU F 117 -51.38 -10.20 45.59
N ASN F 118 -50.65 -10.93 44.74
CA ASN F 118 -50.14 -10.44 43.45
C ASN F 118 -49.03 -9.38 43.65
N ILE F 119 -48.14 -9.62 44.62
CA ILE F 119 -46.99 -8.76 44.89
C ILE F 119 -45.87 -9.18 43.94
N LYS F 120 -45.43 -8.24 43.09
CA LYS F 120 -44.48 -8.52 42.01
C LYS F 120 -43.08 -8.86 42.55
N ASN F 121 -42.49 -7.93 43.31
CA ASN F 121 -41.14 -8.11 43.88
C ASN F 121 -41.02 -9.12 45.07
N LEU F 122 -42.14 -9.70 45.49
CA LEU F 122 -42.16 -10.84 46.43
C LEU F 122 -42.24 -12.19 45.70
N LEU F 123 -42.86 -12.21 44.51
CA LEU F 123 -42.74 -13.36 43.60
C LEU F 123 -41.30 -13.52 43.14
N ASP F 124 -40.75 -12.44 42.58
CA ASP F 124 -39.36 -12.38 42.09
C ASP F 124 -38.34 -12.85 43.13
N LEU F 125 -38.36 -12.23 44.31
CA LEU F 125 -37.41 -12.56 45.40
C LEU F 125 -37.41 -14.03 45.79
N THR F 126 -38.60 -14.62 45.87
CA THR F 126 -38.76 -16.00 46.37
C THR F 126 -38.40 -17.05 45.33
N CYS F 127 -38.95 -16.90 44.14
CA CYS F 127 -38.61 -17.75 42.99
C CYS F 127 -37.12 -17.66 42.60
N GLN F 128 -36.49 -16.51 42.85
CA GLN F 128 -35.02 -16.38 42.80
C GLN F 128 -34.34 -17.37 43.72
N THR F 129 -34.79 -17.43 44.97
CA THR F 129 -34.19 -18.29 45.98
C THR F 129 -34.33 -19.77 45.65
N VAL F 130 -35.38 -20.11 44.90
CA VAL F 130 -35.60 -21.47 44.38
C VAL F 130 -34.61 -21.80 43.26
N ALA F 131 -34.41 -20.86 42.33
CA ALA F 131 -33.40 -21.02 41.29
C ALA F 131 -32.01 -21.31 41.88
N ASP F 132 -31.63 -20.55 42.91
CA ASP F 132 -30.32 -20.69 43.60
C ASP F 132 -30.13 -22.03 44.32
N MET F 133 -31.24 -22.61 44.78
CA MET F 133 -31.26 -23.99 45.27
C MET F 133 -30.98 -24.93 44.11
N ILE F 134 -31.75 -24.76 43.02
CA ILE F 134 -31.66 -25.61 41.83
C ILE F 134 -30.26 -25.53 41.18
N LYS F 135 -29.70 -24.33 41.17
CA LYS F 135 -28.35 -24.06 40.64
C LYS F 135 -27.25 -24.92 41.31
N GLY F 136 -26.60 -25.75 40.49
CA GLY F 136 -25.38 -26.44 40.88
C GLY F 136 -25.65 -27.74 41.59
N LYS F 137 -26.67 -28.46 41.15
CA LYS F 137 -27.04 -29.76 41.71
C LYS F 137 -27.18 -30.73 40.57
N THR F 138 -26.81 -32.00 40.81
CA THR F 138 -26.98 -33.06 39.82
C THR F 138 -28.45 -33.46 39.80
N PRO F 139 -28.95 -34.01 38.66
CA PRO F 139 -30.39 -34.34 38.54
C PRO F 139 -30.95 -35.19 39.70
N GLU F 140 -30.14 -36.15 40.15
CA GLU F 140 -30.37 -36.87 41.41
C GLU F 140 -30.60 -35.86 42.54
N GLU F 141 -29.53 -35.15 42.91
CA GLU F 141 -29.53 -34.17 44.00
C GLU F 141 -30.66 -33.15 43.92
N ILE F 142 -31.09 -32.81 42.70
CA ILE F 142 -32.18 -31.86 42.50
C ILE F 142 -33.49 -32.44 43.00
N ARG F 143 -33.93 -33.54 42.41
CA ARG F 143 -35.19 -34.17 42.79
C ARG F 143 -35.32 -34.53 44.27
N THR F 144 -34.19 -34.76 44.93
CA THR F 144 -34.20 -35.18 46.32
C THR F 144 -34.51 -34.00 47.25
N THR F 145 -33.74 -32.91 47.11
CA THR F 145 -33.99 -31.67 47.91
C THR F 145 -35.28 -30.94 47.49
N PHE F 146 -35.88 -31.35 46.37
CA PHE F 146 -37.30 -31.12 46.09
C PHE F 146 -37.93 -32.49 45.97
N ASN F 147 -38.72 -32.90 46.97
CA ASN F 147 -39.18 -34.29 47.04
C ASN F 147 -40.08 -34.63 45.87
N ILE F 148 -39.45 -35.12 44.80
CA ILE F 148 -40.08 -35.29 43.48
C ILE F 148 -39.56 -36.56 42.80
N LYS F 149 -40.50 -37.28 42.17
CA LYS F 149 -40.23 -38.55 41.51
C LYS F 149 -39.90 -38.33 40.05
N ASN F 150 -38.69 -38.77 39.67
CA ASN F 150 -38.31 -39.10 38.28
C ASN F 150 -39.49 -39.69 37.53
N ASP F 151 -39.71 -39.28 36.28
CA ASP F 151 -40.63 -40.00 35.39
C ASP F 151 -40.05 -40.18 33.99
N PHE F 152 -38.84 -40.73 34.00
CA PHE F 152 -38.05 -40.94 32.80
C PHE F 152 -37.57 -42.37 32.80
N THR F 153 -37.71 -43.05 31.67
CA THR F 153 -36.96 -44.25 31.40
C THR F 153 -35.55 -43.78 31.04
N PRO F 154 -34.51 -44.53 31.45
CA PRO F 154 -33.18 -44.28 30.89
C PRO F 154 -33.07 -44.16 29.35
N GLU F 155 -34.02 -44.73 28.60
CA GLU F 155 -34.08 -44.51 27.14
C GLU F 155 -34.39 -43.05 26.77
N GLU F 156 -35.35 -42.44 27.48
CA GLU F 156 -35.72 -41.01 27.27
C GLU F 156 -34.63 -40.08 27.83
N GLU F 157 -34.23 -40.35 29.06
CA GLU F 157 -33.14 -39.67 29.78
C GLU F 157 -31.93 -39.36 28.90
N GLU F 158 -31.21 -40.39 28.43
CA GLU F 158 -30.01 -40.21 27.59
C GLU F 158 -30.29 -39.95 26.10
N GLU F 159 -31.56 -39.71 25.75
CA GLU F 159 -31.97 -39.09 24.48
C GLU F 159 -32.17 -37.59 24.63
N VAL F 160 -32.75 -37.18 25.76
CA VAL F 160 -32.93 -35.76 26.12
C VAL F 160 -31.61 -35.22 26.74
N ARG F 161 -30.67 -36.11 27.01
CA ARG F 161 -29.26 -35.76 27.22
C ARG F 161 -28.64 -35.24 25.93
N ARG F 162 -28.72 -36.05 24.88
CA ARG F 162 -28.24 -35.68 23.54
C ARG F 162 -28.96 -34.44 22.95
N GLU F 163 -30.16 -34.15 23.47
CA GLU F 163 -30.91 -32.93 23.18
C GLU F 163 -30.26 -31.67 23.79
N ASN F 164 -29.67 -31.80 24.98
CA ASN F 164 -28.91 -30.72 25.60
C ASN F 164 -27.47 -30.56 25.09
N GLN F 165 -27.00 -31.49 24.27
CA GLN F 165 -25.67 -31.39 23.62
C GLN F 165 -25.54 -30.26 22.58
N TRP F 166 -26.67 -29.66 22.18
CA TRP F 166 -26.71 -28.58 21.23
C TRP F 166 -26.75 -27.21 21.91
N ALA F 167 -25.99 -27.05 23.00
CA ALA F 167 -26.24 -25.97 23.95
C ALA F 167 -25.12 -24.96 24.19
N PHE F 168 -23.99 -25.46 24.65
CA PHE F 168 -22.98 -24.62 25.31
C PHE F 168 -21.79 -24.32 24.38
N GLU F 169 -21.30 -25.38 23.73
CA GLU F 169 -19.89 -25.53 23.30
C GLU F 169 -19.48 -24.54 22.22
C1 6OM G . 8.27 38.47 2.54
C2 6OM G . 9.17 37.42 2.11
C3 6OM G . 9.25 36.27 3.00
C4 6OM G . 8.05 39.67 1.85
C5 6OM G . 7.55 38.26 3.80
O1 6OM G . 8.47 36.49 4.03
O2 6OM G . 6.76 39.31 3.93
C1 6OM H . 12.70 -36.16 9.16
C2 6OM H . 12.60 -34.94 9.94
C3 6OM H . 12.83 -33.71 9.19
C4 6OM H . 12.54 -37.46 9.68
C5 6OM H . 13.03 -36.03 7.74
O1 6OM H . 13.12 -34.03 7.96
O2 6OM H . 13.00 -37.25 7.25
#